data_5MHN
#
_entry.id   5MHN
#
_cell.length_a   56.608
_cell.length_b   80.513
_cell.length_c   103.108
_cell.angle_alpha   87.98
_cell.angle_beta   77.01
_cell.angle_gamma   82.26
#
_symmetry.space_group_name_H-M   'P 1'
#
loop_
_entity.id
_entity.type
_entity.pdbx_description
1 polymer 'Coagulation factor XIII A chain'
2 polymer 'inhibitor ZED2360'
3 non-polymer 'CALCIUM ION'
4 non-polymer 'SULFATE ION'
5 non-polymer GLYCEROL
6 water water
#
loop_
_entity_poly.entity_id
_entity_poly.type
_entity_poly.pdbx_seq_one_letter_code
_entity_poly.pdbx_strand_id
1 'polypeptide(L)'
;MHHHHHHSETSRTAFGGRRAVPPNNSNAAEDDLPTVELQGVVPRGVNLQEFLNVTSVHLFKERWDTNKVDHHTDKYENNK
LIVRRGQSFYVQIDFSRPYDPRRDLFRVEYVIGRYPQENKGTYIPVPIVSELQSGKWGAKIVMREDRSVRLSIQSSPKCI
VGKFRMYVAVWTPYGVLRTSRNPETDTYILFNPWCEDDAVYLDNEKEREEYVLNDIGVIFYGEVNDIKTRSWSYGQFEDG
ILDTCLYVMDRAQMDLSGRGNPIKVSRVGSAMVNAKDDEGVLVGSWDNIYAYGVPPSAWTGSVDILLEYRSSENPVRYGQ
CWVFAGVFNTFLRCLGIPARIVTNYFSAHDNDANLQMDIFLEEDGNVNSKLTKDSVWNYHCWNEAWMTRPDLPVGFGGWQ
AVDSTPQENSDGMYRCGPASVQAIKHGHVCFQFDAPFVFAEVNSDLIYITAKKDGTHVVENVDATHIGKLIVTKQIGGDG
MMDITDTYKFQEGQEEERLALETALMYGAKKPLNTEGVMKSRSNVDMDFEVENAVLGKDFKLSITFRNNSHNRYTITAYL
SANITFYTGVPKAEFKKETFDVTLEPLSFKKEAVLIQAGEYMGQLLEQASLHFFVTARINETRDVLAKQKSTVLTIPEII
IKVRGTQVVGSDMTVIVEFTNPLKETLRNVWVHLDGPGVTRPMKKMFREIRPNSTVQWEEVCRPWVSGHRKLIASMSSDS
LRHVYGELDVQIQRRPSM
;
A,B
2 'polypeptide(L)' (7NF)(1TX)LILPWP H,I
#
loop_
_chem_comp.id
_chem_comp.type
_chem_comp.name
_chem_comp.formula
7NF non-polymer '2-ethoxycarbonyl-1,3-thiazole-4-carboxylic acid' 'C7 H7 N O4 S'
CA non-polymer 'CALCIUM ION' 'Ca 2'
GOL non-polymer GLYCEROL 'C3 H8 O3'
SO4 non-polymer 'SULFATE ION' 'O4 S -2'
#
# COMPACT_ATOMS: atom_id res chain seq x y z
N PRO A 22 4.81 -30.45 55.63
CA PRO A 22 4.00 -31.31 54.78
C PRO A 22 3.22 -30.49 53.75
N PRO A 23 2.86 -31.10 52.62
CA PRO A 23 2.31 -30.30 51.51
C PRO A 23 0.99 -29.61 51.85
N ASN A 24 0.84 -28.40 51.34
CA ASN A 24 -0.34 -27.55 51.50
C ASN A 24 -1.02 -27.42 50.14
N ASN A 25 -1.80 -28.44 49.77
CA ASN A 25 -2.31 -28.52 48.40
C ASN A 25 -3.83 -28.64 48.31
N SER A 26 -4.57 -28.10 49.29
CA SER A 26 -6.03 -28.18 49.28
C SER A 26 -6.65 -26.89 49.79
N ASN A 27 -7.40 -26.21 48.92
CA ASN A 27 -8.15 -25.02 49.31
C ASN A 27 -9.24 -25.37 50.29
N ALA A 28 -9.83 -26.55 50.17
CA ALA A 28 -10.93 -26.91 51.05
C ALA A 28 -10.46 -27.12 52.49
N ALA A 29 -9.25 -27.65 52.68
CA ALA A 29 -8.71 -27.83 54.02
C ALA A 29 -8.40 -26.49 54.69
N GLU A 30 -8.53 -26.47 56.01
CA GLU A 30 -8.28 -25.28 56.82
C GLU A 30 -7.47 -25.63 58.06
N ASP A 31 -6.83 -24.62 58.64
CA ASP A 31 -6.32 -24.72 59.99
C ASP A 31 -7.22 -23.95 60.95
N ASP A 32 -6.92 -24.07 62.22
CA ASP A 32 -7.70 -23.45 63.28
C ASP A 32 -6.87 -22.31 63.85
N LEU A 33 -7.19 -21.08 63.48
CA LEU A 33 -6.44 -19.94 64.00
C LEU A 33 -6.92 -19.57 65.40
N PRO A 34 -6.06 -19.62 66.41
CA PRO A 34 -6.47 -19.27 67.77
C PRO A 34 -7.10 -17.90 67.85
N THR A 35 -8.11 -17.77 68.70
CA THR A 35 -8.70 -16.47 68.97
C THR A 35 -7.99 -15.74 70.09
N VAL A 36 -7.30 -16.46 70.98
CA VAL A 36 -6.57 -15.87 72.11
C VAL A 36 -5.17 -16.46 72.07
N GLU A 37 -4.27 -15.84 71.28
CA GLU A 37 -2.95 -16.41 71.09
C GLU A 37 -1.98 -15.83 72.13
N LEU A 38 -2.11 -16.30 73.37
CA LEU A 38 -1.27 -15.82 74.45
C LEU A 38 0.16 -16.33 74.31
N GLN A 39 1.10 -15.55 74.80
CA GLN A 39 2.52 -15.79 74.64
C GLN A 39 3.17 -15.73 76.00
N GLY A 40 4.11 -16.62 76.26
CA GLY A 40 4.73 -16.64 77.57
C GLY A 40 3.77 -17.06 78.66
N VAL A 41 4.21 -16.86 79.91
CA VAL A 41 3.46 -17.29 81.08
C VAL A 41 2.67 -16.09 81.57
N VAL A 42 1.57 -15.82 80.87
CA VAL A 42 0.68 -14.70 81.15
C VAL A 42 0.08 -14.79 82.55
N PRO A 43 0.30 -13.81 83.43
CA PRO A 43 -0.23 -13.89 84.80
C PRO A 43 -1.75 -13.92 84.82
N ARG A 44 -2.29 -14.54 85.88
CA ARG A 44 -3.74 -14.63 86.08
C ARG A 44 -4.32 -13.25 86.37
N GLY A 45 -5.47 -12.98 85.78
CA GLY A 45 -6.10 -11.68 85.98
C GLY A 45 -5.61 -10.59 85.06
N VAL A 46 -5.08 -10.92 83.87
CA VAL A 46 -4.93 -9.89 82.85
C VAL A 46 -6.30 -9.34 82.50
N ASN A 47 -6.35 -8.04 82.24
CA ASN A 47 -7.58 -7.41 81.77
C ASN A 47 -7.37 -7.08 80.29
N LEU A 48 -7.83 -7.97 79.44
CA LEU A 48 -7.78 -7.78 78.00
C LEU A 48 -8.80 -6.76 77.50
N GLN A 49 -9.62 -6.19 78.39
CA GLN A 49 -10.59 -5.20 77.95
C GLN A 49 -9.92 -3.95 77.42
N GLU A 50 -8.67 -3.68 77.83
CA GLU A 50 -7.92 -2.52 77.37
C GLU A 50 -7.80 -2.42 75.85
N PHE A 51 -8.12 -3.48 75.11
CA PHE A 51 -7.75 -3.56 73.70
C PHE A 51 -8.99 -3.65 72.82
N LEU A 52 -8.82 -3.27 71.56
CA LEU A 52 -9.92 -3.31 70.61
C LEU A 52 -10.42 -4.73 70.42
N ASN A 53 -11.72 -4.84 70.21
CA ASN A 53 -12.28 -6.08 69.68
C ASN A 53 -13.23 -5.72 68.55
N VAL A 54 -13.42 -6.66 67.64
CA VAL A 54 -14.24 -6.43 66.47
C VAL A 54 -15.69 -6.79 66.81
N THR A 55 -16.60 -5.85 66.56
CA THR A 55 -18.01 -6.14 66.71
C THR A 55 -18.68 -6.56 65.42
N SER A 56 -18.07 -6.26 64.26
CA SER A 56 -18.60 -6.71 62.97
C SER A 56 -17.67 -6.32 61.84
N VAL A 57 -17.71 -7.10 60.76
CA VAL A 57 -16.97 -6.81 59.54
C VAL A 57 -17.96 -6.75 58.39
N HIS A 58 -17.85 -5.72 57.57
CA HIS A 58 -18.64 -5.61 56.35
C HIS A 58 -17.73 -5.69 55.13
N LEU A 59 -18.15 -6.45 54.13
CA LEU A 59 -17.39 -6.56 52.90
C LEU A 59 -18.07 -5.88 51.72
N PHE A 60 -19.24 -5.26 51.92
CA PHE A 60 -19.98 -4.59 50.85
C PHE A 60 -20.05 -5.49 49.62
N LYS A 61 -20.44 -6.74 49.85
CA LYS A 61 -20.24 -7.76 48.83
C LYS A 61 -21.47 -8.00 47.97
N GLU A 62 -22.49 -7.16 48.07
CA GLU A 62 -23.64 -7.32 47.18
C GLU A 62 -23.22 -7.18 45.73
N ARG A 63 -23.96 -7.84 44.86
CA ARG A 63 -23.56 -7.88 43.46
C ARG A 63 -23.92 -6.59 42.74
N TRP A 64 -24.75 -5.73 43.34
CA TRP A 64 -24.94 -4.38 42.83
C TRP A 64 -23.87 -3.40 43.31
N ASP A 65 -23.10 -3.75 44.35
CA ASP A 65 -22.25 -2.77 45.01
C ASP A 65 -20.91 -2.61 44.30
N THR A 66 -20.11 -1.68 44.85
CA THR A 66 -18.92 -1.17 44.16
C THR A 66 -17.86 -2.24 43.96
N ASN A 67 -17.64 -3.09 44.96
CA ASN A 67 -16.60 -4.10 44.87
C ASN A 67 -16.83 -5.04 43.70
N LYS A 68 -17.98 -5.71 43.67
CA LYS A 68 -18.20 -6.72 42.64
C LYS A 68 -18.40 -6.10 41.27
N VAL A 69 -19.00 -4.92 41.18
CA VAL A 69 -19.15 -4.27 39.89
C VAL A 69 -17.79 -3.85 39.35
N ASP A 70 -17.00 -3.17 40.18
CA ASP A 70 -15.68 -2.70 39.73
C ASP A 70 -14.70 -3.83 39.51
N HIS A 71 -14.86 -4.95 40.22
CA HIS A 71 -13.97 -6.08 40.01
C HIS A 71 -14.47 -7.05 38.96
N HIS A 72 -15.57 -6.72 38.26
CA HIS A 72 -16.15 -7.60 37.24
C HIS A 72 -16.39 -9.00 37.78
N THR A 73 -17.09 -9.06 38.92
CA THR A 73 -17.46 -10.32 39.54
C THR A 73 -18.94 -10.34 39.90
N ASP A 74 -19.67 -9.31 39.51
CA ASP A 74 -21.09 -9.18 39.81
C ASP A 74 -21.92 -10.31 39.22
N LYS A 75 -21.38 -11.06 38.25
CA LYS A 75 -22.19 -12.07 37.58
C LYS A 75 -22.17 -13.44 38.25
N TYR A 76 -21.20 -13.74 39.11
CA TYR A 76 -21.16 -15.05 39.74
C TYR A 76 -22.35 -15.29 40.64
N GLU A 77 -22.98 -16.46 40.48
CA GLU A 77 -24.04 -16.91 41.39
C GLU A 77 -23.40 -17.36 42.69
N ASN A 78 -23.05 -16.38 43.53
CA ASN A 78 -22.26 -16.61 44.74
C ASN A 78 -22.49 -15.47 45.73
N ASN A 79 -22.78 -15.82 47.00
CA ASN A 79 -23.09 -14.82 48.03
C ASN A 79 -21.85 -14.24 48.70
N LYS A 80 -20.67 -14.80 48.48
CA LYS A 80 -19.45 -14.31 49.11
C LYS A 80 -18.76 -13.27 48.24
N LEU A 81 -17.88 -12.49 48.88
CA LEU A 81 -17.06 -11.54 48.15
C LEU A 81 -16.19 -12.28 47.13
N ILE A 82 -16.14 -11.75 45.92
CA ILE A 82 -15.19 -12.18 44.90
C ILE A 82 -14.51 -10.94 44.37
N VAL A 83 -13.18 -10.96 44.39
CA VAL A 83 -12.38 -9.84 43.93
C VAL A 83 -11.29 -10.38 43.02
N ARG A 84 -10.65 -9.46 42.32
CA ARG A 84 -9.53 -9.81 41.46
C ARG A 84 -8.27 -9.18 42.02
N ARG A 85 -7.17 -9.92 41.94
CA ARG A 85 -5.91 -9.52 42.55
C ARG A 85 -5.31 -8.24 41.91
N GLY A 86 -4.47 -7.56 42.67
CA GLY A 86 -3.82 -6.36 42.18
C GLY A 86 -4.73 -5.16 42.04
N GLN A 87 -5.88 -5.16 42.69
CA GLN A 87 -6.87 -4.10 42.57
C GLN A 87 -7.53 -3.93 43.92
N SER A 88 -7.77 -2.68 44.31
CA SER A 88 -8.23 -2.44 45.67
C SER A 88 -9.74 -2.63 45.80
N PHE A 89 -10.17 -3.01 47.00
CA PHE A 89 -11.58 -3.12 47.33
C PHE A 89 -11.82 -2.59 48.74
N TYR A 90 -13.07 -2.24 49.02
CA TYR A 90 -13.47 -1.59 50.26
C TYR A 90 -14.08 -2.58 51.24
N VAL A 91 -13.70 -2.45 52.51
CA VAL A 91 -14.36 -3.16 53.62
C VAL A 91 -14.46 -2.20 54.79
N GLN A 92 -15.24 -2.62 55.80
CA GLN A 92 -15.48 -1.78 56.96
C GLN A 92 -15.44 -2.64 58.22
N ILE A 93 -14.66 -2.21 59.20
CA ILE A 93 -14.52 -2.92 60.47
C ILE A 93 -15.06 -2.03 61.57
N ASP A 94 -15.98 -2.58 62.37
CA ASP A 94 -16.57 -1.91 63.53
C ASP A 94 -15.90 -2.43 64.78
N PHE A 95 -15.40 -1.53 65.62
CA PHE A 95 -14.72 -1.91 66.85
C PHE A 95 -15.58 -1.58 68.08
N SER A 96 -15.10 -2.03 69.25
CA SER A 96 -15.83 -1.81 70.49
C SER A 96 -15.70 -0.37 70.95
N ARG A 97 -14.59 0.28 70.62
CA ARG A 97 -14.39 1.71 70.81
C ARG A 97 -13.70 2.25 69.58
N PRO A 98 -13.66 3.57 69.37
CA PRO A 98 -13.00 4.10 68.17
C PRO A 98 -11.53 3.72 68.14
N TYR A 99 -11.08 3.27 66.97
CA TYR A 99 -9.68 2.95 66.75
C TYR A 99 -8.81 4.18 66.98
N ASP A 100 -7.75 4.00 67.76
CA ASP A 100 -6.82 5.07 68.09
C ASP A 100 -5.39 4.60 67.79
N PRO A 101 -4.75 5.14 66.76
CA PRO A 101 -3.41 4.63 66.39
C PRO A 101 -2.30 5.01 67.36
N ARG A 102 -2.56 5.87 68.35
CA ARG A 102 -1.58 6.04 69.42
C ARG A 102 -1.46 4.80 70.30
N ARG A 103 -2.56 4.06 70.53
CA ARG A 103 -2.53 2.91 71.42
C ARG A 103 -2.83 1.59 70.75
N ASP A 104 -3.50 1.58 69.61
CA ASP A 104 -4.02 0.38 68.99
C ASP A 104 -3.18 0.00 67.76
N LEU A 105 -3.04 -1.29 67.53
CA LEU A 105 -2.33 -1.83 66.37
C LEU A 105 -3.05 -3.10 65.93
N PHE A 106 -3.54 -3.12 64.69
CA PHE A 106 -4.20 -4.30 64.15
C PHE A 106 -3.81 -4.48 62.70
N ARG A 107 -4.21 -5.64 62.17
CA ARG A 107 -3.88 -6.02 60.81
C ARG A 107 -4.93 -7.00 60.36
N VAL A 108 -5.21 -7.00 59.06
CA VAL A 108 -6.08 -7.99 58.45
C VAL A 108 -5.22 -9.17 58.01
N GLU A 109 -5.80 -10.37 58.01
CA GLU A 109 -5.14 -11.60 57.59
C GLU A 109 -6.02 -12.37 56.61
N TYR A 110 -5.40 -12.87 55.54
CA TYR A 110 -6.03 -13.81 54.63
C TYR A 110 -5.22 -15.09 54.67
N VAL A 111 -5.95 -16.22 54.73
CA VAL A 111 -5.36 -17.51 55.03
C VAL A 111 -6.01 -18.56 54.15
N ILE A 112 -5.20 -19.46 53.61
CA ILE A 112 -5.68 -20.51 52.74
C ILE A 112 -4.93 -21.79 53.05
N GLY A 113 -5.65 -22.91 53.15
CA GLY A 113 -5.05 -24.20 53.38
C GLY A 113 -4.97 -24.56 54.86
N ARG A 114 -4.60 -25.82 55.13
CA ARG A 114 -4.42 -26.26 56.50
C ARG A 114 -3.04 -25.95 57.05
N TYR A 115 -2.09 -25.61 56.17
CA TYR A 115 -0.71 -25.34 56.58
C TYR A 115 -0.25 -24.00 56.01
N PRO A 116 -0.87 -22.91 56.43
CA PRO A 116 -0.56 -21.60 55.84
C PRO A 116 0.84 -21.15 56.22
N GLN A 117 1.52 -20.52 55.27
CA GLN A 117 2.86 -20.03 55.53
C GLN A 117 3.06 -18.69 54.83
N GLU A 118 3.61 -17.73 55.56
CA GLU A 118 3.82 -16.41 54.98
C GLU A 118 4.82 -16.50 53.83
N ASN A 119 5.96 -17.17 54.04
CA ASN A 119 6.95 -17.34 52.99
C ASN A 119 6.47 -18.19 51.82
N LYS A 120 5.26 -18.74 51.89
CA LYS A 120 4.69 -19.47 50.77
C LYS A 120 3.45 -18.77 50.24
N GLY A 121 3.17 -17.56 50.70
CA GLY A 121 2.03 -16.82 50.19
C GLY A 121 0.68 -17.30 50.65
N THR A 122 0.60 -18.20 51.63
CA THR A 122 -0.68 -18.73 52.07
C THR A 122 -1.13 -18.23 53.43
N TYR A 123 -0.27 -17.52 54.16
CA TYR A 123 -0.66 -16.66 55.28
C TYR A 123 -0.27 -15.23 54.89
N ILE A 124 -1.25 -14.36 54.70
CA ILE A 124 -1.05 -13.04 54.14
C ILE A 124 -1.45 -12.00 55.17
N PRO A 125 -0.48 -11.46 55.91
CA PRO A 125 -0.79 -10.38 56.87
C PRO A 125 -0.91 -9.07 56.11
N VAL A 126 -1.98 -8.32 56.38
CA VAL A 126 -2.18 -7.05 55.67
C VAL A 126 -1.97 -5.89 56.64
N PRO A 127 -0.85 -5.19 56.57
CA PRO A 127 -0.64 -4.06 57.47
C PRO A 127 -1.58 -2.91 57.12
N ILE A 128 -1.92 -2.15 58.15
CA ILE A 128 -2.60 -0.87 57.97
C ILE A 128 -1.53 0.19 57.64
N VAL A 129 -1.65 0.78 56.46
CA VAL A 129 -0.61 1.67 55.95
C VAL A 129 -1.21 3.05 55.68
N SER A 130 -0.32 4.04 55.65
CA SER A 130 -0.74 5.40 55.31
C SER A 130 -1.18 5.51 53.85
N GLU A 131 -0.36 4.99 52.95
CA GLU A 131 -0.62 5.04 51.51
C GLU A 131 -0.40 3.66 50.92
N LEU A 132 -1.34 3.21 50.10
CA LEU A 132 -1.14 1.98 49.35
C LEU A 132 0.06 2.13 48.44
N GLN A 133 0.80 1.05 48.26
CA GLN A 133 1.97 1.03 47.40
C GLN A 133 1.80 0.07 46.23
N SER A 134 2.44 0.39 45.11
CA SER A 134 2.26 -0.37 43.88
C SER A 134 2.59 -1.84 44.09
N GLY A 135 1.59 -2.69 43.88
CA GLY A 135 1.80 -4.14 43.90
C GLY A 135 2.01 -4.79 45.26
N LYS A 136 1.73 -4.12 46.36
CA LYS A 136 1.95 -4.70 47.68
C LYS A 136 0.65 -4.78 48.47
N TRP A 137 0.54 -5.84 49.28
CA TRP A 137 -0.62 -5.95 50.15
C TRP A 137 -0.59 -4.83 51.18
N GLY A 138 -1.70 -4.14 51.32
CA GLY A 138 -1.85 -3.17 52.39
C GLY A 138 -3.29 -2.73 52.46
N ALA A 139 -3.62 -2.09 53.56
CA ALA A 139 -4.96 -1.54 53.79
C ALA A 139 -4.84 -0.10 54.26
N LYS A 140 -5.63 0.78 53.67
CA LYS A 140 -5.61 2.20 54.00
C LYS A 140 -6.95 2.63 54.54
N ILE A 141 -6.92 3.33 55.69
CA ILE A 141 -8.14 3.91 56.23
C ILE A 141 -8.57 5.08 55.37
N VAL A 142 -9.80 5.05 54.89
CA VAL A 142 -10.31 6.10 54.01
C VAL A 142 -11.51 6.81 54.61
N MET A 143 -12.05 6.34 55.72
CA MET A 143 -13.20 6.96 56.35
C MET A 143 -13.24 6.48 57.79
N ARG A 144 -13.57 7.38 58.70
CA ARG A 144 -13.85 7.00 60.07
C ARG A 144 -15.17 7.63 60.50
N GLU A 145 -15.92 6.91 61.33
CA GLU A 145 -17.21 7.40 61.82
C GLU A 145 -17.60 6.55 63.02
N ASP A 146 -17.95 7.22 64.11
CA ASP A 146 -18.21 6.55 65.38
C ASP A 146 -17.12 5.54 65.69
N ARG A 147 -17.48 4.26 65.82
CA ARG A 147 -16.52 3.23 66.20
C ARG A 147 -16.03 2.41 65.01
N SER A 148 -16.32 2.82 63.78
CA SER A 148 -15.96 2.07 62.59
C SER A 148 -14.90 2.79 61.77
N VAL A 149 -14.13 2.00 61.03
CA VAL A 149 -13.15 2.50 60.09
C VAL A 149 -13.39 1.78 58.76
N ARG A 150 -13.49 2.54 57.67
CA ARG A 150 -13.60 1.93 56.35
C ARG A 150 -12.21 1.87 55.73
N LEU A 151 -11.88 0.70 55.16
CA LEU A 151 -10.57 0.40 54.61
C LEU A 151 -10.64 0.19 53.10
N SER A 152 -9.61 0.69 52.40
CA SER A 152 -9.33 0.28 51.04
C SER A 152 -8.16 -0.71 51.08
N ILE A 153 -8.44 -1.96 50.74
CA ILE A 153 -7.46 -3.04 50.79
C ILE A 153 -6.94 -3.29 49.38
N GLN A 154 -5.63 -3.42 49.24
CA GLN A 154 -5.03 -3.75 47.96
C GLN A 154 -4.26 -5.04 48.11
N SER A 155 -4.46 -5.96 47.17
CA SER A 155 -3.79 -7.26 47.14
C SER A 155 -2.66 -7.24 46.13
N SER A 156 -1.71 -8.15 46.32
CA SER A 156 -0.61 -8.29 45.36
C SER A 156 -1.14 -8.80 44.02
N PRO A 157 -0.64 -8.28 42.90
CA PRO A 157 -1.04 -8.83 41.59
C PRO A 157 -0.46 -10.20 41.30
N LYS A 158 0.42 -10.71 42.17
CA LYS A 158 0.93 -12.05 42.04
C LYS A 158 0.27 -13.01 43.03
N CYS A 159 -0.85 -12.59 43.63
CA CYS A 159 -1.47 -13.35 44.71
C CYS A 159 -2.00 -14.69 44.20
N ILE A 160 -2.08 -15.66 45.14
CA ILE A 160 -2.61 -16.99 44.86
C ILE A 160 -4.11 -16.90 44.58
N VAL A 161 -4.58 -17.68 43.61
CA VAL A 161 -6.00 -17.67 43.27
C VAL A 161 -6.71 -18.75 44.06
N GLY A 162 -7.84 -18.42 44.68
CA GLY A 162 -8.50 -19.35 45.56
C GLY A 162 -9.45 -18.65 46.51
N LYS A 163 -9.99 -19.46 47.44
CA LYS A 163 -10.95 -19.01 48.46
C LYS A 163 -10.22 -18.84 49.80
N PHE A 164 -10.13 -17.59 50.27
CA PHE A 164 -9.36 -17.25 51.45
C PHE A 164 -10.26 -17.06 52.66
N ARG A 165 -9.73 -17.42 53.82
CA ARG A 165 -10.35 -17.08 55.10
C ARG A 165 -9.83 -15.75 55.62
N MET A 166 -10.74 -14.94 56.16
CA MET A 166 -10.42 -13.59 56.60
C MET A 166 -10.47 -13.49 58.12
N TYR A 167 -9.45 -12.84 58.69
CA TYR A 167 -9.41 -12.57 60.12
C TYR A 167 -8.91 -11.15 60.33
N VAL A 168 -9.27 -10.59 61.48
CA VAL A 168 -8.70 -9.34 62.00
C VAL A 168 -7.94 -9.67 63.28
N ALA A 169 -6.68 -9.25 63.33
CA ALA A 169 -5.78 -9.57 64.44
C ALA A 169 -5.37 -8.28 65.14
N VAL A 170 -5.74 -8.16 66.41
CA VAL A 170 -5.36 -7.03 67.24
C VAL A 170 -4.17 -7.44 68.11
N TRP A 171 -3.08 -6.67 68.04
CA TRP A 171 -1.85 -6.97 68.77
C TRP A 171 -1.93 -6.35 70.16
N THR A 172 -1.54 -7.13 71.16
CA THR A 172 -1.47 -6.74 72.56
C THR A 172 -0.12 -7.14 73.11
N PRO A 173 0.27 -6.61 74.27
CA PRO A 173 1.55 -7.01 74.86
C PRO A 173 1.58 -8.45 75.33
N TYR A 174 0.42 -9.11 75.39
CA TYR A 174 0.34 -10.51 75.78
C TYR A 174 0.15 -11.45 74.60
N GLY A 175 -0.07 -10.92 73.40
CA GLY A 175 -0.27 -11.76 72.23
C GLY A 175 -1.37 -11.21 71.35
N VAL A 176 -1.77 -12.01 70.37
CA VAL A 176 -2.76 -11.61 69.38
C VAL A 176 -4.17 -11.98 69.84
N LEU A 177 -5.12 -11.09 69.58
CA LEU A 177 -6.54 -11.31 69.76
C LEU A 177 -7.16 -11.28 68.39
N ARG A 178 -7.76 -12.39 68.00
CA ARG A 178 -8.16 -12.61 66.62
C ARG A 178 -9.66 -12.86 66.55
N THR A 179 -10.27 -12.42 65.47
CA THR A 179 -11.66 -12.77 65.24
C THR A 179 -11.78 -14.28 65.03
N SER A 180 -12.95 -14.82 65.37
CA SER A 180 -13.12 -16.24 65.15
C SER A 180 -13.49 -16.52 63.71
N ARG A 181 -13.33 -17.79 63.32
CA ARG A 181 -13.75 -18.30 62.02
C ARG A 181 -15.15 -17.79 61.66
N ASN A 182 -15.26 -17.21 60.47
CA ASN A 182 -16.52 -16.63 60.00
C ASN A 182 -16.62 -16.87 58.50
N PRO A 183 -17.34 -17.91 58.07
CA PRO A 183 -17.43 -18.19 56.63
C PRO A 183 -18.14 -17.10 55.83
N GLU A 184 -18.94 -16.26 56.49
CA GLU A 184 -19.63 -15.20 55.76
C GLU A 184 -18.66 -14.16 55.20
N THR A 185 -17.39 -14.14 55.66
CA THR A 185 -16.40 -13.21 55.15
C THR A 185 -15.30 -13.90 54.35
N ASP A 186 -15.39 -15.22 54.16
CA ASP A 186 -14.53 -15.91 53.20
C ASP A 186 -14.52 -15.13 51.89
N THR A 187 -13.38 -15.07 51.22
CA THR A 187 -13.19 -14.13 50.12
C THR A 187 -12.47 -14.82 48.97
N TYR A 188 -13.07 -14.81 47.79
CA TYR A 188 -12.42 -15.39 46.61
C TYR A 188 -11.55 -14.33 45.96
N ILE A 189 -10.33 -14.72 45.58
CA ILE A 189 -9.43 -13.83 44.84
C ILE A 189 -9.09 -14.48 43.51
N LEU A 190 -9.44 -13.83 42.42
CA LEU A 190 -9.29 -14.38 41.08
C LEU A 190 -8.21 -13.65 40.30
N PHE A 191 -7.83 -14.24 39.19
CA PHE A 191 -6.95 -13.57 38.23
C PHE A 191 -7.62 -12.32 37.70
N ASN A 192 -6.81 -11.33 37.33
CA ASN A 192 -7.30 -9.99 36.97
C ASN A 192 -6.79 -9.57 35.60
N PRO A 193 -7.54 -9.88 34.53
CA PRO A 193 -7.17 -9.37 33.20
C PRO A 193 -7.24 -7.85 33.09
N TRP A 194 -7.88 -7.17 34.04
CA TRP A 194 -7.95 -5.72 33.98
C TRP A 194 -6.77 -5.03 34.65
N CYS A 195 -5.95 -5.77 35.39
CA CYS A 195 -4.81 -5.21 36.11
C CYS A 195 -3.55 -5.35 35.28
N GLU A 196 -2.94 -4.22 34.94
CA GLU A 196 -1.78 -4.26 34.06
C GLU A 196 -0.55 -4.89 34.71
N ASP A 197 -0.51 -5.00 36.03
CA ASP A 197 0.58 -5.72 36.70
C ASP A 197 0.32 -7.23 36.78
N ASP A 198 -0.82 -7.71 36.29
CA ASP A 198 -1.17 -9.11 36.33
C ASP A 198 -0.60 -9.84 35.11
N ALA A 199 -0.12 -11.06 35.33
CA ALA A 199 0.37 -11.90 34.24
C ALA A 199 -0.67 -12.12 33.15
N VAL A 200 -1.94 -11.97 33.46
CA VAL A 200 -3.01 -12.20 32.49
C VAL A 200 -3.62 -10.88 32.01
N TYR A 201 -2.92 -9.76 32.22
CA TYR A 201 -3.40 -8.48 31.71
C TYR A 201 -3.74 -8.58 30.23
N LEU A 202 -4.91 -8.07 29.86
CA LEU A 202 -5.36 -7.98 28.48
C LEU A 202 -5.88 -6.57 28.23
N ASP A 203 -5.15 -5.78 27.45
CA ASP A 203 -5.42 -4.33 27.42
C ASP A 203 -6.59 -3.93 26.52
N ASN A 204 -7.49 -4.83 26.17
CA ASN A 204 -8.56 -4.54 25.23
C ASN A 204 -9.87 -4.97 25.87
N GLU A 205 -10.74 -3.99 26.16
CA GLU A 205 -11.98 -4.26 26.87
C GLU A 205 -12.88 -5.24 26.11
N LYS A 206 -13.02 -5.05 24.80
CA LYS A 206 -13.85 -5.97 24.02
C LYS A 206 -13.26 -7.38 24.05
N GLU A 207 -11.93 -7.49 24.05
CA GLU A 207 -11.33 -8.81 24.18
C GLU A 207 -11.57 -9.40 25.57
N ARG A 208 -11.51 -8.56 26.61
CA ARG A 208 -11.81 -9.07 27.94
C ARG A 208 -13.26 -9.49 28.06
N GLU A 209 -14.17 -8.84 27.34
CA GLU A 209 -15.58 -9.22 27.45
C GLU A 209 -15.82 -10.61 26.89
N GLU A 210 -15.23 -10.92 25.74
CA GLU A 210 -15.51 -12.18 25.08
C GLU A 210 -14.73 -13.34 25.69
N TYR A 211 -13.47 -13.10 26.07
CA TYR A 211 -12.59 -14.16 26.52
C TYR A 211 -12.60 -14.35 28.03
N VAL A 212 -13.40 -13.58 28.78
CA VAL A 212 -13.46 -13.71 30.22
C VAL A 212 -14.92 -13.75 30.68
N LEU A 213 -15.71 -12.75 30.30
CA LEU A 213 -17.06 -12.57 30.83
C LEU A 213 -18.14 -13.21 29.97
N ASN A 214 -17.83 -13.66 28.76
CA ASN A 214 -18.84 -14.32 27.96
C ASN A 214 -18.98 -15.77 28.43
N ASP A 215 -20.17 -16.16 28.84
CA ASP A 215 -20.39 -17.50 29.35
C ASP A 215 -21.07 -18.41 28.32
N ILE A 216 -21.32 -17.91 27.11
CA ILE A 216 -21.67 -18.77 25.99
C ILE A 216 -20.67 -18.52 24.89
N GLY A 217 -20.71 -19.38 23.90
CA GLY A 217 -19.72 -19.31 22.85
C GLY A 217 -20.09 -20.22 21.71
N VAL A 218 -19.10 -20.49 20.87
CA VAL A 218 -19.35 -21.22 19.66
C VAL A 218 -18.10 -21.99 19.32
N ILE A 219 -18.30 -23.24 18.90
CA ILE A 219 -17.23 -24.15 18.54
C ILE A 219 -17.44 -24.59 17.09
N PHE A 220 -16.39 -24.51 16.29
CA PHE A 220 -16.51 -24.82 14.87
C PHE A 220 -16.04 -26.26 14.59
N TYR A 221 -16.75 -26.92 13.68
CA TYR A 221 -16.42 -28.29 13.29
C TYR A 221 -16.83 -28.45 11.82
N GLY A 222 -17.04 -29.68 11.40
CA GLY A 222 -17.34 -29.97 10.02
C GLY A 222 -16.08 -30.19 9.19
N GLU A 223 -16.07 -29.63 7.98
CA GLU A 223 -14.93 -29.74 7.06
C GLU A 223 -14.56 -28.34 6.59
N VAL A 224 -13.36 -28.22 6.01
CA VAL A 224 -12.87 -26.94 5.53
C VAL A 224 -13.89 -26.24 4.64
N ASN A 225 -14.60 -27.00 3.80
CA ASN A 225 -15.57 -26.39 2.91
C ASN A 225 -17.01 -26.50 3.38
N ASP A 226 -17.28 -27.31 4.40
CA ASP A 226 -18.63 -27.45 4.97
C ASP A 226 -18.46 -27.29 6.47
N ILE A 227 -18.52 -26.04 6.92
CA ILE A 227 -18.14 -25.65 8.27
C ILE A 227 -19.40 -25.49 9.11
N LYS A 228 -19.46 -26.23 10.21
CA LYS A 228 -20.62 -26.28 11.08
C LYS A 228 -20.32 -25.56 12.40
N THR A 229 -21.39 -25.13 13.07
CA THR A 229 -21.30 -24.38 14.32
C THR A 229 -22.03 -25.13 15.43
N ARG A 230 -21.34 -25.41 16.52
CA ARG A 230 -21.96 -25.89 17.75
C ARG A 230 -21.89 -24.81 18.83
N SER A 231 -23.06 -24.39 19.32
CA SER A 231 -23.11 -23.48 20.45
C SER A 231 -22.73 -24.21 21.73
N TRP A 232 -22.19 -23.48 22.69
CA TRP A 232 -21.80 -24.09 23.96
C TRP A 232 -22.07 -23.11 25.09
N SER A 233 -22.61 -23.62 26.20
CA SER A 233 -22.83 -22.83 27.40
C SER A 233 -21.64 -23.08 28.30
N TYR A 234 -20.78 -22.07 28.45
CA TYR A 234 -19.63 -22.24 29.35
C TYR A 234 -20.07 -22.21 30.80
N GLY A 235 -21.01 -21.33 31.11
CA GLY A 235 -21.61 -21.23 32.43
C GLY A 235 -20.64 -21.01 33.58
N GLN A 236 -19.58 -20.23 33.36
CA GLN A 236 -18.57 -20.07 34.41
C GLN A 236 -19.08 -19.33 35.63
N PHE A 237 -20.26 -18.70 35.56
CA PHE A 237 -20.79 -17.97 36.72
C PHE A 237 -21.90 -18.72 37.44
N GLU A 238 -22.34 -19.86 36.91
CA GLU A 238 -23.41 -20.63 37.53
C GLU A 238 -23.06 -21.07 38.96
N ASP A 239 -24.10 -21.24 39.78
CA ASP A 239 -23.89 -21.71 41.15
C ASP A 239 -23.12 -23.02 41.16
N GLY A 240 -22.05 -23.06 41.97
CA GLY A 240 -21.24 -24.23 42.17
C GLY A 240 -19.99 -24.30 41.31
N ILE A 241 -19.93 -23.54 40.22
CA ILE A 241 -18.88 -23.79 39.23
C ILE A 241 -17.52 -23.30 39.73
N LEU A 242 -17.45 -22.05 40.23
CA LEU A 242 -16.22 -21.55 40.84
C LEU A 242 -15.68 -22.52 41.90
N ASP A 243 -16.56 -22.98 42.79
CA ASP A 243 -16.15 -23.96 43.80
C ASP A 243 -15.64 -25.25 43.16
N THR A 244 -16.26 -25.70 42.06
CA THR A 244 -15.79 -26.91 41.40
C THR A 244 -14.38 -26.73 40.85
N CYS A 245 -14.09 -25.56 40.27
CA CYS A 245 -12.77 -25.37 39.68
C CYS A 245 -11.69 -25.39 40.76
N LEU A 246 -12.00 -24.82 41.93
CA LEU A 246 -11.07 -24.93 43.04
C LEU A 246 -10.90 -26.38 43.46
N TYR A 247 -11.99 -27.15 43.40
CA TYR A 247 -11.96 -28.56 43.73
C TYR A 247 -11.14 -29.36 42.73
N VAL A 248 -11.23 -29.01 41.43
CA VAL A 248 -10.37 -29.63 40.43
C VAL A 248 -8.91 -29.51 40.85
N MET A 249 -8.49 -28.31 41.24
CA MET A 249 -7.09 -28.12 41.62
C MET A 249 -6.76 -28.85 42.91
N ASP A 250 -7.71 -28.92 43.85
CA ASP A 250 -7.51 -29.77 45.03
C ASP A 250 -7.29 -31.22 44.61
N ARG A 251 -8.13 -31.74 43.72
CA ARG A 251 -8.00 -33.12 43.29
C ARG A 251 -6.66 -33.37 42.59
N ALA A 252 -6.08 -32.35 41.97
CA ALA A 252 -4.76 -32.55 41.39
C ALA A 252 -3.65 -32.55 42.41
N GLN A 253 -3.95 -32.27 43.68
CA GLN A 253 -2.92 -32.07 44.71
C GLN A 253 -1.92 -31.00 44.29
N MET A 254 -2.41 -29.98 43.58
CA MET A 254 -1.60 -28.84 43.17
C MET A 254 -1.23 -27.99 44.38
N ASP A 255 0.07 -27.90 44.67
CA ASP A 255 0.53 -27.01 45.75
C ASP A 255 -0.09 -25.61 45.60
N LEU A 256 -0.67 -25.11 46.71
CA LEU A 256 -1.38 -23.84 46.66
C LEU A 256 -0.47 -22.67 46.26
N SER A 257 0.81 -22.74 46.62
CA SER A 257 1.70 -21.60 46.43
C SER A 257 1.94 -21.30 44.95
N GLY A 258 1.62 -22.25 44.06
CA GLY A 258 1.76 -22.08 42.63
C GLY A 258 0.48 -21.74 41.92
N ARG A 259 -0.63 -21.63 42.65
CA ARG A 259 -1.92 -21.36 42.02
C ARG A 259 -2.09 -19.89 41.68
N GLY A 260 -1.08 -19.06 41.92
CA GLY A 260 -1.08 -17.71 41.41
C GLY A 260 -0.37 -17.61 40.08
N ASN A 261 0.17 -18.73 39.59
CA ASN A 261 0.94 -18.77 38.36
C ASN A 261 0.08 -19.38 37.25
N PRO A 262 -0.39 -18.59 36.28
CA PRO A 262 -1.30 -19.12 35.25
C PRO A 262 -0.67 -20.20 34.37
N ILE A 263 0.66 -20.26 34.32
CA ILE A 263 1.31 -21.36 33.61
C ILE A 263 0.99 -22.67 34.31
N LYS A 264 1.18 -22.71 35.63
CA LYS A 264 0.89 -23.91 36.41
C LYS A 264 -0.60 -24.21 36.42
N VAL A 265 -1.43 -23.19 36.57
CA VAL A 265 -2.88 -23.41 36.59
C VAL A 265 -3.35 -23.99 35.27
N SER A 266 -2.87 -23.47 34.14
CA SER A 266 -3.33 -24.00 32.85
C SER A 266 -2.71 -25.36 32.55
N ARG A 267 -1.46 -25.60 32.96
CA ARG A 267 -0.90 -26.93 32.75
C ARG A 267 -1.60 -27.96 33.62
N VAL A 268 -1.97 -27.60 34.85
CA VAL A 268 -2.74 -28.52 35.67
C VAL A 268 -4.11 -28.75 35.04
N GLY A 269 -4.71 -27.69 34.53
CA GLY A 269 -6.01 -27.84 33.88
C GLY A 269 -5.98 -28.82 32.71
N SER A 270 -4.92 -28.77 31.90
CA SER A 270 -4.94 -29.67 30.76
C SER A 270 -4.83 -31.12 31.20
N ALA A 271 -4.19 -31.38 32.33
CA ALA A 271 -4.14 -32.74 32.84
C ALA A 271 -5.46 -33.14 33.48
N MET A 272 -6.02 -32.29 34.34
CA MET A 272 -7.18 -32.64 35.17
C MET A 272 -8.51 -32.66 34.44
N VAL A 273 -8.63 -32.02 33.29
CA VAL A 273 -9.96 -32.02 32.66
C VAL A 273 -10.24 -33.36 31.98
N ASN A 274 -9.18 -34.09 31.57
CA ASN A 274 -9.35 -35.45 31.09
C ASN A 274 -9.12 -36.46 32.22
N ALA A 275 -9.82 -37.60 32.12
CA ALA A 275 -9.84 -38.57 33.21
C ALA A 275 -8.62 -39.49 33.23
N LYS A 276 -7.88 -39.61 32.12
CA LYS A 276 -6.69 -40.45 32.13
C LYS A 276 -5.70 -39.97 33.19
N ASP A 277 -4.97 -40.92 33.78
CA ASP A 277 -3.81 -40.63 34.61
C ASP A 277 -4.13 -40.00 35.97
N ASP A 278 -5.13 -39.11 36.03
CA ASP A 278 -5.25 -38.17 37.15
C ASP A 278 -6.64 -38.14 37.79
N GLU A 279 -7.53 -39.08 37.43
CA GLU A 279 -8.90 -39.11 37.96
C GLU A 279 -9.64 -37.80 37.67
N GLY A 280 -9.39 -37.25 36.49
CA GLY A 280 -10.01 -36.00 36.09
C GLY A 280 -11.49 -36.07 35.78
N VAL A 281 -11.96 -35.09 35.02
CA VAL A 281 -13.39 -34.81 34.91
C VAL A 281 -14.08 -35.68 33.87
N LEU A 282 -13.42 -35.90 32.72
CA LEU A 282 -14.11 -36.40 31.53
C LEU A 282 -13.38 -37.61 31.00
N VAL A 283 -14.14 -38.67 30.74
CA VAL A 283 -13.66 -39.85 30.03
C VAL A 283 -13.88 -39.64 28.54
N GLY A 284 -12.84 -39.82 27.75
CA GLY A 284 -13.02 -39.76 26.31
C GLY A 284 -13.47 -41.10 25.77
N SER A 285 -14.28 -41.06 24.70
CA SER A 285 -14.70 -42.27 24.01
C SER A 285 -14.99 -41.92 22.56
N TRP A 286 -14.56 -42.80 21.64
CA TRP A 286 -14.83 -42.62 20.23
C TRP A 286 -15.49 -43.84 19.61
N ASP A 287 -16.05 -44.74 20.42
CA ASP A 287 -16.39 -46.10 20.02
C ASP A 287 -17.81 -46.25 19.48
N ASN A 288 -18.55 -45.15 19.31
CA ASN A 288 -19.88 -45.12 18.71
C ASN A 288 -20.93 -45.84 19.53
N ILE A 289 -20.65 -46.18 20.80
CA ILE A 289 -21.62 -46.91 21.61
C ILE A 289 -21.89 -46.20 22.93
N TYR A 290 -20.83 -45.81 23.65
CA TYR A 290 -20.92 -44.95 24.85
C TYR A 290 -21.80 -45.61 25.92
N ALA A 291 -21.41 -46.83 26.27
CA ALA A 291 -22.14 -47.63 27.25
C ALA A 291 -22.11 -46.95 28.61
N TYR A 292 -23.29 -46.86 29.23
CA TYR A 292 -23.42 -46.40 30.60
C TYR A 292 -22.90 -44.97 30.75
N GLY A 293 -23.40 -44.09 29.90
CA GLY A 293 -23.00 -42.71 29.98
C GLY A 293 -23.75 -41.86 28.98
N VAL A 294 -23.38 -40.59 28.95
CA VAL A 294 -23.93 -39.61 28.03
C VAL A 294 -23.04 -39.61 26.81
N PRO A 295 -23.59 -39.74 25.61
CA PRO A 295 -22.75 -39.74 24.41
C PRO A 295 -22.24 -38.34 24.16
N PRO A 296 -21.00 -38.20 23.67
CA PRO A 296 -20.39 -36.86 23.54
C PRO A 296 -21.25 -35.82 22.84
N SER A 297 -21.98 -36.19 21.80
CA SER A 297 -22.79 -35.24 21.04
C SER A 297 -24.01 -34.73 21.81
N ALA A 298 -24.36 -35.32 22.96
CA ALA A 298 -25.57 -34.88 23.65
C ALA A 298 -25.32 -33.66 24.53
N TRP A 299 -24.10 -33.48 25.02
CA TRP A 299 -23.84 -32.32 25.86
C TRP A 299 -24.04 -31.04 25.07
N THR A 300 -24.46 -29.98 25.77
CA THR A 300 -24.67 -28.67 25.16
C THR A 300 -23.97 -27.54 25.91
N GLY A 301 -23.13 -27.88 26.89
CA GLY A 301 -22.55 -26.90 27.79
C GLY A 301 -21.67 -27.61 28.79
N SER A 302 -21.07 -26.83 29.69
CA SER A 302 -20.10 -27.40 30.61
C SER A 302 -20.65 -27.63 32.01
N VAL A 303 -21.81 -27.04 32.34
CA VAL A 303 -22.20 -26.99 33.75
C VAL A 303 -22.56 -28.38 34.27
N ASP A 304 -23.42 -29.12 33.54
CA ASP A 304 -23.83 -30.44 34.02
C ASP A 304 -22.63 -31.37 34.19
N ILE A 305 -21.61 -31.22 33.34
CA ILE A 305 -20.41 -32.05 33.47
C ILE A 305 -19.67 -31.74 34.78
N LEU A 306 -19.27 -30.49 34.97
CA LEU A 306 -18.49 -30.12 36.16
C LEU A 306 -19.24 -30.42 37.45
N LEU A 307 -20.53 -30.03 37.51
CA LEU A 307 -21.29 -30.23 38.75
C LEU A 307 -21.44 -31.71 39.08
N GLU A 308 -21.61 -32.56 38.07
CA GLU A 308 -21.68 -33.98 38.35
C GLU A 308 -20.34 -34.52 38.80
N TYR A 309 -19.25 -33.98 38.27
CA TYR A 309 -17.93 -34.36 38.74
C TYR A 309 -17.75 -33.99 40.19
N ARG A 310 -18.17 -32.78 40.56
CA ARG A 310 -18.04 -32.32 41.94
C ARG A 310 -18.87 -33.19 42.88
N SER A 311 -20.11 -33.51 42.51
CA SER A 311 -20.98 -34.27 43.41
C SER A 311 -20.57 -35.75 43.48
N SER A 312 -20.35 -36.37 42.34
CA SER A 312 -19.97 -37.79 42.35
C SER A 312 -18.50 -37.99 42.69
N GLU A 313 -17.68 -36.95 42.56
CA GLU A 313 -16.25 -37.02 42.82
C GLU A 313 -15.56 -38.09 41.95
N ASN A 314 -16.19 -38.44 40.83
CA ASN A 314 -15.65 -39.40 39.88
C ASN A 314 -15.81 -38.93 38.45
N PRO A 315 -14.96 -39.40 37.54
CA PRO A 315 -15.05 -38.99 36.12
C PRO A 315 -16.44 -39.13 35.52
N VAL A 316 -16.70 -38.27 34.55
CA VAL A 316 -17.97 -38.17 33.82
C VAL A 316 -17.79 -38.85 32.48
N ARG A 317 -18.85 -39.51 32.01
CA ARG A 317 -18.82 -40.18 30.71
C ARG A 317 -19.89 -39.60 29.80
N TYR A 318 -19.60 -39.20 28.56
CA TYR A 318 -18.30 -39.27 27.86
C TYR A 318 -18.03 -37.96 27.07
N GLY A 319 -16.78 -37.70 26.70
CA GLY A 319 -16.48 -36.60 25.81
C GLY A 319 -15.54 -36.98 24.67
N GLN A 320 -15.44 -36.04 23.72
CA GLN A 320 -14.42 -36.00 22.67
C GLN A 320 -13.88 -34.57 22.60
N CYS A 321 -12.99 -34.33 21.63
CA CYS A 321 -12.20 -33.10 21.51
C CYS A 321 -12.97 -31.84 21.98
N TRP A 322 -14.11 -31.55 21.38
CA TRP A 322 -14.78 -30.28 21.65
C TRP A 322 -15.33 -30.21 23.07
N VAL A 323 -15.75 -31.33 23.64
CA VAL A 323 -16.27 -31.31 25.01
C VAL A 323 -15.13 -31.04 25.98
N PHE A 324 -13.99 -31.69 25.79
CA PHE A 324 -12.81 -31.38 26.56
C PHE A 324 -12.49 -29.89 26.52
N ALA A 325 -12.53 -29.30 25.32
CA ALA A 325 -12.19 -27.88 25.18
C ALA A 325 -13.25 -26.98 25.82
N GLY A 326 -14.53 -27.31 25.65
CA GLY A 326 -15.57 -26.53 26.31
C GLY A 326 -15.44 -26.52 27.81
N VAL A 327 -15.25 -27.70 28.43
CA VAL A 327 -15.09 -27.75 29.88
C VAL A 327 -13.81 -27.04 30.31
N PHE A 328 -12.72 -27.22 29.56
CA PHE A 328 -11.48 -26.51 29.86
C PHE A 328 -11.68 -25.00 29.75
N ASN A 329 -12.41 -24.55 28.72
CA ASN A 329 -12.67 -23.12 28.59
C ASN A 329 -13.38 -22.57 29.82
N THR A 330 -14.35 -23.31 30.36
CA THR A 330 -15.05 -22.86 31.56
C THR A 330 -14.08 -22.71 32.72
N PHE A 331 -13.28 -23.73 33.00
CA PHE A 331 -12.27 -23.67 34.04
C PHE A 331 -11.43 -22.40 33.93
N LEU A 332 -10.89 -22.12 32.74
CA LEU A 332 -10.00 -20.98 32.58
C LEU A 332 -10.73 -19.66 32.84
N ARG A 333 -11.82 -19.44 32.12
CA ARG A 333 -12.53 -18.18 32.25
C ARG A 333 -13.02 -17.96 33.68
N CYS A 334 -13.50 -19.04 34.31
CA CYS A 334 -14.04 -18.97 35.67
C CYS A 334 -13.03 -18.38 36.63
N LEU A 335 -11.76 -18.79 36.50
CA LEU A 335 -10.69 -18.34 37.35
C LEU A 335 -10.16 -16.97 36.93
N GLY A 336 -10.52 -16.50 35.74
CA GLY A 336 -10.04 -15.24 35.27
C GLY A 336 -8.94 -15.28 34.25
N ILE A 337 -8.56 -16.46 33.75
CA ILE A 337 -7.56 -16.56 32.70
C ILE A 337 -8.28 -16.45 31.37
N PRO A 338 -8.05 -15.39 30.60
CA PRO A 338 -8.74 -15.24 29.30
C PRO A 338 -8.49 -16.44 28.38
N ALA A 339 -9.54 -16.89 27.69
CA ALA A 339 -9.47 -18.20 27.04
C ALA A 339 -10.40 -18.30 25.84
N ARG A 340 -9.95 -19.00 24.82
CA ARG A 340 -10.81 -19.27 23.69
C ARG A 340 -10.53 -20.67 23.16
N ILE A 341 -11.44 -21.15 22.31
CA ILE A 341 -11.36 -22.47 21.71
C ILE A 341 -11.08 -22.34 20.22
N VAL A 342 -10.03 -22.99 19.74
CA VAL A 342 -9.67 -22.96 18.33
C VAL A 342 -9.89 -24.33 17.71
N THR A 343 -10.21 -24.34 16.41
CA THR A 343 -10.47 -25.56 15.65
C THR A 343 -9.48 -25.65 14.50
N ASN A 344 -8.72 -26.76 14.48
CA ASN A 344 -7.76 -27.06 13.44
C ASN A 344 -8.36 -28.12 12.50
N TYR A 345 -8.56 -27.75 11.22
CA TYR A 345 -9.05 -28.70 10.22
C TYR A 345 -7.88 -29.44 9.61
N PHE A 346 -8.00 -30.78 9.55
CA PHE A 346 -6.92 -31.69 9.20
C PHE A 346 -5.80 -31.64 10.25
N SER A 347 -6.15 -32.09 11.45
CA SER A 347 -5.22 -32.00 12.58
C SER A 347 -4.43 -33.30 12.68
N ALA A 348 -3.12 -33.21 12.58
CA ALA A 348 -2.26 -34.39 12.59
C ALA A 348 -2.03 -34.89 14.02
N HIS A 349 -1.85 -36.21 14.12
CA HIS A 349 -1.53 -36.87 15.39
C HIS A 349 -0.20 -37.60 15.20
N ASP A 350 0.86 -37.08 15.80
CA ASP A 350 2.19 -37.65 15.66
C ASP A 350 2.41 -38.64 16.79
N ASN A 351 2.56 -39.91 16.45
CA ASN A 351 2.69 -40.93 17.47
C ASN A 351 4.11 -41.15 17.93
N ASP A 352 5.11 -40.73 17.14
CA ASP A 352 6.49 -41.04 17.45
C ASP A 352 7.32 -39.79 17.73
N ALA A 353 6.69 -38.63 17.86
CA ALA A 353 7.38 -37.39 18.21
C ALA A 353 8.53 -37.07 17.23
N ASN A 354 8.35 -37.39 15.96
CA ASN A 354 9.33 -37.02 14.94
C ASN A 354 8.88 -35.85 14.09
N LEU A 355 7.70 -35.28 14.37
CA LEU A 355 7.21 -34.05 13.74
C LEU A 355 6.89 -34.23 12.26
N GLN A 356 6.52 -35.43 11.85
CA GLN A 356 6.01 -35.67 10.51
C GLN A 356 5.06 -36.86 10.54
N MET A 357 4.23 -36.97 9.52
CA MET A 357 3.31 -38.09 9.39
C MET A 357 4.02 -39.21 8.63
N ASP A 358 4.20 -40.34 9.30
CA ASP A 358 4.89 -41.48 8.73
C ASP A 358 3.86 -42.45 8.17
N ILE A 359 3.74 -42.48 6.85
CA ILE A 359 2.71 -43.25 6.18
C ILE A 359 3.40 -44.37 5.41
N PHE A 360 3.25 -45.60 5.87
CA PHE A 360 3.97 -46.71 5.25
C PHE A 360 3.11 -47.33 4.15
N LEU A 361 3.73 -47.57 3.01
CA LEU A 361 3.03 -48.03 1.82
C LEU A 361 3.52 -49.43 1.49
N VAL A 367 -1.83 -48.97 1.27
CA VAL A 367 -1.19 -48.46 2.49
C VAL A 367 -1.21 -49.47 3.62
N ASN A 368 -0.03 -49.71 4.19
CA ASN A 368 0.15 -50.65 5.29
C ASN A 368 -0.45 -50.06 6.55
N SER A 369 -1.62 -50.56 6.97
CA SER A 369 -2.30 -50.07 8.16
C SER A 369 -1.75 -50.64 9.46
N LYS A 370 -0.88 -51.65 9.39
CA LYS A 370 -0.33 -52.19 10.62
C LYS A 370 0.97 -51.49 11.01
N LEU A 371 1.83 -51.20 10.04
CA LEU A 371 3.02 -50.39 10.29
C LEU A 371 2.69 -48.91 10.50
N THR A 372 1.68 -48.40 9.81
CA THR A 372 1.37 -46.98 9.91
C THR A 372 0.62 -46.71 11.21
N LYS A 373 1.21 -45.88 12.07
CA LYS A 373 0.63 -45.57 13.37
C LYS A 373 0.07 -44.16 13.46
N ASP A 374 0.54 -43.23 12.63
CA ASP A 374 0.06 -41.86 12.71
C ASP A 374 -1.31 -41.74 12.04
N SER A 375 -1.96 -40.61 12.29
CA SER A 375 -3.33 -40.41 11.85
C SER A 375 -3.60 -38.93 11.68
N VAL A 376 -4.67 -38.61 10.94
CA VAL A 376 -5.13 -37.24 10.81
C VAL A 376 -6.63 -37.20 11.09
N TRP A 377 -7.04 -36.21 11.89
CA TRP A 377 -8.43 -35.94 12.23
C TRP A 377 -9.05 -34.97 11.23
N ASN A 378 -10.33 -35.17 10.95
CA ASN A 378 -11.03 -34.21 10.10
C ASN A 378 -10.98 -32.81 10.72
N TYR A 379 -10.97 -32.74 12.05
CA TYR A 379 -10.75 -31.50 12.77
C TYR A 379 -10.46 -31.85 14.23
N HIS A 380 -9.78 -30.92 14.92
CA HIS A 380 -9.51 -31.08 16.34
C HIS A 380 -9.70 -29.74 17.03
N CYS A 381 -10.01 -29.82 18.32
CA CYS A 381 -10.34 -28.69 19.18
C CYS A 381 -9.35 -28.63 20.32
N TRP A 382 -8.97 -27.40 20.70
CA TRP A 382 -8.21 -27.19 21.92
C TRP A 382 -8.36 -25.75 22.35
N ASN A 383 -7.63 -25.37 23.39
CA ASN A 383 -7.83 -24.10 24.04
C ASN A 383 -6.58 -23.22 23.87
N GLU A 384 -6.82 -21.92 23.89
CA GLU A 384 -5.75 -20.94 24.04
C GLU A 384 -6.02 -20.16 25.32
N ALA A 385 -4.95 -19.94 26.07
CA ALA A 385 -5.00 -19.18 27.31
C ALA A 385 -4.02 -18.02 27.22
N TRP A 386 -4.45 -16.84 27.67
CA TRP A 386 -3.67 -15.61 27.55
C TRP A 386 -2.85 -15.35 28.80
N MET A 387 -1.52 -15.26 28.65
CA MET A 387 -0.64 -14.95 29.77
C MET A 387 0.71 -14.48 29.25
N THR A 388 1.46 -13.80 30.11
CA THR A 388 2.87 -13.60 29.85
C THR A 388 3.62 -14.91 30.06
N ARG A 389 4.82 -15.01 29.50
CA ARG A 389 5.64 -16.21 29.65
C ARG A 389 6.98 -15.82 30.26
N PRO A 390 6.95 -15.47 31.55
CA PRO A 390 8.19 -15.07 32.24
C PRO A 390 9.24 -16.15 32.25
N ASP A 391 8.88 -17.39 31.93
CA ASP A 391 9.85 -18.46 31.81
C ASP A 391 10.46 -18.57 30.41
N LEU A 392 9.92 -17.84 29.44
CA LEU A 392 10.44 -17.83 28.07
C LEU A 392 11.11 -16.50 27.77
N PRO A 393 11.98 -16.45 26.76
CA PRO A 393 12.51 -15.15 26.35
C PRO A 393 11.39 -14.21 25.97
N VAL A 394 11.71 -12.91 26.02
CA VAL A 394 10.77 -11.86 25.66
C VAL A 394 10.19 -12.14 24.28
N GLY A 395 8.88 -11.95 24.12
CA GLY A 395 8.25 -12.09 22.83
C GLY A 395 7.34 -13.31 22.69
N PHE A 396 7.30 -14.20 23.66
CA PHE A 396 6.54 -15.43 23.55
C PHE A 396 5.31 -15.49 24.44
N GLY A 397 4.94 -14.38 25.07
CA GLY A 397 3.70 -14.32 25.84
C GLY A 397 2.49 -14.27 24.93
N GLY A 398 1.36 -13.84 25.47
CA GLY A 398 0.13 -13.86 24.69
C GLY A 398 -0.52 -15.23 24.68
N TRP A 399 -1.10 -15.62 23.54
CA TRP A 399 -1.88 -16.85 23.47
C TRP A 399 -0.98 -18.07 23.62
N GLN A 400 -1.37 -18.97 24.51
CA GLN A 400 -0.68 -20.24 24.71
C GLN A 400 -1.65 -21.36 24.40
N ALA A 401 -1.27 -22.26 23.49
CA ALA A 401 -2.10 -23.43 23.22
C ALA A 401 -2.03 -24.39 24.40
N VAL A 402 -3.20 -24.78 24.91
CA VAL A 402 -3.32 -25.79 25.95
C VAL A 402 -4.43 -26.76 25.55
N ASP A 403 -4.18 -28.07 25.70
CA ASP A 403 -5.08 -29.12 25.22
C ASP A 403 -5.33 -30.17 26.30
N SER A 404 -6.60 -30.41 26.61
CA SER A 404 -6.97 -31.41 27.60
C SER A 404 -7.47 -32.72 26.99
N THR A 405 -7.73 -32.77 25.67
CA THR A 405 -8.01 -34.04 25.00
C THR A 405 -6.79 -34.94 25.09
N PRO A 406 -6.92 -36.16 25.62
CA PRO A 406 -5.75 -37.05 25.75
C PRO A 406 -5.29 -37.55 24.39
N GLN A 407 -4.04 -37.28 24.07
CA GLN A 407 -3.49 -37.87 22.87
C GLN A 407 -2.12 -38.45 23.15
N GLU A 408 -1.24 -37.66 23.75
CA GLU A 408 0.10 -38.15 24.01
C GLU A 408 0.54 -37.73 25.41
N ASN A 409 1.44 -38.52 25.97
CA ASN A 409 1.95 -38.22 27.29
C ASN A 409 2.89 -37.04 27.22
N SER A 410 2.78 -36.15 28.19
CA SER A 410 3.76 -35.08 28.38
C SER A 410 4.33 -35.27 29.77
N ASP A 411 5.57 -35.76 29.83
CA ASP A 411 6.24 -36.07 31.10
C ASP A 411 5.39 -37.03 31.94
N GLY A 412 4.96 -38.13 31.31
CA GLY A 412 4.28 -39.20 31.99
C GLY A 412 2.81 -38.99 32.32
N MET A 413 2.19 -37.90 31.84
CA MET A 413 0.79 -37.63 32.09
C MET A 413 0.11 -37.20 30.81
N TYR A 414 -1.19 -37.45 30.72
CA TYR A 414 -1.95 -36.93 29.58
C TYR A 414 -2.28 -35.47 29.85
N ARG A 415 -1.47 -34.59 29.27
CA ARG A 415 -1.60 -33.14 29.38
C ARG A 415 -0.81 -32.53 28.23
N CYS A 416 -1.04 -31.25 27.98
CA CYS A 416 -0.45 -30.61 26.80
C CYS A 416 -0.38 -29.10 26.99
N GLY A 417 0.82 -28.54 26.95
CA GLY A 417 0.95 -27.08 27.02
C GLY A 417 1.12 -26.51 28.42
N PRO A 418 1.19 -25.18 28.56
CA PRO A 418 1.14 -24.09 27.56
C PRO A 418 2.29 -24.09 26.57
N ALA A 419 1.93 -24.11 25.28
CA ALA A 419 2.88 -23.95 24.19
C ALA A 419 2.63 -22.58 23.55
N SER A 420 3.67 -21.77 23.47
CA SER A 420 3.49 -20.41 22.94
C SER A 420 3.19 -20.46 21.44
N VAL A 421 2.03 -19.93 21.06
CA VAL A 421 1.65 -19.93 19.65
C VAL A 421 2.70 -19.18 18.84
N GLN A 422 3.29 -18.13 19.41
CA GLN A 422 4.35 -17.43 18.69
C GLN A 422 5.57 -18.33 18.52
N ALA A 423 5.90 -19.12 19.53
CA ALA A 423 7.04 -20.02 19.38
C ALA A 423 6.77 -21.07 18.30
N ILE A 424 5.51 -21.51 18.20
CA ILE A 424 5.17 -22.52 17.20
C ILE A 424 5.29 -21.93 15.80
N LYS A 425 4.88 -20.67 15.62
CA LYS A 425 4.83 -20.08 14.28
C LYS A 425 6.22 -20.02 13.66
N HIS A 426 7.24 -19.66 14.43
CA HIS A 426 8.61 -19.59 13.95
C HIS A 426 9.39 -20.88 14.21
N GLY A 427 8.70 -21.93 14.63
CA GLY A 427 9.34 -23.21 14.79
C GLY A 427 10.32 -23.29 15.93
N HIS A 428 10.23 -22.40 16.92
CA HIS A 428 11.10 -22.45 18.10
C HIS A 428 10.50 -23.35 19.17
N VAL A 429 10.28 -24.61 18.79
CA VAL A 429 9.53 -25.56 19.62
C VAL A 429 10.36 -26.09 20.78
N CYS A 430 11.55 -25.51 20.96
CA CYS A 430 12.38 -25.83 22.12
C CYS A 430 11.82 -25.25 23.42
N PHE A 431 10.99 -24.21 23.36
CA PHE A 431 10.49 -23.59 24.59
C PHE A 431 9.26 -24.36 25.08
N GLN A 432 9.27 -24.72 26.36
CA GLN A 432 8.20 -25.52 26.99
C GLN A 432 6.89 -24.74 26.91
N PHE A 433 5.75 -25.45 26.89
CA PHE A 433 5.65 -26.92 26.96
C PHE A 433 4.98 -27.57 25.72
N ASP A 434 5.47 -28.72 25.28
CA ASP A 434 4.79 -29.54 24.29
C ASP A 434 4.65 -28.86 22.93
N ALA A 435 5.47 -27.84 22.67
CA ALA A 435 5.40 -27.15 21.39
C ALA A 435 5.66 -28.06 20.17
N PRO A 436 6.62 -29.00 20.20
CA PRO A 436 6.78 -29.87 19.02
C PRO A 436 5.50 -30.61 18.67
N PHE A 437 4.76 -31.06 19.68
CA PHE A 437 3.51 -31.77 19.42
C PHE A 437 2.49 -30.86 18.75
N VAL A 438 2.29 -29.65 19.29
CA VAL A 438 1.30 -28.75 18.72
C VAL A 438 1.70 -28.32 17.32
N PHE A 439 3.00 -28.12 17.11
CA PHE A 439 3.48 -27.83 15.75
C PHE A 439 3.09 -28.97 14.82
N ALA A 440 3.41 -30.20 15.19
CA ALA A 440 3.08 -31.34 14.33
C ALA A 440 1.58 -31.38 14.03
N GLU A 441 0.77 -30.99 15.01
CA GLU A 441 -0.68 -30.92 14.78
C GLU A 441 -1.03 -29.94 13.68
N VAL A 442 -0.29 -28.84 13.54
CA VAL A 442 -0.71 -27.78 12.61
C VAL A 442 0.07 -27.73 11.31
N ASN A 443 1.30 -28.28 11.25
CA ASN A 443 2.10 -28.08 10.04
C ASN A 443 3.07 -29.22 9.74
N SER A 444 2.81 -30.44 10.20
CA SER A 444 3.71 -31.53 9.82
C SER A 444 3.50 -31.94 8.36
N ASP A 445 4.58 -32.35 7.72
CA ASP A 445 4.48 -32.92 6.38
C ASP A 445 4.01 -34.37 6.43
N LEU A 446 3.46 -34.84 5.31
CA LEU A 446 3.18 -36.26 5.13
C LEU A 446 4.37 -36.91 4.41
N ILE A 447 4.92 -37.96 4.99
CA ILE A 447 6.09 -38.65 4.46
C ILE A 447 5.66 -40.07 4.06
N TYR A 448 5.56 -40.32 2.76
CA TYR A 448 5.18 -41.63 2.26
C TYR A 448 6.42 -42.52 2.15
N ILE A 449 6.41 -43.64 2.88
CA ILE A 449 7.58 -44.51 3.04
C ILE A 449 7.23 -45.94 2.66
N THR A 450 8.14 -46.62 1.97
CA THR A 450 8.02 -48.04 1.70
C THR A 450 9.17 -48.76 2.41
N ALA A 451 8.82 -49.63 3.35
CA ALA A 451 9.81 -50.50 3.97
C ALA A 451 9.94 -51.78 3.16
N LYS A 452 11.15 -52.33 3.15
CA LYS A 452 11.48 -53.45 2.28
C LYS A 452 12.55 -54.30 2.98
N LYS A 453 13.08 -55.27 2.24
CA LYS A 453 14.21 -56.09 2.68
C LYS A 453 15.33 -55.24 3.31
N VAL A 458 12.58 -46.34 2.19
CA VAL A 458 12.55 -45.62 0.91
C VAL A 458 11.41 -44.59 0.86
N VAL A 459 11.74 -43.32 0.64
CA VAL A 459 10.78 -42.22 0.67
C VAL A 459 10.18 -42.00 -0.72
N GLU A 460 8.85 -42.06 -0.81
CA GLU A 460 8.18 -42.07 -2.10
C GLU A 460 7.35 -40.83 -2.42
N ASN A 461 6.85 -40.09 -1.44
CA ASN A 461 6.10 -38.86 -1.72
C ASN A 461 6.09 -37.98 -0.49
N VAL A 462 5.89 -36.67 -0.71
CA VAL A 462 5.89 -35.69 0.37
C VAL A 462 4.74 -34.71 0.13
N ASP A 463 3.76 -34.67 1.03
CA ASP A 463 2.67 -33.70 0.97
C ASP A 463 2.88 -32.64 2.06
N ALA A 464 3.08 -31.40 1.63
CA ALA A 464 3.43 -30.32 2.55
C ALA A 464 2.28 -29.36 2.83
N THR A 465 1.08 -29.59 2.29
CA THR A 465 -0.07 -28.70 2.50
C THR A 465 -1.26 -29.41 3.11
N HIS A 466 -1.18 -30.71 3.39
CA HIS A 466 -2.36 -31.42 3.82
C HIS A 466 -2.75 -31.04 5.24
N ILE A 467 -1.78 -30.94 6.14
CA ILE A 467 -2.06 -30.79 7.56
C ILE A 467 -2.40 -29.34 7.86
N GLY A 468 -3.48 -29.14 8.60
CA GLY A 468 -3.83 -27.85 9.14
C GLY A 468 -4.23 -26.84 8.10
N LYS A 469 -5.24 -27.16 7.29
CA LYS A 469 -5.65 -26.28 6.21
C LYS A 469 -6.26 -24.97 6.70
N LEU A 470 -6.79 -24.94 7.93
CA LEU A 470 -7.50 -23.77 8.41
C LEU A 470 -7.72 -23.91 9.91
N ILE A 471 -7.50 -22.80 10.63
CA ILE A 471 -7.61 -22.75 12.09
C ILE A 471 -8.45 -21.53 12.44
N VAL A 472 -9.51 -21.74 13.22
CA VAL A 472 -10.50 -20.70 13.46
C VAL A 472 -10.87 -20.62 14.93
N THR A 473 -11.52 -19.51 15.28
CA THR A 473 -12.02 -19.28 16.63
C THR A 473 -13.21 -18.32 16.53
N LYS A 474 -14.07 -18.34 17.55
CA LYS A 474 -15.24 -17.45 17.53
C LYS A 474 -14.81 -15.99 17.39
N GLN A 475 -15.50 -15.26 16.53
CA GLN A 475 -15.22 -13.84 16.40
C GLN A 475 -15.70 -13.09 17.65
N ILE A 476 -15.10 -11.91 17.87
CA ILE A 476 -15.55 -11.04 18.95
C ILE A 476 -16.88 -10.42 18.55
N GLY A 477 -17.83 -10.42 19.48
CA GLY A 477 -19.11 -9.73 19.26
C GLY A 477 -19.96 -10.29 18.14
N GLY A 478 -20.04 -11.61 18.05
CA GLY A 478 -20.77 -12.25 16.98
C GLY A 478 -20.43 -13.72 16.98
N ASP A 479 -21.16 -14.48 16.15
CA ASP A 479 -21.00 -15.93 16.11
C ASP A 479 -20.18 -16.43 14.94
N GLY A 480 -19.61 -15.54 14.11
CA GLY A 480 -18.88 -15.97 12.95
C GLY A 480 -17.46 -16.42 13.23
N MET A 481 -16.83 -16.98 12.21
CA MET A 481 -15.44 -17.42 12.30
C MET A 481 -14.47 -16.26 12.29
N MET A 482 -13.31 -16.50 12.88
CA MET A 482 -12.13 -15.67 12.69
C MET A 482 -11.02 -16.60 12.22
N ASP A 483 -10.55 -16.40 10.99
CA ASP A 483 -9.40 -17.16 10.51
C ASP A 483 -8.18 -16.71 11.30
N ILE A 484 -7.54 -17.63 12.01
CA ILE A 484 -6.36 -17.28 12.81
C ILE A 484 -5.21 -18.20 12.44
N THR A 485 -5.28 -18.79 11.24
CA THR A 485 -4.24 -19.70 10.77
C THR A 485 -2.87 -19.04 10.80
N ASP A 486 -2.82 -17.76 10.40
CA ASP A 486 -1.56 -17.02 10.32
C ASP A 486 -0.86 -16.85 11.66
N THR A 487 -1.56 -17.00 12.78
CA THR A 487 -0.87 -16.94 14.06
C THR A 487 -0.08 -18.21 14.32
N TYR A 488 -0.51 -19.34 13.74
CA TYR A 488 0.17 -20.62 13.93
C TYR A 488 1.21 -20.93 12.88
N LYS A 489 1.01 -20.51 11.64
CA LYS A 489 1.94 -20.92 10.59
C LYS A 489 1.98 -19.88 9.50
N PHE A 490 3.10 -19.85 8.77
CA PHE A 490 3.18 -19.01 7.60
C PHE A 490 2.38 -19.66 6.47
N GLN A 491 2.03 -18.85 5.46
CA GLN A 491 1.18 -19.33 4.39
C GLN A 491 1.89 -20.43 3.58
N GLU A 492 1.13 -21.46 3.22
CA GLU A 492 1.66 -22.56 2.43
C GLU A 492 2.21 -22.08 1.09
N GLY A 493 3.42 -22.52 0.76
CA GLY A 493 4.07 -22.12 -0.46
C GLY A 493 5.09 -21.02 -0.26
N GLN A 494 4.93 -20.22 0.79
CA GLN A 494 5.90 -19.21 1.15
C GLN A 494 7.17 -19.87 1.65
N GLU A 495 8.31 -19.27 1.33
CA GLU A 495 9.56 -19.86 1.76
C GLU A 495 9.72 -19.81 3.27
N GLU A 496 9.05 -18.88 3.95
CA GLU A 496 9.15 -18.82 5.41
C GLU A 496 8.54 -20.06 6.05
N GLU A 497 7.40 -20.52 5.51
CA GLU A 497 6.76 -21.73 6.03
C GLU A 497 7.75 -22.89 6.05
N ARG A 498 8.52 -23.04 4.98
CA ARG A 498 9.50 -24.11 4.89
C ARG A 498 10.59 -23.93 5.93
N LEU A 499 11.13 -22.71 6.04
CA LEU A 499 12.24 -22.46 6.95
C LEU A 499 11.83 -22.66 8.41
N ALA A 500 10.62 -22.24 8.78
CA ALA A 500 10.16 -22.47 10.14
C ALA A 500 10.02 -23.97 10.42
N LEU A 501 9.49 -24.74 9.47
CA LEU A 501 9.38 -26.19 9.69
C LEU A 501 10.76 -26.83 9.81
N GLU A 502 11.71 -26.44 8.95
CA GLU A 502 13.04 -27.04 9.06
C GLU A 502 13.66 -26.70 10.41
N THR A 503 13.39 -25.50 10.92
CA THR A 503 13.79 -25.14 12.28
C THR A 503 13.08 -26.03 13.30
N ALA A 504 11.78 -26.19 13.13
CA ALA A 504 11.00 -27.02 14.04
C ALA A 504 11.59 -28.42 14.12
N LEU A 505 11.89 -29.02 12.98
CA LEU A 505 12.49 -30.36 12.98
C LEU A 505 13.87 -30.35 13.62
N MET A 506 14.57 -29.23 13.57
CA MET A 506 15.91 -29.16 14.14
C MET A 506 15.87 -29.05 15.66
N TYR A 507 14.85 -28.38 16.21
CA TYR A 507 14.69 -28.35 17.65
C TYR A 507 14.02 -29.61 18.18
N GLY A 508 13.66 -30.54 17.31
CA GLY A 508 13.16 -31.84 17.71
C GLY A 508 11.93 -31.79 18.57
N SER A 523 28.26 -27.73 9.59
CA SER A 523 28.54 -27.27 8.24
C SER A 523 29.45 -26.04 8.24
N ASN A 524 29.85 -25.59 9.43
CA ASN A 524 30.94 -24.64 9.62
C ASN A 524 30.57 -23.21 9.27
N VAL A 525 29.29 -22.86 9.26
CA VAL A 525 28.85 -21.49 9.03
C VAL A 525 28.28 -20.98 10.34
N ASP A 526 28.69 -19.77 10.73
CA ASP A 526 28.15 -19.10 11.91
C ASP A 526 27.30 -17.93 11.47
N MET A 527 26.16 -17.74 12.13
CA MET A 527 25.29 -16.63 11.77
C MET A 527 24.86 -15.86 13.00
N ASP A 528 24.85 -14.54 12.88
CA ASP A 528 24.49 -13.72 14.02
C ASP A 528 23.98 -12.41 13.47
N PHE A 529 23.18 -11.71 14.26
CA PHE A 529 22.73 -10.38 13.86
C PHE A 529 22.76 -9.46 15.07
N GLU A 530 23.05 -8.19 14.80
CA GLU A 530 22.99 -7.13 15.80
C GLU A 530 22.23 -5.96 15.21
N VAL A 531 21.47 -5.28 16.06
CA VAL A 531 20.72 -4.11 15.62
C VAL A 531 21.63 -2.90 15.86
N GLU A 532 22.01 -2.23 14.77
CA GLU A 532 22.97 -1.14 14.82
C GLU A 532 22.32 0.12 15.37
N ASN A 533 22.77 0.54 16.57
CA ASN A 533 22.37 1.75 17.29
C ASN A 533 20.97 2.26 16.92
N ALA A 534 19.94 1.69 17.53
CA ALA A 534 18.56 1.94 17.14
C ALA A 534 17.95 3.00 18.05
N VAL A 535 17.52 4.10 17.48
CA VAL A 535 16.89 5.18 18.22
C VAL A 535 15.46 5.33 17.76
N LEU A 536 14.53 5.37 18.73
CA LEU A 536 13.14 5.67 18.45
C LEU A 536 12.99 6.96 17.62
N GLY A 537 12.22 6.87 16.54
CA GLY A 537 11.97 8.01 15.67
C GLY A 537 12.85 8.07 14.44
N LYS A 538 13.92 7.27 14.39
CA LYS A 538 14.86 7.22 13.28
C LYS A 538 14.88 5.81 12.67
N ASP A 539 15.28 5.74 11.40
CA ASP A 539 15.59 4.46 10.77
C ASP A 539 16.76 3.80 11.52
N PHE A 540 16.97 2.52 11.25
CA PHE A 540 18.14 1.83 11.77
C PHE A 540 18.45 0.58 10.94
N LYS A 541 19.63 0.02 11.18
CA LYS A 541 20.15 -1.08 10.38
C LYS A 541 20.22 -2.34 11.24
N LEU A 542 19.69 -3.42 10.69
CA LEU A 542 19.80 -4.78 11.22
C LEU A 542 20.92 -5.47 10.45
N SER A 543 22.04 -5.75 11.11
CA SER A 543 23.21 -6.30 10.44
C SER A 543 23.31 -7.78 10.74
N ILE A 544 22.92 -8.62 9.77
CA ILE A 544 23.02 -10.08 9.87
C ILE A 544 24.39 -10.50 9.33
N THR A 545 25.14 -11.24 10.15
CA THR A 545 26.51 -11.62 9.81
C THR A 545 26.62 -13.12 9.65
N PHE A 546 27.13 -13.56 8.50
CA PHE A 546 27.53 -14.94 8.31
C PHE A 546 29.05 -15.02 8.25
N ARG A 547 29.61 -16.00 8.93
CA ARG A 547 31.05 -16.28 8.91
C ARG A 547 31.20 -17.68 8.34
N ASN A 548 31.81 -17.79 7.17
CA ASN A 548 32.10 -19.08 6.55
C ASN A 548 33.56 -19.44 6.81
N ASN A 549 33.78 -20.42 7.68
CA ASN A 549 35.12 -20.89 8.01
C ASN A 549 35.55 -22.08 7.16
N SER A 550 34.70 -22.57 6.27
CA SER A 550 35.04 -23.71 5.42
C SER A 550 35.64 -23.25 4.09
N HIS A 551 36.21 -24.20 3.34
CA HIS A 551 36.75 -23.94 2.01
C HIS A 551 35.71 -24.03 0.92
N ASN A 552 34.42 -24.09 1.28
CA ASN A 552 33.33 -24.27 0.33
C ASN A 552 32.61 -22.95 0.08
N ARG A 553 32.01 -22.84 -1.10
CA ARG A 553 31.06 -21.77 -1.39
C ARG A 553 29.67 -22.31 -1.12
N TYR A 554 28.92 -21.61 -0.25
CA TYR A 554 27.58 -22.00 0.13
C TYR A 554 26.58 -20.98 -0.40
N THR A 555 25.33 -21.42 -0.56
CA THR A 555 24.23 -20.51 -0.83
C THR A 555 23.26 -20.55 0.34
N ILE A 556 22.75 -19.37 0.69
CA ILE A 556 21.90 -19.21 1.86
C ILE A 556 20.53 -18.74 1.39
N THR A 557 19.49 -19.39 1.89
CA THR A 557 18.11 -18.93 1.77
C THR A 557 17.63 -18.63 3.18
N ALA A 558 16.98 -17.48 3.36
CA ALA A 558 16.71 -17.02 4.70
C ALA A 558 15.51 -16.08 4.70
N TYR A 559 14.90 -15.93 5.86
CA TYR A 559 13.88 -14.91 6.08
C TYR A 559 14.14 -14.22 7.41
N LEU A 560 13.56 -13.04 7.57
CA LEU A 560 13.65 -12.30 8.81
C LEU A 560 12.27 -11.78 9.19
N SER A 561 11.97 -11.83 10.49
CA SER A 561 10.71 -11.34 11.03
C SER A 561 10.98 -10.37 12.17
N ALA A 562 10.53 -9.12 12.00
CA ALA A 562 10.71 -8.06 12.98
C ALA A 562 9.36 -7.70 13.58
N ASN A 563 9.34 -7.55 14.91
CA ASN A 563 8.12 -7.52 15.70
C ASN A 563 8.18 -6.47 16.79
N ILE A 564 7.00 -5.95 17.15
CA ILE A 564 6.80 -5.16 18.36
C ILE A 564 6.28 -6.05 19.47
N THR A 565 6.86 -5.88 20.65
CA THR A 565 6.56 -6.65 21.84
C THR A 565 6.28 -5.69 22.99
N PHE A 566 5.27 -6.00 23.79
CA PHE A 566 5.09 -5.28 25.04
C PHE A 566 6.31 -5.55 25.92
N TYR A 567 6.56 -4.65 26.88
CA TYR A 567 7.71 -4.91 27.74
C TYR A 567 7.51 -6.14 28.63
N THR A 568 6.26 -6.52 28.94
CA THR A 568 6.03 -7.80 29.63
C THR A 568 6.35 -9.01 28.77
N GLY A 569 6.63 -8.84 27.49
CA GLY A 569 7.00 -9.95 26.64
C GLY A 569 5.88 -10.52 25.78
N VAL A 570 4.68 -9.94 25.84
CA VAL A 570 3.58 -10.33 24.97
C VAL A 570 3.84 -9.73 23.59
N PRO A 571 3.64 -10.47 22.51
CA PRO A 571 3.83 -9.90 21.18
C PRO A 571 2.62 -9.07 20.76
N LYS A 572 2.89 -8.04 19.97
CA LYS A 572 1.83 -7.17 19.46
C LYS A 572 1.68 -7.32 17.94
N ALA A 573 2.73 -7.04 17.17
CA ALA A 573 2.60 -7.14 15.72
C ALA A 573 3.93 -7.41 15.06
N GLU A 574 3.87 -8.12 13.94
CA GLU A 574 4.96 -8.17 12.98
C GLU A 574 4.86 -6.95 12.09
N PHE A 575 5.94 -6.17 11.99
CA PHE A 575 5.87 -4.97 11.18
C PHE A 575 6.72 -5.04 9.92
N LYS A 576 7.54 -6.08 9.78
CA LYS A 576 8.41 -6.25 8.62
C LYS A 576 8.75 -7.71 8.48
N LYS A 577 8.58 -8.25 7.28
CA LYS A 577 8.93 -9.63 6.99
C LYS A 577 9.64 -9.68 5.66
N GLU A 578 10.89 -10.15 5.64
CA GLU A 578 11.63 -10.27 4.40
C GLU A 578 12.25 -11.66 4.29
N THR A 579 12.26 -12.18 3.08
CA THR A 579 13.04 -13.35 2.71
C THR A 579 14.09 -12.93 1.70
N PHE A 580 15.29 -13.52 1.79
CA PHE A 580 16.38 -13.04 0.97
C PHE A 580 17.41 -14.15 0.77
N ASP A 581 18.15 -14.06 -0.33
CA ASP A 581 19.19 -15.03 -0.66
C ASP A 581 20.55 -14.36 -0.66
N VAL A 582 21.57 -15.12 -0.32
CA VAL A 582 22.93 -14.61 -0.30
C VAL A 582 23.89 -15.77 -0.55
N THR A 583 24.96 -15.48 -1.29
CA THR A 583 26.02 -16.44 -1.50
C THR A 583 27.15 -16.18 -0.50
N LEU A 584 27.79 -17.26 -0.05
CA LEU A 584 28.78 -17.20 1.01
C LEU A 584 30.08 -17.79 0.48
N GLU A 585 30.99 -16.92 0.07
CA GLU A 585 32.27 -17.37 -0.44
C GLU A 585 33.08 -18.01 0.68
N PRO A 586 34.03 -18.88 0.34
CA PRO A 586 34.79 -19.58 1.37
C PRO A 586 35.67 -18.65 2.17
N LEU A 587 35.92 -19.02 3.43
CA LEU A 587 36.89 -18.36 4.29
C LEU A 587 36.65 -16.85 4.36
N SER A 588 35.39 -16.47 4.59
CA SER A 588 35.01 -15.07 4.52
C SER A 588 33.87 -14.78 5.47
N PHE A 589 33.86 -13.57 6.04
CA PHE A 589 32.66 -13.07 6.70
C PHE A 589 31.85 -12.28 5.69
N LYS A 590 30.59 -12.02 6.02
CA LYS A 590 29.70 -11.34 5.08
C LYS A 590 28.54 -10.73 5.85
N LYS A 591 28.45 -9.40 5.86
CA LYS A 591 27.34 -8.68 6.46
C LYS A 591 26.24 -8.38 5.43
N GLU A 592 24.99 -8.55 5.85
CA GLU A 592 23.82 -8.20 5.06
C GLU A 592 22.99 -7.26 5.93
N ALA A 593 23.13 -5.96 5.71
CA ALA A 593 22.45 -4.95 6.53
C ALA A 593 21.04 -4.74 6.02
N VAL A 594 20.07 -4.85 6.91
CA VAL A 594 18.67 -4.67 6.56
C VAL A 594 18.22 -3.33 7.10
N LEU A 595 17.75 -2.47 6.21
CA LEU A 595 17.25 -1.17 6.61
C LEU A 595 15.84 -1.32 7.16
N ILE A 596 15.63 -0.82 8.37
CA ILE A 596 14.32 -0.77 8.99
C ILE A 596 13.98 0.70 9.14
N GLN A 597 13.00 1.17 8.39
CA GLN A 597 12.63 2.56 8.36
C GLN A 597 11.64 2.90 9.47
N ALA A 598 11.72 4.14 9.95
CA ALA A 598 10.85 4.60 11.02
C ALA A 598 9.38 4.34 10.72
N GLY A 599 8.95 4.58 9.47
CA GLY A 599 7.56 4.36 9.14
C GLY A 599 7.10 2.93 9.31
N GLU A 600 8.02 1.98 9.31
CA GLU A 600 7.65 0.58 9.42
C GLU A 600 7.22 0.22 10.85
N TYR A 601 7.76 0.88 11.86
CA TYR A 601 7.40 0.53 13.22
C TYR A 601 6.76 1.66 14.01
N MET A 602 7.02 2.94 13.64
CA MET A 602 6.52 4.08 14.41
C MET A 602 5.00 4.08 14.51
N GLY A 603 4.31 3.54 13.52
CA GLY A 603 2.87 3.56 13.60
C GLY A 603 2.28 2.58 14.59
N GLN A 604 3.10 1.69 15.18
CA GLN A 604 2.58 0.65 16.05
C GLN A 604 3.28 0.57 17.39
N LEU A 605 3.88 1.65 17.87
CA LEU A 605 4.62 1.54 19.12
C LEU A 605 3.72 1.81 20.32
N LEU A 606 4.15 1.29 21.46
CA LEU A 606 3.47 1.45 22.74
C LEU A 606 4.51 1.73 23.81
N GLU A 607 4.05 2.21 24.96
CA GLU A 607 4.97 2.59 26.02
C GLU A 607 5.84 1.41 26.42
N GLN A 608 7.15 1.65 26.47
CA GLN A 608 8.14 0.68 26.87
C GLN A 608 8.19 -0.52 25.94
N ALA A 609 7.65 -0.39 24.74
CA ALA A 609 7.74 -1.47 23.76
C ALA A 609 9.20 -1.76 23.39
N SER A 610 9.50 -3.03 23.23
CA SER A 610 10.76 -3.52 22.70
C SER A 610 10.54 -4.10 21.32
N LEU A 611 11.66 -4.44 20.66
CA LEU A 611 11.62 -5.04 19.33
C LEU A 611 12.14 -6.47 19.38
N HIS A 612 11.47 -7.37 18.63
CA HIS A 612 11.79 -8.80 18.65
C HIS A 612 12.06 -9.28 17.24
N PHE A 613 13.21 -9.88 17.01
CA PHE A 613 13.66 -10.19 15.66
C PHE A 613 13.87 -11.70 15.53
N PHE A 614 13.36 -12.29 14.46
CA PHE A 614 13.66 -13.66 14.11
C PHE A 614 14.49 -13.65 12.83
N VAL A 615 15.59 -14.41 12.82
CA VAL A 615 16.31 -14.71 11.59
C VAL A 615 16.57 -16.21 11.51
N THR A 616 16.20 -16.80 10.37
CA THR A 616 16.41 -18.22 10.10
C THR A 616 17.01 -18.38 8.70
N ALA A 617 18.10 -19.13 8.61
CA ALA A 617 18.81 -19.31 7.34
C ALA A 617 19.14 -20.78 7.13
N ARG A 618 18.92 -21.24 5.90
CA ARG A 618 19.31 -22.59 5.47
C ARG A 618 20.54 -22.50 4.57
N ILE A 619 21.59 -23.20 4.97
CA ILE A 619 22.66 -23.52 4.04
C ILE A 619 22.10 -24.54 3.05
N ASN A 620 21.89 -24.12 1.80
CA ASN A 620 21.18 -24.96 0.84
C ASN A 620 21.98 -26.23 0.52
N GLU A 621 23.29 -26.07 0.28
CA GLU A 621 24.11 -27.23 -0.06
C GLU A 621 24.11 -28.28 1.04
N THR A 622 23.93 -27.86 2.29
CA THR A 622 24.00 -28.75 3.44
C THR A 622 22.65 -29.03 4.08
N ARG A 623 21.60 -28.28 3.71
CA ARG A 623 20.28 -28.34 4.33
C ARG A 623 20.31 -27.95 5.81
N ASP A 624 21.46 -27.51 6.32
CA ASP A 624 21.59 -27.03 7.70
C ASP A 624 20.79 -25.75 7.92
N VAL A 625 20.29 -25.59 9.14
CA VAL A 625 19.47 -24.44 9.51
C VAL A 625 20.09 -23.73 10.69
N LEU A 626 20.28 -22.41 10.56
CA LEU A 626 20.77 -21.56 11.64
C LEU A 626 19.65 -20.61 12.01
N ALA A 627 19.23 -20.63 13.28
CA ALA A 627 18.08 -19.85 13.72
C ALA A 627 18.43 -19.10 14.98
N LYS A 628 18.06 -17.83 15.02
CA LYS A 628 18.35 -16.98 16.17
C LYS A 628 17.17 -16.04 16.37
N GLN A 629 16.91 -15.70 17.63
CA GLN A 629 15.93 -14.68 17.94
C GLN A 629 16.48 -13.82 19.06
N LYS A 630 16.24 -12.51 18.96
CA LYS A 630 16.79 -11.54 19.90
C LYS A 630 15.80 -10.41 20.02
N SER A 631 15.78 -9.83 21.21
CA SER A 631 14.94 -8.68 21.50
C SER A 631 15.82 -7.50 21.85
N THR A 632 15.29 -6.30 21.67
CA THR A 632 16.10 -5.11 21.89
C THR A 632 15.18 -3.94 22.22
N VAL A 633 15.62 -3.10 23.15
CA VAL A 633 14.87 -1.93 23.56
C VAL A 633 15.33 -0.75 22.70
N LEU A 634 14.38 0.06 22.24
CA LEU A 634 14.77 1.24 21.47
C LEU A 634 15.38 2.29 22.40
N THR A 635 16.42 2.95 21.94
CA THR A 635 16.86 4.15 22.64
C THR A 635 15.78 5.21 22.50
N ILE A 636 15.44 5.85 23.62
CA ILE A 636 14.34 6.82 23.62
C ILE A 636 14.83 8.24 23.87
N PRO A 637 14.82 9.10 22.85
CA PRO A 637 15.28 10.48 23.07
C PRO A 637 14.38 11.19 24.05
N GLU A 638 14.99 12.09 24.82
CA GLU A 638 14.32 12.82 25.90
C GLU A 638 13.91 14.22 25.45
N ILE A 639 12.84 14.70 26.08
CA ILE A 639 12.42 16.10 26.03
C ILE A 639 12.01 16.46 27.45
N ILE A 640 12.80 17.28 28.12
CA ILE A 640 12.49 17.72 29.48
C ILE A 640 11.70 19.00 29.40
N ILE A 641 10.67 19.12 30.23
CA ILE A 641 9.84 20.31 30.33
C ILE A 641 9.93 20.81 31.76
N LYS A 642 10.36 22.06 31.95
CA LYS A 642 10.31 22.73 33.25
C LYS A 642 9.30 23.87 33.20
N VAL A 643 8.95 24.36 34.36
CA VAL A 643 8.12 25.54 34.50
C VAL A 643 8.82 26.49 35.46
N ARG A 644 9.20 27.67 34.96
CA ARG A 644 9.78 28.72 35.79
C ARG A 644 8.66 29.70 36.15
N GLY A 645 8.61 30.09 37.41
CA GLY A 645 7.60 30.99 37.88
C GLY A 645 6.42 30.25 38.48
N THR A 646 5.53 31.05 39.09
CA THR A 646 4.38 30.48 39.78
C THR A 646 3.34 29.99 38.80
N GLN A 647 2.65 28.91 39.20
CA GLN A 647 1.66 28.27 38.36
C GLN A 647 0.29 28.51 38.97
N VAL A 648 -0.10 29.80 39.08
CA VAL A 648 -1.43 30.19 39.53
C VAL A 648 -2.26 30.47 38.29
N VAL A 649 -3.56 30.18 38.37
CA VAL A 649 -4.35 30.21 37.15
C VAL A 649 -4.91 31.60 37.01
N GLY A 650 -4.03 32.56 36.80
CA GLY A 650 -4.41 33.94 36.59
C GLY A 650 -3.29 34.78 36.00
N SER A 651 -2.04 34.48 36.39
CA SER A 651 -0.89 35.22 35.90
C SER A 651 -0.09 34.41 34.88
N ASP A 652 1.13 34.87 34.62
CA ASP A 652 1.98 34.29 33.60
C ASP A 652 3.05 33.39 34.20
N MET A 653 3.35 32.30 33.50
CA MET A 653 4.41 31.36 33.83
C MET A 653 5.23 31.06 32.57
N THR A 654 6.43 30.53 32.78
CA THR A 654 7.34 30.27 31.67
C THR A 654 7.64 28.77 31.59
N VAL A 655 7.36 28.20 30.42
CA VAL A 655 7.57 26.77 30.17
C VAL A 655 8.85 26.62 29.37
N ILE A 656 9.84 25.96 29.95
CA ILE A 656 11.12 25.70 29.30
C ILE A 656 11.11 24.26 28.80
N VAL A 657 11.01 24.13 27.48
CA VAL A 657 11.18 22.86 26.79
C VAL A 657 12.65 22.73 26.40
N GLU A 658 13.25 21.58 26.71
CA GLU A 658 14.65 21.30 26.41
C GLU A 658 14.73 20.04 25.55
N PHE A 659 15.52 20.10 24.49
CA PHE A 659 15.79 18.93 23.67
C PHE A 659 17.28 18.82 23.42
N THR A 660 17.78 17.59 23.41
CA THR A 660 19.18 17.32 23.14
C THR A 660 19.26 16.40 21.93
N ASN A 661 20.09 16.76 20.97
CA ASN A 661 20.15 15.94 19.76
C ASN A 661 20.81 14.61 20.09
N PRO A 662 20.07 13.51 20.09
CA PRO A 662 20.65 12.24 20.51
C PRO A 662 21.52 11.58 19.46
N LEU A 663 21.52 12.09 18.23
CA LEU A 663 22.18 11.43 17.11
C LEU A 663 23.52 12.10 16.82
N LYS A 664 24.42 11.31 16.22
CA LYS A 664 25.69 11.81 15.70
C LYS A 664 25.52 12.60 14.41
N GLU A 665 24.31 12.68 13.86
CA GLU A 665 24.02 13.43 12.64
C GLU A 665 23.47 14.81 12.97
N THR A 666 23.39 15.65 11.93
CA THR A 666 22.82 16.98 12.09
C THR A 666 21.32 16.94 11.82
N LEU A 667 20.53 17.30 12.83
CA LEU A 667 19.09 17.46 12.64
C LEU A 667 18.79 18.76 11.93
N ARG A 668 17.74 18.77 11.11
CA ARG A 668 17.39 19.96 10.36
C ARG A 668 15.88 20.12 10.33
N ASN A 669 15.44 21.37 10.27
CA ASN A 669 14.01 21.72 10.29
C ASN A 669 13.33 21.10 11.50
N VAL A 670 14.00 21.18 12.65
CA VAL A 670 13.49 20.70 13.92
C VAL A 670 12.28 21.52 14.34
N TRP A 671 11.07 20.99 14.16
CA TRP A 671 9.87 21.59 14.74
C TRP A 671 9.68 21.08 16.16
N VAL A 672 9.31 21.98 17.06
CA VAL A 672 8.99 21.64 18.44
C VAL A 672 7.62 22.21 18.76
N HIS A 673 6.72 21.35 19.22
CA HIS A 673 5.35 21.70 19.55
C HIS A 673 5.14 21.60 21.05
N LEU A 674 4.34 22.50 21.59
CA LEU A 674 3.92 22.45 22.98
C LEU A 674 2.41 22.45 23.02
N ASP A 675 1.85 21.57 23.84
CA ASP A 675 0.42 21.42 23.98
C ASP A 675 0.12 21.38 25.47
N GLY A 676 -1.04 21.92 25.86
CA GLY A 676 -1.40 21.99 27.25
C GLY A 676 -2.74 22.67 27.44
N PRO A 677 -3.82 21.88 27.33
CA PRO A 677 -5.17 22.45 27.21
C PRO A 677 -5.56 23.50 28.25
N GLY A 678 -5.02 23.46 29.45
CA GLY A 678 -5.42 24.46 30.42
C GLY A 678 -4.43 25.59 30.58
N VAL A 679 -3.21 25.38 30.10
CA VAL A 679 -2.08 26.26 30.38
C VAL A 679 -1.74 27.13 29.18
N THR A 680 -1.90 26.60 27.96
CA THR A 680 -1.50 27.36 26.79
C THR A 680 -2.31 26.95 25.57
N ARG A 681 -2.59 27.92 24.71
CA ARG A 681 -2.96 27.56 23.36
C ARG A 681 -1.78 26.82 22.75
N PRO A 682 -2.03 25.93 21.80
CA PRO A 682 -0.93 25.17 21.19
C PRO A 682 0.07 26.07 20.46
N MET A 683 1.36 25.73 20.56
CA MET A 683 2.42 26.58 20.05
C MET A 683 3.52 25.74 19.45
N LYS A 684 4.35 26.40 18.62
CA LYS A 684 5.41 25.76 17.88
C LYS A 684 6.60 26.70 17.80
N LYS A 685 7.79 26.12 17.86
CA LYS A 685 9.03 26.82 17.65
C LYS A 685 9.84 25.99 16.69
N MET A 686 10.53 26.65 15.77
CA MET A 686 11.31 25.94 14.77
C MET A 686 12.79 26.18 15.02
N PHE A 687 13.60 25.21 14.61
CA PHE A 687 15.05 25.33 14.67
C PHE A 687 15.56 24.83 13.33
N ARG A 688 16.34 25.67 12.65
CA ARG A 688 16.79 25.28 11.32
C ARG A 688 17.76 24.11 11.40
N GLU A 689 18.54 24.04 12.47
CA GLU A 689 19.54 23.00 12.61
C GLU A 689 19.84 22.79 14.08
N ILE A 690 20.08 21.54 14.47
CA ILE A 690 20.71 21.20 15.75
C ILE A 690 21.92 20.35 15.41
N ARG A 691 23.11 20.89 15.67
CA ARG A 691 24.34 20.19 15.40
C ARG A 691 24.38 18.91 16.24
N PRO A 692 25.28 17.98 15.91
CA PRO A 692 25.36 16.72 16.67
C PRO A 692 25.53 16.95 18.17
N ASN A 693 24.81 16.14 18.95
CA ASN A 693 24.86 16.12 20.41
C ASN A 693 24.71 17.52 21.02
N SER A 694 24.07 18.44 20.31
CA SER A 694 23.83 19.78 20.83
C SER A 694 22.44 19.85 21.47
N THR A 695 22.21 20.92 22.21
CA THR A 695 21.02 21.07 23.05
C THR A 695 20.37 22.42 22.77
N VAL A 696 19.05 22.42 22.60
CA VAL A 696 18.31 23.66 22.38
C VAL A 696 17.31 23.84 23.52
N GLN A 697 16.99 25.10 23.83
CA GLN A 697 16.02 25.46 24.85
C GLN A 697 14.99 26.41 24.27
N TRP A 698 13.74 26.25 24.70
CA TRP A 698 12.61 27.03 24.20
C TRP A 698 11.80 27.49 25.41
N GLU A 699 11.72 28.81 25.58
CA GLU A 699 10.94 29.39 26.66
C GLU A 699 9.61 29.86 26.10
N GLU A 700 8.53 29.50 26.75
CA GLU A 700 7.18 29.88 26.33
C GLU A 700 6.49 30.58 27.48
N VAL A 701 5.96 31.75 27.22
CA VAL A 701 5.14 32.43 28.21
C VAL A 701 3.71 31.91 28.08
N CYS A 702 3.10 31.58 29.22
CA CYS A 702 1.75 31.05 29.26
C CYS A 702 0.97 31.77 30.34
N ARG A 703 -0.31 31.98 30.09
CA ARG A 703 -1.26 32.41 31.13
C ARG A 703 -2.28 31.29 31.28
N PRO A 704 -2.13 30.43 32.29
CA PRO A 704 -3.14 29.38 32.50
C PRO A 704 -4.49 29.99 32.84
N TRP A 705 -5.54 29.39 32.31
CA TRP A 705 -6.89 29.89 32.55
C TRP A 705 -7.80 28.92 33.27
N VAL A 706 -7.29 27.74 33.68
CA VAL A 706 -8.05 26.80 34.49
C VAL A 706 -7.18 26.35 35.67
N SER A 707 -7.83 26.06 36.81
CA SER A 707 -7.16 25.55 37.98
C SER A 707 -7.31 24.03 38.03
N GLY A 708 -6.34 23.36 38.65
CA GLY A 708 -6.41 21.92 38.84
C GLY A 708 -5.16 21.25 38.34
N HIS A 709 -5.22 19.92 38.22
CA HIS A 709 -4.07 19.10 37.82
C HIS A 709 -4.09 18.86 36.31
N ARG A 710 -3.58 19.85 35.56
CA ARG A 710 -3.53 19.79 34.11
C ARG A 710 -2.17 19.24 33.68
N LYS A 711 -1.88 19.23 32.36
CA LYS A 711 -0.69 18.57 31.86
C LYS A 711 -0.16 19.23 30.59
N LEU A 712 1.18 19.30 30.48
CA LEU A 712 1.88 19.85 29.31
C LEU A 712 2.57 18.73 28.53
N ILE A 713 2.46 18.78 27.21
CA ILE A 713 3.02 17.77 26.32
C ILE A 713 3.83 18.45 25.23
N ALA A 714 5.03 17.93 24.97
CA ALA A 714 5.95 18.48 23.99
C ALA A 714 6.22 17.43 22.91
N SER A 715 6.49 17.91 21.69
CA SER A 715 6.82 17.05 20.55
C SER A 715 7.93 17.68 19.73
N MET A 716 8.72 16.83 19.10
CA MET A 716 9.79 17.23 18.21
C MET A 716 9.66 16.42 16.93
N SER A 717 9.92 17.06 15.80
CA SER A 717 10.07 16.35 14.54
C SER A 717 11.08 17.08 13.65
N SER A 718 11.86 16.33 12.90
CA SER A 718 12.88 16.91 12.04
C SER A 718 12.83 16.17 10.71
N ASP A 719 13.79 16.46 9.84
CA ASP A 719 13.87 15.78 8.55
C ASP A 719 14.14 14.29 8.72
N SER A 720 14.85 13.92 9.80
CA SER A 720 15.20 12.52 10.05
C SER A 720 14.55 12.02 11.33
N LEU A 721 15.02 12.46 12.50
CA LEU A 721 14.36 12.08 13.76
C LEU A 721 13.00 12.75 13.84
N ARG A 722 11.96 12.00 14.17
CA ARG A 722 10.65 12.62 14.32
C ARG A 722 9.77 11.87 15.33
N HIS A 723 8.81 12.62 15.89
CA HIS A 723 7.79 12.10 16.81
C HIS A 723 8.41 11.52 18.08
N VAL A 724 9.25 12.31 18.73
CA VAL A 724 9.74 12.04 20.08
C VAL A 724 9.04 13.03 21.00
N TYR A 725 8.67 12.59 22.20
CA TYR A 725 7.79 13.38 23.05
C TYR A 725 8.32 13.52 24.46
N GLY A 726 7.78 14.55 25.12
CA GLY A 726 8.01 14.74 26.54
C GLY A 726 6.72 15.25 27.14
N GLU A 727 6.59 15.06 28.45
CA GLU A 727 5.39 15.45 29.17
C GLU A 727 5.76 15.88 30.58
N LEU A 728 4.87 16.69 31.18
CA LEU A 728 5.04 17.18 32.54
C LEU A 728 3.67 17.47 33.15
N ASP A 729 3.44 16.97 34.36
CA ASP A 729 2.24 17.34 35.10
C ASP A 729 2.44 18.63 35.87
N VAL A 730 1.40 19.47 35.88
CA VAL A 730 1.44 20.75 36.57
C VAL A 730 0.11 20.96 37.28
N GLN A 731 0.16 21.42 38.54
CA GLN A 731 -1.02 21.84 39.29
C GLN A 731 -1.21 23.35 39.16
N ILE A 732 -2.47 23.77 39.10
CA ILE A 732 -2.81 25.20 39.01
C ILE A 732 -3.82 25.56 40.09
N PRO B 22 5.71 -5.63 -4.47
CA PRO B 22 4.90 -6.29 -5.49
C PRO B 22 4.40 -5.30 -6.54
N PRO B 23 4.09 -5.80 -7.74
CA PRO B 23 3.72 -4.88 -8.83
C PRO B 23 2.41 -4.18 -8.54
N ASN B 24 2.33 -2.92 -8.96
CA ASN B 24 1.14 -2.09 -8.76
C ASN B 24 0.49 -1.89 -10.13
N ASN B 25 -0.27 -2.91 -10.57
CA ASN B 25 -0.76 -2.93 -11.94
C ASN B 25 -2.29 -3.04 -12.03
N SER B 26 -3.00 -2.56 -11.02
CA SER B 26 -4.46 -2.63 -10.98
C SER B 26 -5.04 -1.37 -10.37
N ASN B 27 -5.77 -0.60 -11.18
CA ASN B 27 -6.52 0.56 -10.70
C ASN B 27 -7.63 0.14 -9.72
N ALA B 28 -8.20 -1.06 -9.92
CA ALA B 28 -9.29 -1.52 -9.09
C ALA B 28 -8.85 -1.89 -7.67
N ALA B 29 -7.64 -2.40 -7.51
CA ALA B 29 -7.16 -2.71 -6.17
C ALA B 29 -6.92 -1.41 -5.38
N GLU B 30 -7.12 -1.48 -4.06
CA GLU B 30 -6.90 -0.32 -3.20
C GLU B 30 -6.14 -0.76 -1.97
N ASP B 31 -5.45 0.16 -1.35
CA ASP B 31 -4.98 -0.06 -0.01
C ASP B 31 -5.89 0.69 0.98
N ASP B 32 -5.65 0.47 2.25
CA ASP B 32 -6.45 1.06 3.32
C ASP B 32 -5.59 2.12 3.99
N LEU B 33 -5.86 3.39 3.70
CA LEU B 33 -5.10 4.45 4.34
C LEU B 33 -5.66 4.71 5.73
N PRO B 34 -4.86 4.62 6.77
CA PRO B 34 -5.35 4.87 8.13
C PRO B 34 -5.89 6.29 8.31
N THR B 35 -6.94 6.41 9.10
CA THR B 35 -7.51 7.70 9.43
C THR B 35 -6.85 8.35 10.65
N VAL B 36 -6.29 7.54 11.55
CA VAL B 36 -5.61 8.01 12.76
C VAL B 36 -4.22 7.40 12.79
N GLU B 37 -3.29 8.04 12.09
CA GLU B 37 -1.94 7.51 11.91
C GLU B 37 -1.02 8.10 12.99
N LEU B 38 -1.21 7.61 14.21
CA LEU B 38 -0.41 8.08 15.33
C LEU B 38 1.01 7.54 15.26
N GLN B 39 1.95 8.32 15.79
CA GLN B 39 3.36 7.96 15.66
C GLN B 39 4.04 8.01 17.01
N GLY B 40 4.93 7.04 17.24
CA GLY B 40 5.68 6.98 18.49
C GLY B 40 4.78 6.67 19.67
N VAL B 41 5.34 6.96 20.84
CA VAL B 41 4.66 6.71 22.11
C VAL B 41 3.93 7.98 22.51
N VAL B 42 2.78 8.21 21.88
CA VAL B 42 1.97 9.39 22.14
C VAL B 42 1.60 9.43 23.62
N PRO B 43 1.91 10.52 24.31
CA PRO B 43 1.56 10.61 25.73
C PRO B 43 0.06 10.52 25.92
N ARG B 44 -0.35 10.03 27.09
CA ARG B 44 -1.76 9.96 27.44
C ARG B 44 -2.34 11.36 27.59
N GLY B 45 -3.58 11.53 27.19
CA GLY B 45 -4.26 12.81 27.39
C GLY B 45 -4.01 13.84 26.32
N VAL B 46 -3.63 13.43 25.11
CA VAL B 46 -3.71 14.36 24.01
C VAL B 46 -5.18 14.71 23.79
N ASN B 47 -5.42 15.87 23.20
CA ASN B 47 -6.75 16.26 22.73
C ASN B 47 -6.69 16.46 21.22
N LEU B 48 -7.08 15.44 20.46
CA LEU B 48 -7.05 15.58 19.02
C LEU B 48 -8.15 16.49 18.48
N GLN B 49 -9.09 16.92 19.33
CA GLN B 49 -10.11 17.86 18.87
C GLN B 49 -9.49 19.22 18.57
N GLU B 50 -8.34 19.54 19.14
CA GLU B 50 -7.70 20.80 18.86
C GLU B 50 -7.28 20.91 17.40
N PHE B 51 -7.24 19.81 16.66
CA PHE B 51 -6.83 19.83 15.27
C PHE B 51 -8.04 19.75 14.36
N LEU B 52 -7.90 20.30 13.16
CA LEU B 52 -8.99 20.36 12.19
C LEU B 52 -9.50 18.97 11.85
N ASN B 53 -10.81 18.87 11.60
CA ASN B 53 -11.34 17.71 10.91
C ASN B 53 -12.30 18.18 9.83
N VAL B 54 -12.42 17.35 8.79
CA VAL B 54 -13.19 17.66 7.61
C VAL B 54 -14.64 17.27 7.83
N THR B 55 -15.56 18.18 7.60
CA THR B 55 -16.96 17.81 7.67
C THR B 55 -17.57 17.46 6.32
N SER B 56 -16.95 17.90 5.22
CA SER B 56 -17.43 17.56 3.89
C SER B 56 -16.45 18.07 2.84
N VAL B 57 -16.45 17.38 1.69
CA VAL B 57 -15.67 17.77 0.52
C VAL B 57 -16.65 18.00 -0.61
N HIS B 58 -16.51 19.12 -1.32
CA HIS B 58 -17.29 19.38 -2.51
C HIS B 58 -16.35 19.39 -3.71
N LEU B 59 -16.76 18.72 -4.79
CA LEU B 59 -15.97 18.72 -6.01
C LEU B 59 -16.62 19.50 -7.14
N PHE B 60 -17.78 20.11 -6.91
CA PHE B 60 -18.49 20.87 -7.94
C PHE B 60 -18.56 20.08 -9.23
N LYS B 61 -18.97 18.81 -9.12
CA LYS B 61 -18.80 17.86 -10.21
C LYS B 61 -20.04 17.69 -11.07
N GLU B 62 -21.05 18.53 -10.91
CA GLU B 62 -22.19 18.47 -11.82
C GLU B 62 -21.74 18.78 -13.25
N ARG B 63 -22.47 18.23 -14.21
CA ARG B 63 -22.05 18.30 -15.60
C ARG B 63 -22.42 19.61 -16.28
N TRP B 64 -23.28 20.42 -15.66
CA TRP B 64 -23.46 21.80 -16.10
C TRP B 64 -22.42 22.72 -15.49
N ASP B 65 -21.69 22.27 -14.48
CA ASP B 65 -20.83 23.15 -13.70
C ASP B 65 -19.47 23.31 -14.36
N THR B 66 -18.70 24.24 -13.79
CA THR B 66 -17.52 24.76 -14.46
C THR B 66 -16.42 23.72 -14.61
N ASN B 67 -16.22 22.86 -13.59
CA ASN B 67 -15.12 21.90 -13.70
C ASN B 67 -15.27 21.02 -14.94
N LYS B 68 -16.37 20.28 -15.05
CA LYS B 68 -16.49 19.32 -16.15
C LYS B 68 -16.64 20.00 -17.49
N VAL B 69 -17.31 21.16 -17.52
CA VAL B 69 -17.47 21.88 -18.78
C VAL B 69 -16.11 22.40 -19.26
N ASP B 70 -15.33 22.99 -18.35
CA ASP B 70 -14.02 23.51 -18.76
C ASP B 70 -13.05 22.39 -19.12
N HIS B 71 -13.17 21.22 -18.48
CA HIS B 71 -12.26 20.13 -18.80
C HIS B 71 -12.78 19.24 -19.94
N HIS B 72 -13.90 19.60 -20.57
CA HIS B 72 -14.48 18.80 -21.66
C HIS B 72 -14.70 17.35 -21.25
N THR B 73 -15.37 17.16 -20.13
CA THR B 73 -15.72 15.85 -19.64
C THR B 73 -17.20 15.78 -19.28
N ASP B 74 -17.95 16.86 -19.56
CA ASP B 74 -19.37 16.94 -19.24
C ASP B 74 -20.19 15.88 -19.98
N LYS B 75 -19.65 15.28 -21.03
CA LYS B 75 -20.45 14.32 -21.78
C LYS B 75 -20.40 12.92 -21.19
N TYR B 76 -19.44 12.63 -20.32
CA TYR B 76 -19.37 11.31 -19.71
C TYR B 76 -20.62 11.06 -18.87
N GLU B 77 -21.19 9.88 -19.05
CA GLU B 77 -22.30 9.41 -18.21
C GLU B 77 -21.72 8.81 -16.94
N ASN B 78 -21.31 9.70 -16.04
CA ASN B 78 -20.55 9.32 -14.87
C ASN B 78 -20.78 10.39 -13.82
N ASN B 79 -21.11 9.98 -12.60
CA ASN B 79 -21.40 10.92 -11.53
C ASN B 79 -20.16 11.40 -10.78
N LYS B 80 -19.00 10.77 -10.98
CA LYS B 80 -17.82 11.19 -10.23
C LYS B 80 -17.12 12.30 -10.99
N LEU B 81 -16.29 13.05 -10.28
CA LEU B 81 -15.49 14.07 -10.93
C LEU B 81 -14.62 13.44 -12.00
N ILE B 82 -14.56 14.10 -13.15
CA ILE B 82 -13.60 13.75 -14.19
C ILE B 82 -12.89 15.02 -14.64
N VAL B 83 -11.56 15.00 -14.60
CA VAL B 83 -10.75 16.15 -14.99
C VAL B 83 -9.68 15.65 -15.97
N ARG B 84 -9.01 16.59 -16.60
CA ARG B 84 -7.90 16.26 -17.50
C ARG B 84 -6.61 16.83 -16.94
N ARG B 85 -5.53 16.08 -17.13
CA ARG B 85 -4.27 16.39 -16.49
C ARG B 85 -3.71 17.74 -16.94
N GLY B 86 -2.89 18.34 -16.06
CA GLY B 86 -2.21 19.60 -16.34
C GLY B 86 -3.09 20.84 -16.38
N GLN B 87 -4.27 20.79 -15.81
CA GLN B 87 -5.24 21.87 -15.89
C GLN B 87 -5.95 21.96 -14.56
N SER B 88 -6.21 23.17 -14.12
CA SER B 88 -6.65 23.33 -12.74
C SER B 88 -8.16 23.15 -12.63
N PHE B 89 -8.60 22.76 -11.43
CA PHE B 89 -10.03 22.62 -11.11
C PHE B 89 -10.27 22.96 -9.64
N TYR B 90 -11.52 23.28 -9.33
CA TYR B 90 -11.92 23.81 -8.03
C TYR B 90 -12.56 22.75 -7.15
N VAL B 91 -12.20 22.75 -5.87
CA VAL B 91 -12.89 21.97 -4.84
C VAL B 91 -13.01 22.83 -3.59
N GLN B 92 -13.80 22.34 -2.64
CA GLN B 92 -14.07 23.05 -1.40
C GLN B 92 -14.07 22.08 -0.23
N ILE B 93 -13.31 22.44 0.81
CA ILE B 93 -13.19 21.67 2.03
C ILE B 93 -13.89 22.46 3.13
N ASP B 94 -14.78 21.79 3.87
CA ASP B 94 -15.42 22.36 5.05
C ASP B 94 -14.82 21.73 6.30
N PHE B 95 -14.29 22.58 7.19
CA PHE B 95 -13.66 22.11 8.41
C PHE B 95 -14.54 22.38 9.62
N SER B 96 -14.13 21.81 10.76
CA SER B 96 -14.89 21.94 12.00
C SER B 96 -14.78 23.33 12.59
N ARG B 97 -13.66 24.01 12.37
CA ARG B 97 -13.51 25.42 12.66
C ARG B 97 -12.78 26.01 11.46
N PRO B 98 -12.82 27.34 11.31
CA PRO B 98 -12.14 27.95 10.15
C PRO B 98 -10.65 27.66 10.14
N TYR B 99 -10.16 27.29 8.96
CA TYR B 99 -8.74 27.03 8.75
C TYR B 99 -7.92 28.24 9.10
N ASP B 100 -6.85 28.01 9.85
CA ASP B 100 -5.92 29.06 10.25
C ASP B 100 -4.49 28.63 9.96
N PRO B 101 -3.84 29.24 8.96
CA PRO B 101 -2.49 28.78 8.57
C PRO B 101 -1.43 29.09 9.59
N ARG B 102 -1.72 29.92 10.60
CA ARG B 102 -0.80 30.09 11.70
C ARG B 102 -0.70 28.81 12.53
N ARG B 103 -1.81 28.07 12.66
CA ARG B 103 -1.83 26.90 13.52
C ARG B 103 -2.05 25.59 12.79
N ASP B 104 -2.64 25.62 11.59
CA ASP B 104 -3.10 24.44 10.88
C ASP B 104 -2.19 24.14 9.69
N LEU B 105 -2.06 22.84 9.41
CA LEU B 105 -1.33 22.37 8.23
C LEU B 105 -1.98 21.09 7.70
N PHE B 106 -2.46 21.14 6.45
CA PHE B 106 -3.04 19.98 5.80
C PHE B 106 -2.62 19.92 4.34
N ARG B 107 -2.95 18.79 3.71
CA ARG B 107 -2.60 18.55 2.33
C ARG B 107 -3.66 17.62 1.77
N VAL B 108 -3.79 17.63 0.45
CA VAL B 108 -4.72 16.77 -0.24
C VAL B 108 -3.88 15.65 -0.84
N GLU B 109 -4.48 14.46 -0.92
CA GLU B 109 -3.81 13.28 -1.46
C GLU B 109 -4.67 12.62 -2.53
N TYR B 110 -4.04 12.23 -3.62
CA TYR B 110 -4.67 11.36 -4.59
C TYR B 110 -3.83 10.09 -4.64
N VAL B 111 -4.50 8.94 -4.62
CA VAL B 111 -3.85 7.65 -4.42
C VAL B 111 -4.43 6.66 -5.42
N ILE B 112 -3.58 5.84 -6.02
CA ILE B 112 -4.04 4.86 -6.99
C ILE B 112 -3.26 3.56 -6.82
N GLY B 113 -4.00 2.45 -6.79
CA GLY B 113 -3.41 1.13 -6.66
C GLY B 113 -3.37 0.65 -5.23
N ARG B 114 -2.98 -0.61 -5.08
CA ARG B 114 -2.88 -1.20 -3.76
C ARG B 114 -1.51 -0.96 -3.15
N TYR B 115 -0.53 -0.59 -3.96
CA TYR B 115 0.84 -0.34 -3.50
C TYR B 115 1.31 1.02 -3.99
N PRO B 116 0.68 2.09 -3.52
CA PRO B 116 1.00 3.43 -4.02
C PRO B 116 2.39 3.83 -3.60
N GLN B 117 3.09 4.53 -4.48
CA GLN B 117 4.44 4.98 -4.17
C GLN B 117 4.62 6.38 -4.72
N GLU B 118 5.17 7.28 -3.88
CA GLU B 118 5.36 8.65 -4.33
C GLU B 118 6.38 8.73 -5.47
N ASN B 119 7.53 8.05 -5.32
CA ASN B 119 8.54 8.01 -6.38
C ASN B 119 8.06 7.32 -7.65
N LYS B 120 6.84 6.77 -7.63
CA LYS B 120 6.23 6.17 -8.80
C LYS B 120 5.04 6.96 -9.33
N GLY B 121 4.66 8.05 -8.65
CA GLY B 121 3.51 8.82 -9.08
C GLY B 121 2.15 8.25 -8.72
N THR B 122 2.09 7.22 -7.88
CA THR B 122 0.82 6.60 -7.54
C THR B 122 0.35 6.96 -6.14
N TYR B 123 1.19 7.61 -5.35
CA TYR B 123 0.78 8.39 -4.19
C TYR B 123 1.18 9.83 -4.49
N ILE B 124 0.20 10.72 -4.57
CA ILE B 124 0.41 12.10 -4.99
C ILE B 124 0.02 13.03 -3.86
N PRO B 125 1.00 13.54 -3.10
CA PRO B 125 0.69 14.54 -2.07
C PRO B 125 0.49 15.91 -2.74
N VAL B 126 -0.60 16.59 -2.39
CA VAL B 126 -0.86 17.89 -2.99
C VAL B 126 -0.71 18.98 -1.93
N PRO B 127 0.42 19.69 -1.90
CA PRO B 127 0.59 20.76 -0.89
C PRO B 127 -0.31 21.95 -1.17
N ILE B 128 -0.73 22.61 -0.10
CA ILE B 128 -1.37 23.92 -0.19
C ILE B 128 -0.29 25.00 -0.32
N VAL B 129 -0.28 25.71 -1.44
CA VAL B 129 0.81 26.63 -1.73
C VAL B 129 0.28 28.05 -1.88
N SER B 130 1.22 29.01 -1.76
CA SER B 130 0.93 30.43 -2.02
C SER B 130 0.59 30.66 -3.50
N GLU B 131 1.44 30.17 -4.40
CA GLU B 131 1.24 30.32 -5.84
C GLU B 131 1.39 28.99 -6.54
N LEU B 132 0.47 28.70 -7.45
CA LEU B 132 0.64 27.54 -8.31
C LEU B 132 1.90 27.69 -9.12
N GLN B 133 2.55 26.56 -9.40
CA GLN B 133 3.76 26.51 -10.20
C GLN B 133 3.47 25.74 -11.48
N SER B 134 4.16 26.15 -12.54
CA SER B 134 3.96 25.57 -13.85
C SER B 134 4.23 24.07 -13.84
N GLY B 135 3.21 23.28 -14.15
CA GLY B 135 3.39 21.85 -14.32
C GLY B 135 3.64 21.04 -13.07
N LYS B 136 3.37 21.58 -11.89
CA LYS B 136 3.59 20.88 -10.63
C LYS B 136 2.25 20.75 -9.91
N TRP B 137 2.09 19.64 -9.20
CA TRP B 137 0.91 19.44 -8.38
C TRP B 137 0.87 20.47 -7.25
N GLY B 138 -0.26 21.14 -7.10
CA GLY B 138 -0.45 21.97 -5.93
C GLY B 138 -1.87 22.44 -5.86
N ALA B 139 -2.23 22.94 -4.69
CA ALA B 139 -3.55 23.49 -4.44
C ALA B 139 -3.42 24.86 -3.79
N LYS B 140 -4.17 25.84 -4.33
CA LYS B 140 -4.13 27.22 -3.84
C LYS B 140 -5.50 27.62 -3.28
N ILE B 141 -5.51 28.18 -2.07
CA ILE B 141 -6.74 28.73 -1.50
C ILE B 141 -7.10 30.00 -2.23
N VAL B 142 -8.32 30.05 -2.75
CA VAL B 142 -8.80 31.22 -3.48
C VAL B 142 -10.05 31.81 -2.85
N MET B 143 -10.60 31.16 -1.83
CA MET B 143 -11.78 31.65 -1.15
C MET B 143 -11.80 31.03 0.24
N ARG B 144 -12.11 31.85 1.24
CA ARG B 144 -12.41 31.42 2.59
C ARG B 144 -13.72 32.07 3.00
N GLU B 145 -14.54 31.33 3.74
CA GLU B 145 -15.84 31.82 4.18
C GLU B 145 -16.34 30.85 5.24
N ASP B 146 -16.76 31.38 6.38
CA ASP B 146 -17.08 30.58 7.56
C ASP B 146 -15.96 29.57 7.78
N ARG B 147 -16.28 28.29 7.80
CA ARG B 147 -15.24 27.28 8.01
C ARG B 147 -14.84 26.59 6.71
N SER B 148 -15.17 27.19 5.56
CA SER B 148 -14.91 26.57 4.27
C SER B 148 -13.72 27.23 3.58
N VAL B 149 -13.01 26.44 2.79
CA VAL B 149 -11.93 26.93 1.94
C VAL B 149 -12.13 26.35 0.55
N ARG B 150 -12.08 27.21 -0.46
CA ARG B 150 -12.12 26.76 -1.85
C ARG B 150 -10.71 26.70 -2.39
N LEU B 151 -10.38 25.60 -3.05
CA LEU B 151 -9.06 25.35 -3.58
C LEU B 151 -9.12 25.34 -5.10
N SER B 152 -8.09 25.88 -5.72
CA SER B 152 -7.80 25.62 -7.13
C SER B 152 -6.65 24.63 -7.16
N ILE B 153 -6.94 23.40 -7.58
CA ILE B 153 -5.97 22.32 -7.62
C ILE B 153 -5.43 22.20 -9.04
N GLN B 154 -4.11 22.08 -9.15
CA GLN B 154 -3.48 21.87 -10.43
C GLN B 154 -2.73 20.55 -10.42
N SER B 155 -2.95 19.77 -11.47
CA SER B 155 -2.30 18.48 -11.63
C SER B 155 -1.15 18.58 -12.63
N SER B 156 -0.23 17.64 -12.50
CA SER B 156 0.90 17.54 -13.42
C SER B 156 0.43 17.15 -14.83
N PRO B 157 0.98 17.76 -15.89
CA PRO B 157 0.66 17.32 -17.25
C PRO B 157 1.25 15.96 -17.60
N LYS B 158 2.07 15.39 -16.73
CA LYS B 158 2.60 14.04 -16.92
C LYS B 158 1.90 13.01 -16.05
N CYS B 159 0.77 13.34 -15.44
CA CYS B 159 0.13 12.50 -14.44
C CYS B 159 -0.36 11.16 -15.01
N ILE B 160 -0.42 10.16 -14.13
CA ILE B 160 -0.97 8.87 -14.49
C ILE B 160 -2.46 9.03 -14.76
N VAL B 161 -2.93 8.33 -15.77
CA VAL B 161 -4.33 8.37 -16.17
C VAL B 161 -5.06 7.22 -15.46
N GLY B 162 -6.19 7.52 -14.83
CA GLY B 162 -6.87 6.51 -14.05
C GLY B 162 -7.87 7.15 -13.08
N LYS B 163 -8.44 6.27 -12.25
CA LYS B 163 -9.42 6.63 -11.23
C LYS B 163 -8.68 6.71 -9.90
N PHE B 164 -8.65 7.90 -9.32
CA PHE B 164 -7.90 8.15 -8.10
C PHE B 164 -8.82 8.25 -6.89
N ARG B 165 -8.29 7.80 -5.76
CA ARG B 165 -8.91 8.05 -4.47
C ARG B 165 -8.38 9.33 -3.87
N MET B 166 -9.28 10.11 -3.27
CA MET B 166 -8.96 11.43 -2.71
C MET B 166 -9.03 11.39 -1.18
N TYR B 167 -8.02 11.97 -0.53
CA TYR B 167 -8.07 12.14 0.92
C TYR B 167 -7.60 13.53 1.28
N VAL B 168 -8.06 14.02 2.43
CA VAL B 168 -7.51 15.21 3.04
C VAL B 168 -6.79 14.78 4.30
N ALA B 169 -5.52 15.13 4.39
CA ALA B 169 -4.66 14.71 5.48
C ALA B 169 -4.28 15.95 6.28
N VAL B 170 -4.70 15.99 7.55
CA VAL B 170 -4.36 17.07 8.46
C VAL B 170 -3.18 16.66 9.31
N TRP B 171 -2.13 17.47 9.31
CA TRP B 171 -0.91 17.16 10.03
C TRP B 171 -0.96 17.68 11.46
N THR B 172 -0.61 16.83 12.40
CA THR B 172 -0.55 17.14 13.82
C THR B 172 0.82 16.73 14.34
N PRO B 173 1.23 17.22 15.51
CA PRO B 173 2.53 16.78 16.05
C PRO B 173 2.53 15.32 16.48
N TYR B 174 1.36 14.69 16.56
CA TYR B 174 1.24 13.29 16.96
C TYR B 174 1.05 12.35 15.77
N GLY B 175 0.91 12.89 14.55
CA GLY B 175 0.75 12.11 13.33
C GLY B 175 -0.31 12.73 12.43
N VAL B 176 -0.68 11.99 11.37
CA VAL B 176 -1.62 12.45 10.36
C VAL B 176 -3.04 12.05 10.75
N LEU B 177 -4.00 12.94 10.50
CA LEU B 177 -5.43 12.64 10.66
C LEU B 177 -6.06 12.78 9.29
N ARG B 178 -6.61 11.68 8.79
CA ARG B 178 -6.98 11.58 7.39
C ARG B 178 -8.47 11.34 7.26
N THR B 179 -9.05 11.84 6.16
CA THR B 179 -10.42 11.47 5.86
C THR B 179 -10.55 9.96 5.60
N SER B 180 -11.76 9.46 5.81
CA SER B 180 -12.06 8.06 5.56
C SER B 180 -12.27 7.84 4.07
N ARG B 181 -12.10 6.58 3.65
CA ARG B 181 -12.44 6.17 2.29
C ARG B 181 -13.80 6.73 1.91
N ASN B 182 -13.86 7.42 0.78
CA ASN B 182 -15.10 8.07 0.36
C ASN B 182 -15.23 7.95 -1.14
N PRO B 183 -15.96 6.96 -1.62
CA PRO B 183 -16.07 6.73 -3.07
C PRO B 183 -16.74 7.86 -3.79
N GLU B 184 -17.47 8.72 -3.10
CA GLU B 184 -18.09 9.85 -3.76
C GLU B 184 -17.08 10.88 -4.24
N THR B 185 -15.85 10.84 -3.75
CA THR B 185 -14.83 11.78 -4.16
C THR B 185 -13.76 11.16 -5.05
N ASP B 186 -13.87 9.87 -5.37
CA ASP B 186 -13.02 9.28 -6.38
C ASP B 186 -13.00 10.18 -7.60
N THR B 187 -11.83 10.30 -8.21
CA THR B 187 -11.62 11.31 -9.25
C THR B 187 -10.83 10.74 -10.41
N TYR B 188 -11.40 10.81 -11.60
CA TYR B 188 -10.74 10.37 -12.82
C TYR B 188 -9.89 11.50 -13.38
N ILE B 189 -8.68 11.16 -13.81
CA ILE B 189 -7.79 12.11 -14.45
C ILE B 189 -7.40 11.55 -15.82
N LEU B 190 -7.73 12.27 -16.87
CA LEU B 190 -7.58 11.81 -18.24
C LEU B 190 -6.51 12.61 -18.98
N PHE B 191 -6.16 12.11 -20.17
CA PHE B 191 -5.31 12.86 -21.08
C PHE B 191 -5.98 14.17 -21.51
N ASN B 192 -5.15 15.16 -21.82
CA ASN B 192 -5.63 16.52 -22.06
C ASN B 192 -5.12 17.04 -23.39
N PRO B 193 -5.87 16.82 -24.48
CA PRO B 193 -5.50 17.43 -25.75
C PRO B 193 -5.54 18.95 -25.74
N TRP B 194 -6.14 19.59 -24.73
CA TRP B 194 -6.20 21.05 -24.66
C TRP B 194 -5.04 21.66 -23.88
N CYS B 195 -4.23 20.86 -23.19
CA CYS B 195 -3.10 21.38 -22.44
C CYS B 195 -1.84 21.29 -23.29
N GLU B 196 -1.19 22.43 -23.54
CA GLU B 196 -0.02 22.42 -24.41
C GLU B 196 1.16 21.67 -23.82
N ASP B 197 1.18 21.44 -22.51
CA ASP B 197 2.24 20.66 -21.89
C ASP B 197 1.97 19.16 -21.95
N ASP B 198 0.84 18.74 -22.51
CA ASP B 198 0.53 17.32 -22.58
C ASP B 198 1.10 16.72 -23.85
N ALA B 199 1.63 15.51 -23.72
CA ALA B 199 2.14 14.75 -24.86
C ALA B 199 1.09 14.57 -25.96
N VAL B 200 -0.20 14.69 -25.66
CA VAL B 200 -1.23 14.49 -26.65
C VAL B 200 -1.87 15.81 -27.06
N TYR B 201 -1.24 16.93 -26.70
CA TYR B 201 -1.72 18.25 -27.10
C TYR B 201 -1.99 18.33 -28.60
N LEU B 202 -3.15 18.87 -28.95
CA LEU B 202 -3.58 19.06 -30.33
C LEU B 202 -4.09 20.50 -30.43
N ASP B 203 -3.36 21.36 -31.17
CA ASP B 203 -3.60 22.79 -31.04
C ASP B 203 -4.73 23.30 -31.93
N ASN B 204 -5.74 22.49 -32.21
CA ASN B 204 -6.78 22.84 -33.16
C ASN B 204 -8.13 22.40 -32.61
N GLU B 205 -9.01 23.37 -32.32
CA GLU B 205 -10.26 23.04 -31.66
C GLU B 205 -11.11 22.10 -32.52
N LYS B 206 -11.18 22.37 -33.82
CA LYS B 206 -11.98 21.50 -34.68
C LYS B 206 -11.42 20.08 -34.71
N GLU B 207 -10.08 19.94 -34.72
CA GLU B 207 -9.50 18.60 -34.71
C GLU B 207 -9.76 17.90 -33.39
N ARG B 208 -9.69 18.65 -32.29
CA ARG B 208 -10.00 18.03 -31.00
C ARG B 208 -11.46 17.59 -30.92
N GLU B 209 -12.35 18.33 -31.58
CA GLU B 209 -13.77 17.99 -31.52
C GLU B 209 -14.05 16.66 -32.22
N GLU B 210 -13.39 16.40 -33.35
CA GLU B 210 -13.64 15.17 -34.09
C GLU B 210 -12.89 14.00 -33.50
N TYR B 211 -11.65 14.21 -33.06
CA TYR B 211 -10.78 13.11 -32.64
C TYR B 211 -10.84 12.83 -31.15
N VAL B 212 -11.66 13.56 -30.40
CA VAL B 212 -11.75 13.28 -28.98
C VAL B 212 -13.22 13.21 -28.58
N LEU B 213 -13.99 14.24 -28.95
CA LEU B 213 -15.34 14.41 -28.42
C LEU B 213 -16.43 13.80 -29.29
N ASN B 214 -16.12 13.40 -30.52
CA ASN B 214 -17.12 12.76 -31.37
C ASN B 214 -17.22 11.28 -31.04
N ASP B 215 -18.42 10.83 -30.70
CA ASP B 215 -18.66 9.45 -30.29
C ASP B 215 -19.35 8.61 -31.35
N ILE B 216 -19.63 9.17 -32.52
CA ILE B 216 -20.03 8.40 -33.68
C ILE B 216 -19.02 8.68 -34.78
N GLY B 217 -18.96 7.76 -35.73
CA GLY B 217 -17.97 7.88 -36.77
C GLY B 217 -18.37 7.17 -38.05
N VAL B 218 -17.38 6.95 -38.90
CA VAL B 218 -17.60 6.37 -40.20
C VAL B 218 -16.33 5.65 -40.58
N ILE B 219 -16.49 4.42 -41.07
CA ILE B 219 -15.39 3.56 -41.50
C ILE B 219 -15.65 3.20 -42.96
N PHE B 220 -14.64 3.39 -43.80
CA PHE B 220 -14.77 3.22 -45.24
C PHE B 220 -14.28 1.84 -45.66
N TYR B 221 -14.97 1.24 -46.63
CA TYR B 221 -14.54 -0.04 -47.17
C TYR B 221 -14.98 -0.09 -48.63
N GLY B 222 -15.03 -1.29 -49.22
CA GLY B 222 -15.30 -1.40 -50.65
C GLY B 222 -14.08 -1.42 -51.56
N GLU B 223 -14.12 -0.65 -52.65
CA GLU B 223 -13.01 -0.60 -53.60
C GLU B 223 -12.59 0.85 -53.78
N VAL B 224 -11.39 1.05 -54.36
CA VAL B 224 -10.96 2.42 -54.65
C VAL B 224 -12.04 3.15 -55.45
N ASN B 225 -12.61 2.47 -56.43
CA ASN B 225 -13.82 2.91 -57.12
C ASN B 225 -14.96 2.04 -56.59
N ASP B 226 -16.03 2.68 -56.11
CA ASP B 226 -17.18 2.09 -55.42
C ASP B 226 -16.82 1.94 -53.95
N ILE B 227 -16.98 3.03 -53.21
CA ILE B 227 -16.54 3.16 -51.84
C ILE B 227 -17.76 3.13 -50.94
N LYS B 228 -17.75 2.23 -49.97
CA LYS B 228 -18.88 2.04 -49.07
C LYS B 228 -18.52 2.57 -47.69
N THR B 229 -19.55 2.94 -46.94
CA THR B 229 -19.37 3.57 -45.64
C THR B 229 -20.14 2.78 -44.59
N ARG B 230 -19.43 2.34 -43.57
CA ARG B 230 -20.01 1.65 -42.42
C ARG B 230 -20.01 2.63 -41.27
N SER B 231 -21.20 3.05 -40.84
CA SER B 231 -21.27 3.92 -39.67
C SER B 231 -20.93 3.11 -38.43
N TRP B 232 -20.37 3.80 -37.43
CA TRP B 232 -19.95 3.16 -36.20
C TRP B 232 -20.22 4.09 -35.02
N SER B 233 -20.70 3.51 -33.92
CA SER B 233 -20.97 4.24 -32.71
C SER B 233 -19.83 3.97 -31.73
N TYR B 234 -19.05 4.99 -31.41
CA TYR B 234 -17.92 4.75 -30.50
C TYR B 234 -18.39 4.73 -29.06
N GLY B 235 -19.27 5.66 -28.69
CA GLY B 235 -19.85 5.71 -27.36
C GLY B 235 -18.87 5.78 -26.21
N GLN B 236 -17.78 6.51 -26.37
CA GLN B 236 -16.79 6.54 -25.29
C GLN B 236 -17.33 7.18 -24.02
N PHE B 237 -18.50 7.83 -24.09
CA PHE B 237 -19.11 8.52 -22.97
C PHE B 237 -20.27 7.76 -22.35
N GLU B 238 -20.66 6.64 -22.94
CA GLU B 238 -21.76 5.85 -22.38
C GLU B 238 -21.39 5.28 -21.03
N ASP B 239 -22.37 5.22 -20.12
CA ASP B 239 -22.20 4.60 -18.82
C ASP B 239 -21.46 3.28 -18.94
N GLY B 240 -20.43 3.13 -18.10
CA GLY B 240 -19.64 1.91 -17.97
C GLY B 240 -18.35 1.90 -18.77
N ILE B 241 -18.22 2.75 -19.81
CA ILE B 241 -17.15 2.60 -20.80
C ILE B 241 -15.80 3.05 -20.25
N LEU B 242 -15.76 4.23 -19.64
CA LEU B 242 -14.51 4.66 -19.02
C LEU B 242 -13.98 3.58 -18.08
N ASP B 243 -14.86 3.06 -17.21
CA ASP B 243 -14.46 1.99 -16.28
C ASP B 243 -13.99 0.74 -17.02
N THR B 244 -14.63 0.43 -18.15
CA THR B 244 -14.16 -0.72 -18.91
C THR B 244 -12.73 -0.51 -19.41
N CYS B 245 -12.39 0.72 -19.84
CA CYS B 245 -11.05 0.95 -20.36
C CYS B 245 -10.01 0.82 -19.26
N LEU B 246 -10.33 1.23 -18.04
CA LEU B 246 -9.44 0.96 -16.93
C LEU B 246 -9.31 -0.54 -16.68
N TYR B 247 -10.41 -1.28 -16.84
CA TYR B 247 -10.35 -2.72 -16.62
C TYR B 247 -9.46 -3.40 -17.67
N VAL B 248 -9.56 -2.95 -18.93
CA VAL B 248 -8.69 -3.43 -19.99
C VAL B 248 -7.23 -3.35 -19.57
N MET B 249 -6.83 -2.20 -19.00
CA MET B 249 -5.45 -2.00 -18.57
C MET B 249 -5.11 -2.83 -17.33
N ASP B 250 -6.05 -2.96 -16.39
CA ASP B 250 -5.84 -3.83 -15.24
C ASP B 250 -5.62 -5.29 -15.67
N ARG B 251 -6.53 -5.80 -16.52
CA ARG B 251 -6.43 -7.18 -16.97
C ARG B 251 -5.16 -7.43 -17.77
N ALA B 252 -4.62 -6.39 -18.43
CA ALA B 252 -3.34 -6.54 -19.12
C ALA B 252 -2.19 -6.53 -18.15
N GLN B 253 -2.44 -6.23 -16.88
CA GLN B 253 -1.39 -6.03 -15.89
C GLN B 253 -0.42 -4.92 -16.30
N MET B 254 -0.95 -3.86 -16.92
CA MET B 254 -0.15 -2.68 -17.21
C MET B 254 0.22 -1.97 -15.90
N ASP B 255 1.52 -1.92 -15.60
CA ASP B 255 2.00 -1.18 -14.45
C ASP B 255 1.46 0.25 -14.44
N LEU B 256 0.85 0.65 -13.32
CA LEU B 256 0.18 1.95 -13.26
C LEU B 256 1.16 3.10 -13.54
N SER B 257 2.42 2.92 -13.17
CA SER B 257 3.36 4.02 -13.23
C SER B 257 3.60 4.48 -14.66
N GLY B 258 3.23 3.65 -15.65
CA GLY B 258 3.36 3.97 -17.07
C GLY B 258 2.11 4.44 -17.76
N ARG B 259 0.98 4.56 -17.05
CA ARG B 259 -0.30 4.92 -17.66
C ARG B 259 -0.44 6.42 -17.92
N GLY B 260 0.58 7.22 -17.65
CA GLY B 260 0.59 8.59 -18.11
C GLY B 260 1.27 8.80 -19.44
N ASN B 261 1.82 7.73 -20.01
CA ASN B 261 2.59 7.79 -21.23
C ASN B 261 1.75 7.26 -22.40
N PRO B 262 1.31 8.12 -23.32
CA PRO B 262 0.43 7.64 -24.40
C PRO B 262 1.06 6.60 -25.31
N ILE B 263 2.40 6.53 -25.34
CA ILE B 263 3.06 5.46 -26.09
C ILE B 263 2.72 4.12 -25.48
N LYS B 264 2.89 4.01 -24.15
CA LYS B 264 2.67 2.74 -23.47
C LYS B 264 1.20 2.34 -23.50
N VAL B 265 0.29 3.30 -23.27
CA VAL B 265 -1.13 3.01 -23.25
C VAL B 265 -1.60 2.54 -24.63
N SER B 266 -1.13 3.19 -25.71
CA SER B 266 -1.64 2.81 -27.03
C SER B 266 -1.11 1.44 -27.47
N ARG B 267 0.15 1.13 -27.12
CA ARG B 267 0.71 -0.18 -27.41
C ARG B 267 0.05 -1.27 -26.55
N VAL B 268 -0.32 -0.95 -25.31
CA VAL B 268 -1.06 -1.92 -24.52
C VAL B 268 -2.44 -2.15 -25.14
N GLY B 269 -3.09 -1.07 -25.55
CA GLY B 269 -4.37 -1.24 -26.23
C GLY B 269 -4.23 -2.07 -27.48
N SER B 270 -3.14 -1.86 -28.22
CA SER B 270 -2.90 -2.62 -29.44
C SER B 270 -2.89 -4.12 -29.16
N ALA B 271 -2.38 -4.53 -28.00
CA ALA B 271 -2.44 -5.93 -27.62
C ALA B 271 -3.76 -6.24 -26.94
N MET B 272 -4.19 -5.40 -26.02
CA MET B 272 -5.30 -5.79 -25.16
C MET B 272 -6.66 -5.79 -25.87
N VAL B 273 -6.80 -5.10 -27.00
CA VAL B 273 -8.11 -5.07 -27.64
C VAL B 273 -8.40 -6.36 -28.41
N ASN B 274 -7.38 -7.08 -28.84
CA ASN B 274 -7.56 -8.42 -29.39
C ASN B 274 -7.34 -9.50 -28.32
N ALA B 275 -8.01 -10.62 -28.52
CA ALA B 275 -8.07 -11.67 -27.50
C ALA B 275 -6.82 -12.52 -27.41
N LYS B 276 -5.98 -12.56 -28.44
CA LYS B 276 -4.82 -13.44 -28.44
C LYS B 276 -3.84 -13.08 -27.31
N ASP B 277 -3.14 -14.12 -26.80
CA ASP B 277 -2.05 -13.97 -25.83
C ASP B 277 -2.50 -13.67 -24.41
N ASP B 278 -3.53 -12.82 -24.27
CA ASP B 278 -3.79 -12.11 -23.02
C ASP B 278 -5.26 -12.07 -22.61
N GLU B 279 -6.13 -12.79 -23.30
CA GLU B 279 -7.56 -12.81 -23.00
C GLU B 279 -8.20 -11.42 -23.12
N GLY B 280 -7.77 -10.66 -24.13
CA GLY B 280 -8.33 -9.35 -24.42
C GLY B 280 -9.73 -9.35 -25.01
N VAL B 281 -10.13 -8.25 -25.66
CA VAL B 281 -11.56 -7.99 -25.83
C VAL B 281 -12.14 -8.81 -26.97
N LEU B 282 -11.48 -8.89 -28.12
CA LEU B 282 -12.13 -9.33 -29.34
C LEU B 282 -11.45 -10.55 -29.96
N VAL B 283 -12.24 -11.62 -30.16
CA VAL B 283 -11.86 -12.82 -30.91
C VAL B 283 -12.16 -12.60 -32.38
N GLY B 284 -11.19 -12.88 -33.24
CA GLY B 284 -11.40 -12.78 -34.69
C GLY B 284 -11.94 -14.07 -35.30
N SER B 285 -12.73 -13.93 -36.37
CA SER B 285 -13.18 -15.11 -37.11
C SER B 285 -13.59 -14.75 -38.53
N TRP B 286 -13.26 -15.64 -39.47
CA TRP B 286 -13.76 -15.57 -40.84
C TRP B 286 -14.49 -16.84 -41.26
N ASP B 287 -14.91 -17.70 -40.30
CA ASP B 287 -15.22 -19.10 -40.60
C ASP B 287 -16.66 -19.33 -41.05
N ASN B 288 -17.44 -18.26 -41.24
CA ASN B 288 -18.79 -18.32 -41.77
C ASN B 288 -19.78 -19.05 -40.87
N ILE B 289 -19.41 -19.37 -39.63
CA ILE B 289 -20.28 -20.09 -38.70
C ILE B 289 -20.51 -19.27 -37.44
N TYR B 290 -19.42 -18.82 -36.80
CA TYR B 290 -19.48 -17.94 -35.64
C TYR B 290 -20.30 -18.56 -34.51
N ALA B 291 -19.90 -19.77 -34.13
CA ALA B 291 -20.57 -20.50 -33.07
C ALA B 291 -20.47 -19.76 -31.74
N TYR B 292 -21.60 -19.67 -31.03
CA TYR B 292 -21.64 -19.09 -29.68
C TYR B 292 -21.11 -17.67 -29.69
N GLY B 293 -21.64 -16.84 -30.57
CA GLY B 293 -21.17 -15.48 -30.65
C GLY B 293 -21.96 -14.67 -31.64
N VAL B 294 -21.48 -13.46 -31.87
CA VAL B 294 -22.09 -12.51 -32.80
C VAL B 294 -21.21 -12.44 -34.04
N PRO B 295 -21.75 -12.57 -35.23
CA PRO B 295 -20.93 -12.41 -36.44
C PRO B 295 -20.47 -10.97 -36.63
N PRO B 296 -19.23 -10.78 -37.10
CA PRO B 296 -18.64 -9.45 -37.18
C PRO B 296 -19.53 -8.39 -37.82
N SER B 297 -20.29 -8.77 -38.83
CA SER B 297 -21.16 -7.86 -39.55
C SER B 297 -22.32 -7.35 -38.71
N ALA B 298 -22.59 -7.94 -37.55
CA ALA B 298 -23.78 -7.57 -36.81
C ALA B 298 -23.55 -6.34 -35.95
N TRP B 299 -22.32 -6.11 -35.52
CA TRP B 299 -22.01 -4.97 -34.68
C TRP B 299 -22.23 -3.67 -35.44
N THR B 300 -22.63 -2.64 -34.69
CA THR B 300 -22.84 -1.29 -35.21
C THR B 300 -22.11 -0.24 -34.40
N GLY B 301 -21.33 -0.64 -33.41
CA GLY B 301 -20.74 0.30 -32.46
C GLY B 301 -19.87 -0.45 -31.48
N SER B 302 -19.29 0.30 -30.53
CA SER B 302 -18.32 -0.31 -29.64
C SER B 302 -18.87 -0.65 -28.27
N VAL B 303 -20.00 -0.06 -27.88
CA VAL B 303 -20.45 -0.14 -26.49
C VAL B 303 -20.86 -1.56 -26.11
N ASP B 304 -21.67 -2.20 -26.94
CA ASP B 304 -22.13 -3.54 -26.61
C ASP B 304 -20.97 -4.52 -26.50
N ILE B 305 -19.89 -4.31 -27.26
CA ILE B 305 -18.75 -5.20 -27.13
C ILE B 305 -18.06 -5.01 -25.78
N LEU B 306 -17.59 -3.78 -25.51
CA LEU B 306 -16.82 -3.52 -24.28
C LEU B 306 -17.64 -3.83 -23.03
N LEU B 307 -18.93 -3.47 -23.04
CA LEU B 307 -19.75 -3.74 -21.86
C LEU B 307 -19.95 -5.25 -21.66
N GLU B 308 -20.12 -6.00 -22.75
CA GLU B 308 -20.19 -7.45 -22.61
C GLU B 308 -18.86 -8.02 -22.16
N TYR B 309 -17.74 -7.40 -22.56
CA TYR B 309 -16.44 -7.85 -22.08
C TYR B 309 -16.28 -7.59 -20.60
N ARG B 310 -16.70 -6.41 -20.14
CA ARG B 310 -16.61 -6.08 -18.71
C ARG B 310 -17.56 -6.95 -17.91
N SER B 311 -18.77 -7.18 -18.43
CA SER B 311 -19.78 -7.89 -17.67
C SER B 311 -19.46 -9.38 -17.58
N SER B 312 -19.16 -10.02 -18.71
CA SER B 312 -18.87 -11.44 -18.68
C SER B 312 -17.43 -11.73 -18.29
N GLU B 313 -16.55 -10.75 -18.40
CA GLU B 313 -15.12 -10.93 -18.18
C GLU B 313 -14.50 -12.00 -19.09
N ASN B 314 -15.12 -12.26 -20.24
CA ASN B 314 -14.51 -13.16 -21.19
C ASN B 314 -14.43 -12.45 -22.53
N PRO B 315 -13.46 -12.81 -23.37
CA PRO B 315 -13.43 -12.29 -24.73
C PRO B 315 -14.80 -12.37 -25.41
N VAL B 316 -15.02 -11.43 -26.31
CA VAL B 316 -16.26 -11.28 -27.03
C VAL B 316 -16.07 -11.88 -28.42
N ARG B 317 -17.11 -12.55 -28.92
CA ARG B 317 -17.06 -13.16 -30.24
C ARG B 317 -18.14 -12.57 -31.15
N TYR B 318 -17.82 -12.07 -32.35
CA TYR B 318 -16.50 -12.10 -32.98
C TYR B 318 -16.22 -10.79 -33.73
N GLY B 319 -14.96 -10.56 -34.13
CA GLY B 319 -14.61 -9.38 -34.87
C GLY B 319 -13.78 -9.67 -36.11
N GLN B 320 -13.65 -8.61 -36.93
CA GLN B 320 -12.67 -8.46 -38.00
C GLN B 320 -12.12 -7.02 -37.95
N CYS B 321 -11.26 -6.70 -38.91
CA CYS B 321 -10.51 -5.44 -38.96
C CYS B 321 -11.26 -4.24 -38.41
N TRP B 322 -12.39 -3.91 -39.04
CA TRP B 322 -13.10 -2.68 -38.71
C TRP B 322 -13.68 -2.71 -37.31
N VAL B 323 -14.03 -3.91 -36.81
CA VAL B 323 -14.53 -4.05 -35.44
C VAL B 323 -13.39 -3.84 -34.45
N PHE B 324 -12.25 -4.48 -34.71
CA PHE B 324 -11.06 -4.20 -33.91
C PHE B 324 -10.77 -2.70 -33.88
N ALA B 325 -10.81 -2.04 -35.04
CA ALA B 325 -10.47 -0.61 -35.09
C ALA B 325 -11.51 0.23 -34.38
N GLY B 326 -12.79 -0.07 -34.58
CA GLY B 326 -13.84 0.65 -33.86
C GLY B 326 -13.71 0.54 -32.35
N VAL B 327 -13.52 -0.68 -31.82
CA VAL B 327 -13.36 -0.81 -30.37
C VAL B 327 -12.10 -0.09 -29.89
N PHE B 328 -11.00 -0.23 -30.65
CA PHE B 328 -9.77 0.46 -30.28
C PHE B 328 -9.96 1.99 -30.28
N ASN B 329 -10.66 2.51 -31.29
CA ASN B 329 -10.91 3.94 -31.33
C ASN B 329 -11.63 4.41 -30.06
N THR B 330 -12.58 3.61 -29.57
CA THR B 330 -13.29 4.00 -28.36
C THR B 330 -12.33 4.11 -27.19
N PHE B 331 -11.52 3.07 -26.96
CA PHE B 331 -10.51 3.06 -25.89
C PHE B 331 -9.67 4.34 -25.92
N LEU B 332 -9.12 4.69 -27.09
CA LEU B 332 -8.25 5.86 -27.16
C LEU B 332 -9.02 7.14 -26.87
N ARG B 333 -10.08 7.41 -27.63
CA ARG B 333 -10.81 8.66 -27.43
C ARG B 333 -11.34 8.76 -26.01
N CYS B 334 -11.81 7.63 -25.47
CA CYS B 334 -12.35 7.59 -24.12
C CYS B 334 -11.33 8.08 -23.10
N LEU B 335 -10.07 7.69 -23.28
CA LEU B 335 -9.01 8.05 -22.37
C LEU B 335 -8.46 9.44 -22.63
N GLY B 336 -8.80 10.03 -23.75
CA GLY B 336 -8.31 11.34 -24.11
C GLY B 336 -7.21 11.38 -25.15
N ILE B 337 -6.86 10.24 -25.76
CA ILE B 337 -5.84 10.22 -26.80
C ILE B 337 -6.54 10.42 -28.14
N PRO B 338 -6.31 11.54 -28.83
CA PRO B 338 -7.00 11.77 -30.11
C PRO B 338 -6.74 10.63 -31.09
N ALA B 339 -7.80 10.20 -31.76
CA ALA B 339 -7.76 8.93 -32.46
C ALA B 339 -8.72 8.95 -33.62
N ARG B 340 -8.30 8.32 -34.71
CA ARG B 340 -9.13 8.15 -35.89
C ARG B 340 -8.84 6.79 -36.52
N ILE B 341 -9.75 6.37 -37.40
CA ILE B 341 -9.67 5.10 -38.12
C ILE B 341 -9.32 5.38 -39.57
N VAL B 342 -8.28 4.72 -40.06
CA VAL B 342 -7.86 4.81 -41.45
C VAL B 342 -8.11 3.46 -42.14
N THR B 343 -8.38 3.53 -43.45
CA THR B 343 -8.67 2.36 -44.28
C THR B 343 -7.68 2.29 -45.44
N ASN B 344 -6.94 1.18 -45.53
CA ASN B 344 -5.95 0.97 -46.59
C ASN B 344 -6.51 0.01 -47.65
N TYR B 345 -6.67 0.50 -48.88
CA TYR B 345 -7.16 -0.34 -49.97
C TYR B 345 -5.99 -1.06 -50.62
N PHE B 346 -6.15 -2.38 -50.78
CA PHE B 346 -5.08 -3.30 -51.20
C PHE B 346 -3.95 -3.31 -50.17
N SER B 347 -4.29 -3.80 -48.98
CA SER B 347 -3.41 -3.77 -47.82
C SER B 347 -2.59 -5.05 -47.78
N ALA B 348 -1.27 -4.90 -47.85
CA ALA B 348 -0.41 -6.05 -47.93
C ALA B 348 -0.23 -6.68 -46.54
N HIS B 349 -0.04 -8.00 -46.52
CA HIS B 349 0.25 -8.74 -45.31
C HIS B 349 1.55 -9.50 -45.53
N ASP B 350 2.62 -9.05 -44.89
CA ASP B 350 3.94 -9.65 -45.06
C ASP B 350 4.18 -10.69 -43.97
N ASN B 351 4.35 -11.97 -44.37
CA ASN B 351 4.50 -13.07 -43.42
C ASN B 351 5.95 -13.33 -43.03
N ASP B 352 6.92 -12.86 -43.80
CA ASP B 352 8.34 -13.16 -43.59
C ASP B 352 9.19 -11.94 -43.24
N ALA B 353 8.58 -10.78 -42.97
CA ALA B 353 9.30 -9.59 -42.50
C ALA B 353 10.42 -9.14 -43.45
N ASN B 354 10.25 -9.31 -44.76
CA ASN B 354 11.24 -8.79 -45.70
C ASN B 354 10.74 -7.59 -46.47
N LEU B 355 9.51 -7.13 -46.16
CA LEU B 355 8.98 -5.86 -46.68
C LEU B 355 8.68 -5.93 -48.17
N GLN B 356 8.37 -7.11 -48.67
CA GLN B 356 7.91 -7.28 -50.03
C GLN B 356 6.96 -8.47 -50.08
N MET B 357 6.11 -8.49 -51.09
CA MET B 357 5.21 -9.61 -51.31
C MET B 357 5.90 -10.61 -52.23
N ASP B 358 6.17 -11.81 -51.72
CA ASP B 358 6.85 -12.85 -52.46
C ASP B 358 5.79 -13.77 -53.06
N ILE B 359 5.61 -13.69 -54.38
CA ILE B 359 4.55 -14.39 -55.08
C ILE B 359 5.20 -15.42 -56.00
N PHE B 360 5.07 -16.70 -55.65
CA PHE B 360 5.73 -17.79 -56.35
C PHE B 360 4.86 -18.42 -57.43
N LEU B 361 5.50 -18.78 -58.54
CA LEU B 361 4.81 -19.31 -59.71
C LEU B 361 5.19 -20.76 -59.98
N VAL B 367 1.17 -20.10 -60.62
CA VAL B 367 1.21 -19.34 -59.38
C VAL B 367 1.09 -20.30 -58.18
N ASN B 368 2.25 -20.79 -57.73
CA ASN B 368 2.39 -21.79 -56.66
C ASN B 368 1.72 -21.34 -55.37
N SER B 369 0.55 -21.93 -55.05
CA SER B 369 -0.18 -21.55 -53.85
C SER B 369 0.36 -22.16 -52.57
N LYS B 370 1.26 -23.15 -52.66
CA LYS B 370 1.82 -23.70 -51.44
C LYS B 370 3.08 -22.95 -51.01
N LEU B 371 3.92 -22.59 -51.97
CA LEU B 371 5.08 -21.77 -51.67
C LEU B 371 4.68 -20.34 -51.29
N THR B 372 3.62 -19.82 -51.88
CA THR B 372 3.20 -18.45 -51.62
C THR B 372 2.50 -18.36 -50.27
N LYS B 373 3.10 -17.62 -49.33
CA LYS B 373 2.55 -17.42 -48.01
C LYS B 373 2.04 -16.01 -47.76
N ASP B 374 2.54 -15.00 -48.50
CA ASP B 374 2.05 -13.64 -48.32
C ASP B 374 0.70 -13.49 -49.00
N SER B 375 0.00 -12.40 -48.67
CA SER B 375 -1.35 -12.17 -49.15
C SER B 375 -1.63 -10.67 -49.17
N VAL B 376 -2.70 -10.29 -49.86
CA VAL B 376 -3.18 -8.91 -49.89
C VAL B 376 -4.67 -8.87 -49.59
N TRP B 377 -5.07 -7.97 -48.70
CA TRP B 377 -6.48 -7.78 -48.37
C TRP B 377 -7.11 -6.72 -49.27
N ASN B 378 -8.39 -6.94 -49.62
CA ASN B 378 -9.11 -5.95 -50.40
C ASN B 378 -9.11 -4.60 -49.71
N TYR B 379 -9.11 -4.62 -48.38
CA TYR B 379 -8.94 -3.42 -47.58
C TYR B 379 -8.65 -3.87 -46.16
N HIS B 380 -7.98 -2.99 -45.43
CA HIS B 380 -7.72 -3.23 -44.02
C HIS B 380 -7.91 -1.92 -43.28
N CYS B 381 -8.22 -2.03 -42.00
CA CYS B 381 -8.56 -0.93 -41.12
C CYS B 381 -7.60 -0.90 -39.96
N TRP B 382 -7.18 0.30 -39.57
CA TRP B 382 -6.43 0.43 -38.32
C TRP B 382 -6.57 1.86 -37.81
N ASN B 383 -5.89 2.15 -36.71
CA ASN B 383 -6.08 3.41 -36.01
C ASN B 383 -4.85 4.29 -36.07
N GLU B 384 -5.07 5.58 -35.99
CA GLU B 384 -3.98 6.51 -35.72
C GLU B 384 -4.21 7.18 -34.39
N ALA B 385 -3.14 7.25 -33.60
CA ALA B 385 -3.18 7.91 -32.30
C ALA B 385 -2.19 9.08 -32.29
N TRP B 386 -2.64 10.21 -31.76
CA TRP B 386 -1.86 11.46 -31.78
C TRP B 386 -1.07 11.64 -30.48
N MET B 387 0.26 11.78 -30.61
CA MET B 387 1.12 12.00 -29.46
C MET B 387 2.49 12.51 -29.89
N THR B 388 3.22 13.09 -28.94
CA THR B 388 4.64 13.28 -29.17
C THR B 388 5.37 11.93 -29.09
N ARG B 389 6.58 11.90 -29.66
CA ARG B 389 7.44 10.73 -29.61
C ARG B 389 8.80 11.12 -29.03
N PRO B 390 8.86 11.42 -27.73
CA PRO B 390 10.14 11.78 -27.10
C PRO B 390 11.16 10.65 -27.15
N ASP B 391 10.74 9.44 -27.52
CA ASP B 391 11.67 8.34 -27.69
C ASP B 391 12.26 8.30 -29.10
N LEU B 392 11.75 9.11 -30.01
CA LEU B 392 12.25 9.25 -31.36
C LEU B 392 12.89 10.62 -31.55
N PRO B 393 13.75 10.75 -32.56
CA PRO B 393 14.26 12.09 -32.90
C PRO B 393 13.12 13.05 -33.17
N VAL B 394 13.41 14.35 -32.99
CA VAL B 394 12.42 15.38 -33.27
C VAL B 394 11.95 15.25 -34.72
N GLY B 395 10.64 15.40 -34.93
CA GLY B 395 10.04 15.34 -36.24
C GLY B 395 9.16 14.13 -36.49
N PHE B 396 9.16 13.15 -35.59
CA PHE B 396 8.40 11.92 -35.79
C PHE B 396 7.19 11.80 -34.87
N GLY B 397 6.85 12.88 -34.16
CA GLY B 397 5.62 12.93 -33.38
C GLY B 397 4.40 13.07 -34.28
N GLY B 398 3.26 13.49 -33.72
CA GLY B 398 2.04 13.55 -34.50
C GLY B 398 1.36 12.19 -34.61
N TRP B 399 0.77 11.90 -35.77
CA TRP B 399 -0.02 10.70 -35.93
C TRP B 399 0.85 9.45 -35.86
N GLN B 400 0.44 8.49 -35.03
CA GLN B 400 1.11 7.20 -34.91
C GLN B 400 0.12 6.10 -35.29
N ALA B 401 0.52 5.26 -36.24
CA ALA B 401 -0.31 4.12 -36.60
C ALA B 401 -0.28 3.10 -35.48
N VAL B 402 -1.46 2.68 -35.03
CA VAL B 402 -1.61 1.60 -34.07
C VAL B 402 -2.73 0.66 -34.53
N ASP B 403 -2.45 -0.65 -34.56
CA ASP B 403 -3.37 -1.66 -35.09
C ASP B 403 -3.54 -2.80 -34.09
N SER B 404 -4.79 -3.09 -33.72
CA SER B 404 -5.09 -4.15 -32.77
C SER B 404 -5.63 -5.42 -33.42
N THR B 405 -5.93 -5.41 -34.72
CA THR B 405 -6.23 -6.65 -35.44
C THR B 405 -4.99 -7.55 -35.41
N PRO B 406 -5.10 -8.80 -34.99
CA PRO B 406 -3.93 -9.68 -34.95
C PRO B 406 -3.51 -10.05 -36.36
N GLN B 407 -2.26 -9.79 -36.71
CA GLN B 407 -1.77 -10.31 -37.98
C GLN B 407 -0.39 -10.91 -37.82
N GLU B 408 0.52 -10.21 -37.15
CA GLU B 408 1.87 -10.71 -36.97
C GLU B 408 2.31 -10.38 -35.56
N ASN B 409 3.23 -11.20 -35.04
CA ASN B 409 3.74 -10.98 -33.70
C ASN B 409 4.72 -9.81 -33.66
N SER B 410 4.60 -8.99 -32.63
CA SER B 410 5.55 -7.94 -32.33
C SER B 410 6.12 -8.22 -30.95
N ASP B 411 7.37 -8.68 -30.92
CA ASP B 411 8.02 -9.06 -29.67
C ASP B 411 7.19 -10.10 -28.91
N GLY B 412 6.81 -11.17 -29.62
CA GLY B 412 6.12 -12.29 -29.00
C GLY B 412 4.65 -12.11 -28.71
N MET B 413 4.03 -11.03 -29.16
CA MET B 413 2.60 -10.81 -28.92
C MET B 413 1.95 -10.26 -30.18
N TYR B 414 0.66 -10.53 -30.33
CA TYR B 414 -0.09 -9.92 -31.43
C TYR B 414 -0.42 -8.46 -31.08
N ARG B 415 0.37 -7.54 -31.63
CA ARG B 415 0.20 -6.10 -31.41
C ARG B 415 0.96 -5.36 -32.50
N CYS B 416 0.67 -4.07 -32.63
CA CYS B 416 1.30 -3.30 -33.70
C CYS B 416 1.35 -1.82 -33.34
N GLY B 417 2.55 -1.27 -33.23
CA GLY B 417 2.72 0.16 -33.00
C GLY B 417 2.85 0.58 -31.55
N PRO B 418 2.96 1.90 -31.28
CA PRO B 418 2.93 3.04 -32.23
C PRO B 418 4.05 3.12 -33.28
N ALA B 419 3.64 3.19 -34.55
CA ALA B 419 4.54 3.43 -35.66
C ALA B 419 4.32 4.85 -36.18
N SER B 420 5.38 5.64 -36.25
CA SER B 420 5.29 7.03 -36.69
C SER B 420 4.98 7.10 -38.19
N VAL B 421 3.81 7.66 -38.52
CA VAL B 421 3.42 7.77 -39.92
C VAL B 421 4.46 8.56 -40.70
N GLN B 422 5.03 9.61 -40.06
CA GLN B 422 6.06 10.39 -40.74
C GLN B 422 7.32 9.54 -40.98
N ALA B 423 7.68 8.70 -40.00
CA ALA B 423 8.82 7.82 -40.23
C ALA B 423 8.55 6.82 -41.35
N ILE B 424 7.30 6.38 -41.49
CA ILE B 424 6.99 5.44 -42.55
C ILE B 424 7.14 6.11 -43.92
N LYS B 425 6.76 7.40 -44.03
CA LYS B 425 6.73 8.07 -45.32
C LYS B 425 8.12 8.13 -45.95
N HIS B 426 9.15 8.40 -45.16
CA HIS B 426 10.52 8.48 -45.63
C HIS B 426 11.28 7.17 -45.46
N GLY B 427 10.59 6.07 -45.13
CA GLY B 427 11.23 4.78 -45.03
C GLY B 427 12.17 4.59 -43.87
N HIS B 428 12.04 5.40 -42.82
CA HIS B 428 12.92 5.24 -41.66
C HIS B 428 12.30 4.26 -40.68
N VAL B 429 12.14 3.03 -41.15
CA VAL B 429 11.39 2.02 -40.40
C VAL B 429 12.24 1.50 -39.25
N CYS B 430 13.40 2.13 -39.02
CA CYS B 430 14.26 1.76 -37.92
C CYS B 430 13.72 2.21 -36.57
N PHE B 431 12.85 3.22 -36.53
CA PHE B 431 12.34 3.72 -35.25
C PHE B 431 11.10 2.96 -34.82
N GLN B 432 11.11 2.50 -33.57
CA GLN B 432 10.02 1.72 -32.96
C GLN B 432 8.70 2.48 -33.02
N PHE B 433 7.57 1.80 -33.11
CA PHE B 433 7.43 0.31 -33.06
C PHE B 433 6.78 -0.28 -34.33
N ASP B 434 7.24 -1.45 -34.79
CA ASP B 434 6.61 -2.17 -35.90
C ASP B 434 6.49 -1.35 -37.18
N ALA B 435 7.30 -0.31 -37.35
CA ALA B 435 7.20 0.48 -38.57
C ALA B 435 7.44 -0.36 -39.83
N PRO B 436 8.39 -1.31 -39.88
CA PRO B 436 8.57 -2.08 -41.12
C PRO B 436 7.31 -2.82 -41.55
N PHE B 437 6.52 -3.35 -40.60
CA PHE B 437 5.29 -4.05 -40.97
C PHE B 437 4.27 -3.11 -41.59
N VAL B 438 4.01 -1.98 -40.93
CA VAL B 438 3.02 -1.01 -41.44
C VAL B 438 3.45 -0.49 -42.80
N PHE B 439 4.76 -0.29 -42.98
CA PHE B 439 5.28 0.11 -44.28
C PHE B 439 4.90 -0.93 -45.35
N ALA B 440 5.18 -2.21 -45.06
CA ALA B 440 4.87 -3.27 -46.01
C ALA B 440 3.40 -3.29 -46.35
N GLU B 441 2.54 -2.96 -45.39
CA GLU B 441 1.12 -2.88 -45.65
C GLU B 441 0.78 -1.83 -46.71
N VAL B 442 1.49 -0.71 -46.71
CA VAL B 442 1.07 0.39 -47.58
C VAL B 442 1.91 0.52 -48.85
N ASN B 443 3.13 0.01 -48.87
CA ASN B 443 3.95 0.31 -50.04
C ASN B 443 4.92 -0.79 -50.45
N SER B 444 4.68 -2.03 -50.09
CA SER B 444 5.58 -3.10 -50.54
C SER B 444 5.36 -3.40 -52.02
N ASP B 445 6.45 -3.75 -52.70
CA ASP B 445 6.37 -4.22 -54.07
C ASP B 445 5.90 -5.68 -54.11
N LEU B 446 5.34 -6.07 -55.26
CA LEU B 446 5.09 -7.47 -55.55
C LEU B 446 6.27 -8.03 -56.33
N ILE B 447 6.87 -9.11 -55.82
CA ILE B 447 8.04 -9.73 -56.42
C ILE B 447 7.62 -11.14 -56.87
N TYR B 448 7.50 -11.31 -58.19
CA TYR B 448 7.11 -12.59 -58.77
C TYR B 448 8.37 -13.45 -58.97
N ILE B 449 8.38 -14.63 -58.37
CA ILE B 449 9.53 -15.53 -58.36
C ILE B 449 9.10 -16.88 -58.90
N THR B 450 9.94 -17.49 -59.74
CA THR B 450 9.65 -18.83 -60.25
C THR B 450 10.54 -19.86 -59.57
N VAL B 458 14.04 -17.22 -59.42
CA VAL B 458 14.11 -16.39 -60.62
C VAL B 458 13.08 -15.28 -60.58
N VAL B 459 13.53 -14.03 -60.66
CA VAL B 459 12.64 -12.87 -60.56
C VAL B 459 12.15 -12.50 -61.95
N GLU B 460 10.84 -12.50 -62.15
CA GLU B 460 10.25 -12.32 -63.47
C GLU B 460 9.54 -10.99 -63.63
N ASN B 461 8.72 -10.58 -62.66
CA ASN B 461 7.97 -9.34 -62.77
C ASN B 461 7.94 -8.65 -61.42
N VAL B 462 7.71 -7.34 -61.46
CA VAL B 462 7.66 -6.50 -60.26
C VAL B 462 6.51 -5.51 -60.41
N ASP B 463 5.54 -5.57 -59.51
CA ASP B 463 4.44 -4.60 -59.48
C ASP B 463 4.68 -3.65 -58.31
N ALA B 464 4.90 -2.37 -58.62
CA ALA B 464 5.22 -1.36 -57.62
C ALA B 464 4.06 -0.44 -57.31
N THR B 465 2.90 -0.62 -57.95
CA THR B 465 1.75 0.24 -57.73
C THR B 465 0.52 -0.51 -57.26
N HIS B 466 0.60 -1.82 -57.03
CA HIS B 466 -0.59 -2.57 -56.63
C HIS B 466 -0.98 -2.26 -55.19
N ILE B 467 0.00 -2.24 -54.29
CA ILE B 467 -0.26 -2.17 -52.86
C ILE B 467 -0.56 -0.74 -52.44
N GLY B 468 -1.61 -0.58 -51.64
CA GLY B 468 -1.91 0.69 -51.01
C GLY B 468 -2.32 1.75 -52.01
N LYS B 469 -3.33 1.45 -52.82
CA LYS B 469 -3.74 2.39 -53.85
C LYS B 469 -4.40 3.64 -53.26
N LEU B 470 -4.88 3.60 -52.02
CA LEU B 470 -5.59 4.73 -51.44
C LEU B 470 -5.79 4.51 -49.95
N ILE B 471 -5.60 5.56 -49.15
CA ILE B 471 -5.77 5.52 -47.69
C ILE B 471 -6.62 6.71 -47.28
N VAL B 472 -7.74 6.44 -46.59
CA VAL B 472 -8.73 7.47 -46.30
C VAL B 472 -9.14 7.40 -44.83
N THR B 473 -9.79 8.48 -44.40
CA THR B 473 -10.30 8.63 -43.04
C THR B 473 -11.49 9.59 -43.08
N LYS B 474 -12.33 9.53 -42.05
CA LYS B 474 -13.48 10.43 -41.98
C LYS B 474 -13.01 11.87 -41.99
N GLN B 475 -13.68 12.71 -42.78
CA GLN B 475 -13.34 14.12 -42.78
C GLN B 475 -13.84 14.77 -41.50
N ILE B 476 -13.19 15.88 -41.15
CA ILE B 476 -13.64 16.67 -40.01
C ILE B 476 -14.94 17.36 -40.37
N GLY B 477 -15.92 17.28 -39.47
CA GLY B 477 -17.17 18.01 -39.63
C GLY B 477 -18.04 17.61 -40.79
N GLY B 478 -18.21 16.31 -40.98
CA GLY B 478 -18.98 15.77 -42.09
C GLY B 478 -18.72 14.28 -42.18
N ASP B 479 -19.49 13.62 -43.03
CA ASP B 479 -19.33 12.18 -43.15
C ASP B 479 -18.56 11.76 -44.39
N GLY B 480 -18.05 12.73 -45.16
CA GLY B 480 -17.35 12.41 -46.38
C GLY B 480 -15.95 11.87 -46.16
N MET B 481 -15.37 11.39 -47.25
CA MET B 481 -14.03 10.82 -47.22
C MET B 481 -12.99 11.93 -47.07
N MET B 482 -11.83 11.59 -46.48
CA MET B 482 -10.63 12.43 -46.57
C MET B 482 -9.45 11.57 -47.03
N ASP B 483 -8.94 11.86 -48.21
CA ASP B 483 -7.74 11.21 -48.74
C ASP B 483 -6.51 11.61 -47.95
N ILE B 484 -5.82 10.64 -47.35
CA ILE B 484 -4.61 10.91 -46.58
C ILE B 484 -3.46 10.02 -47.05
N THR B 485 -3.55 9.49 -48.27
CA THR B 485 -2.50 8.62 -48.79
C THR B 485 -1.13 9.29 -48.70
N ASP B 486 -1.08 10.59 -49.04
CA ASP B 486 0.18 11.32 -49.08
C ASP B 486 0.88 11.38 -47.73
N THR B 487 0.16 11.12 -46.63
CA THR B 487 0.82 11.06 -45.33
C THR B 487 1.60 9.78 -45.12
N TYR B 488 1.19 8.68 -45.77
CA TYR B 488 1.93 7.44 -45.57
C TYR B 488 3.01 7.25 -46.63
N LYS B 489 2.77 7.66 -47.87
CA LYS B 489 3.79 7.38 -48.87
C LYS B 489 3.73 8.45 -49.94
N PHE B 490 4.85 8.58 -50.66
CA PHE B 490 4.90 9.51 -51.77
C PHE B 490 4.09 8.98 -52.94
N GLN B 491 3.77 9.86 -53.88
CA GLN B 491 2.91 9.52 -55.01
C GLN B 491 3.56 8.43 -55.86
N GLU B 492 2.76 7.46 -56.26
CA GLU B 492 3.25 6.44 -57.18
C GLU B 492 3.69 7.13 -58.46
N GLY B 493 4.90 6.78 -58.93
CA GLY B 493 5.47 7.35 -60.13
C GLY B 493 6.52 8.40 -59.86
N GLN B 494 6.43 9.10 -58.72
CA GLN B 494 7.49 10.01 -58.33
C GLN B 494 8.72 9.22 -57.90
N GLU B 495 9.90 9.75 -58.20
CA GLU B 495 11.13 9.07 -57.82
C GLU B 495 11.31 8.99 -56.30
N GLU B 496 10.63 9.86 -55.54
CA GLU B 496 10.76 9.80 -54.08
C GLU B 496 10.08 8.56 -53.51
N GLU B 497 8.98 8.12 -54.14
CA GLU B 497 8.36 6.87 -53.72
C GLU B 497 9.37 5.73 -53.76
N ARG B 498 10.18 5.68 -54.82
CA ARG B 498 11.16 4.60 -54.96
C ARG B 498 12.24 4.70 -53.89
N LEU B 499 12.83 5.88 -53.74
CA LEU B 499 13.94 6.08 -52.81
C LEU B 499 13.54 5.84 -51.35
N ALA B 500 12.32 6.26 -50.98
CA ALA B 500 11.85 5.98 -49.63
C ALA B 500 11.71 4.48 -49.39
N LEU B 501 11.14 3.76 -50.37
CA LEU B 501 11.02 2.31 -50.24
C LEU B 501 12.38 1.65 -50.11
N GLU B 502 13.34 2.06 -50.95
CA GLU B 502 14.67 1.47 -50.89
C GLU B 502 15.34 1.75 -49.56
N THR B 503 15.06 2.91 -48.96
CA THR B 503 15.51 3.18 -47.60
C THR B 503 14.88 2.20 -46.61
N ALA B 504 13.58 1.99 -46.73
CA ALA B 504 12.86 1.08 -45.87
C ALA B 504 13.45 -0.34 -45.91
N LEU B 505 13.69 -0.88 -47.11
CA LEU B 505 14.28 -2.22 -47.18
C LEU B 505 15.69 -2.24 -46.62
N MET B 506 16.40 -1.13 -46.71
CA MET B 506 17.76 -1.11 -46.18
C MET B 506 17.74 -1.17 -44.65
N TYR B 507 16.73 -0.59 -44.01
CA TYR B 507 16.61 -0.68 -42.56
C TYR B 507 16.00 -1.99 -42.09
N GLY B 508 15.55 -2.85 -43.01
CA GLY B 508 15.03 -4.16 -42.66
C GLY B 508 13.82 -4.08 -41.77
N SER B 523 29.56 0.13 -51.37
CA SER B 523 30.06 0.65 -52.63
C SER B 523 31.07 1.80 -52.42
N ASN B 524 31.37 2.07 -51.14
CA ASN B 524 32.45 2.95 -50.69
C ASN B 524 32.11 4.44 -50.81
N VAL B 525 30.84 4.80 -50.78
CA VAL B 525 30.40 6.19 -50.84
C VAL B 525 29.79 6.58 -49.49
N ASP B 526 30.18 7.77 -49.00
CA ASP B 526 29.66 8.39 -47.78
C ASP B 526 28.86 9.63 -48.14
N MET B 527 27.80 9.88 -47.37
CA MET B 527 26.94 11.04 -47.59
C MET B 527 26.56 11.66 -46.26
N ASP B 528 26.44 12.99 -46.26
CA ASP B 528 26.12 13.79 -45.09
C ASP B 528 25.76 15.20 -45.57
N PHE B 529 25.03 15.93 -44.73
CA PHE B 529 24.68 17.31 -45.04
C PHE B 529 24.75 18.18 -43.80
N GLU B 530 25.08 19.45 -43.98
CA GLU B 530 25.08 20.43 -42.92
C GLU B 530 24.26 21.64 -43.35
N VAL B 531 23.49 22.19 -42.40
CA VAL B 531 22.63 23.35 -42.61
C VAL B 531 23.32 24.58 -42.06
N GLU B 532 23.55 25.58 -42.89
CA GLU B 532 24.22 26.80 -42.44
C GLU B 532 23.26 27.60 -41.56
N ASN B 533 23.59 27.74 -40.27
CA ASN B 533 22.82 28.43 -39.24
C ASN B 533 21.67 29.28 -39.80
N ALA B 534 20.43 28.89 -39.49
CA ALA B 534 19.25 29.47 -40.14
C ALA B 534 18.63 30.55 -39.27
N VAL B 535 18.51 31.75 -39.83
CA VAL B 535 17.86 32.89 -39.19
C VAL B 535 16.60 33.19 -39.98
N LEU B 536 15.47 33.26 -39.29
CA LEU B 536 14.22 33.60 -39.95
C LEU B 536 14.35 34.90 -40.72
N GLY B 537 13.84 34.89 -41.96
CA GLY B 537 13.82 36.04 -42.82
C GLY B 537 14.92 36.08 -43.84
N LYS B 538 15.95 35.25 -43.68
CA LYS B 538 17.04 35.18 -44.63
C LYS B 538 17.07 33.79 -45.26
N ASP B 539 17.55 33.71 -46.50
CA ASP B 539 17.81 32.43 -47.12
C ASP B 539 18.87 31.68 -46.32
N PHE B 540 19.02 30.39 -46.61
CA PHE B 540 20.12 29.63 -46.03
C PHE B 540 20.45 28.46 -46.95
N LYS B 541 21.59 27.84 -46.67
CA LYS B 541 22.16 26.82 -47.53
C LYS B 541 22.22 25.49 -46.80
N LEU B 542 21.66 24.46 -47.44
CA LEU B 542 21.85 23.06 -47.07
C LEU B 542 22.84 22.52 -48.09
N SER B 543 24.03 22.18 -47.62
CA SER B 543 25.08 21.66 -48.50
C SER B 543 25.18 20.15 -48.30
N ILE B 544 24.68 19.40 -49.28
CA ILE B 544 24.76 17.93 -49.26
C ILE B 544 26.10 17.54 -49.87
N THR B 545 26.88 16.75 -49.16
CA THR B 545 28.23 16.43 -49.62
C THR B 545 28.46 14.92 -49.64
N PHE B 546 28.92 14.43 -50.78
CA PHE B 546 29.23 13.03 -51.01
C PHE B 546 30.74 12.84 -51.07
N ARG B 547 31.21 11.74 -50.48
CA ARG B 547 32.61 11.36 -50.58
C ARG B 547 32.67 10.01 -51.30
N ASN B 548 33.26 10.01 -52.50
CA ASN B 548 33.47 8.79 -53.29
C ASN B 548 34.89 8.32 -53.06
N ASN B 549 35.03 7.21 -52.35
CA ASN B 549 36.33 6.62 -52.05
C ASN B 549 36.73 5.54 -53.02
N SER B 550 35.86 5.20 -53.97
CA SER B 550 36.20 4.15 -54.92
C SER B 550 36.85 4.76 -56.15
N HIS B 551 37.42 3.89 -56.97
CA HIS B 551 37.99 4.32 -58.23
C HIS B 551 36.95 4.36 -59.34
N ASN B 552 35.66 4.30 -58.98
CA ASN B 552 34.58 4.23 -59.96
C ASN B 552 33.88 5.57 -60.10
N ARG B 553 33.33 5.81 -61.29
CA ARG B 553 32.49 6.97 -61.57
C ARG B 553 31.03 6.57 -61.35
N TYR B 554 30.34 7.27 -60.47
CA TYR B 554 28.97 6.94 -60.11
C TYR B 554 27.99 8.01 -60.54
N THR B 555 26.73 7.61 -60.70
CA THR B 555 25.62 8.53 -60.86
C THR B 555 24.69 8.36 -59.66
N ILE B 556 24.20 9.50 -59.16
CA ILE B 556 23.39 9.57 -57.95
C ILE B 556 22.01 10.07 -58.33
N THR B 557 20.98 9.42 -57.81
CA THR B 557 19.64 9.99 -57.80
C THR B 557 19.25 10.17 -56.34
N ALA B 558 18.68 11.34 -56.02
CA ALA B 558 18.47 11.68 -54.62
C ALA B 558 17.31 12.65 -54.51
N TYR B 559 16.70 12.67 -53.33
CA TYR B 559 15.71 13.70 -53.05
C TYR B 559 16.00 14.31 -51.68
N LEU B 560 15.44 15.49 -51.49
CA LEU B 560 15.57 16.26 -50.27
C LEU B 560 14.17 16.67 -49.85
N SER B 561 13.88 16.54 -48.56
CA SER B 561 12.59 16.91 -47.99
C SER B 561 12.86 17.84 -46.81
N ALA B 562 12.37 19.08 -46.90
CA ALA B 562 12.55 20.10 -45.86
C ALA B 562 11.21 20.41 -45.20
N ASN B 563 11.21 20.45 -43.87
CA ASN B 563 9.97 20.42 -43.11
C ASN B 563 10.01 21.39 -41.93
N ILE B 564 8.84 21.91 -41.58
CA ILE B 564 8.65 22.64 -40.34
C ILE B 564 8.18 21.63 -39.28
N THR B 565 8.79 21.68 -38.11
CA THR B 565 8.43 20.80 -37.00
C THR B 565 8.28 21.62 -35.73
N PHE B 566 7.26 21.28 -34.90
CA PHE B 566 7.09 21.94 -33.62
C PHE B 566 8.26 21.67 -32.68
N TYR B 567 8.42 22.55 -31.68
CA TYR B 567 9.50 22.35 -30.74
C TYR B 567 9.37 21.03 -30.02
N THR B 568 8.14 20.59 -29.72
CA THR B 568 7.91 19.27 -29.13
C THR B 568 8.16 18.13 -30.10
N GLY B 569 8.40 18.41 -31.38
CA GLY B 569 8.79 17.38 -32.32
C GLY B 569 7.69 16.81 -33.19
N VAL B 570 6.46 17.30 -33.11
CA VAL B 570 5.46 16.84 -34.08
C VAL B 570 5.67 17.62 -35.38
N PRO B 571 5.48 16.98 -36.52
CA PRO B 571 5.67 17.67 -37.81
C PRO B 571 4.50 18.58 -38.13
N LYS B 572 4.81 19.63 -38.89
CA LYS B 572 3.79 20.58 -39.35
C LYS B 572 3.58 20.43 -40.85
N ALA B 573 4.58 20.75 -41.66
CA ALA B 573 4.41 20.70 -43.09
C ALA B 573 5.76 20.58 -43.78
N GLU B 574 5.73 19.99 -44.96
CA GLU B 574 6.85 19.98 -45.88
C GLU B 574 6.84 21.27 -46.70
N PHE B 575 7.95 22.02 -46.69
CA PHE B 575 7.97 23.30 -47.39
C PHE B 575 8.87 23.32 -48.61
N LYS B 576 9.65 22.27 -48.83
CA LYS B 576 10.55 22.19 -49.97
C LYS B 576 10.79 20.71 -50.27
N LYS B 577 10.60 20.31 -51.53
CA LYS B 577 10.90 18.95 -51.95
C LYS B 577 11.64 19.01 -53.28
N GLU B 578 12.89 18.56 -53.29
CA GLU B 578 13.69 18.51 -54.51
C GLU B 578 14.10 17.07 -54.75
N THR B 579 14.08 16.67 -56.00
CA THR B 579 14.82 15.51 -56.46
C THR B 579 15.86 15.97 -57.48
N PHE B 580 17.04 15.38 -57.44
CA PHE B 580 18.13 15.84 -58.28
C PHE B 580 19.05 14.67 -58.59
N ASP B 581 19.77 14.78 -59.70
CA ASP B 581 20.76 13.80 -60.10
C ASP B 581 22.12 14.45 -60.16
N VAL B 582 23.16 13.66 -59.89
CA VAL B 582 24.52 14.19 -59.92
C VAL B 582 25.48 13.04 -60.20
N THR B 583 26.56 13.35 -60.92
CA THR B 583 27.63 12.41 -61.17
C THR B 583 28.67 12.55 -60.07
N LEU B 584 29.28 11.43 -59.71
CA LEU B 584 30.24 11.38 -58.60
C LEU B 584 31.55 10.81 -59.13
N GLU B 585 32.50 11.70 -59.41
CA GLU B 585 33.79 11.26 -59.93
C GLU B 585 34.54 10.44 -58.87
N PRO B 586 35.46 9.59 -59.30
CA PRO B 586 36.20 8.77 -58.34
C PRO B 586 37.10 9.61 -57.46
N LEU B 587 37.32 9.12 -56.23
CA LEU B 587 38.31 9.66 -55.31
C LEU B 587 38.16 11.17 -55.11
N SER B 588 36.93 11.60 -54.88
CA SER B 588 36.64 13.03 -54.81
C SER B 588 35.45 13.28 -53.89
N PHE B 589 35.44 14.46 -53.29
CA PHE B 589 34.26 14.98 -52.61
C PHE B 589 33.36 15.70 -53.61
N LYS B 590 32.14 16.01 -53.19
CA LYS B 590 31.21 16.73 -54.04
C LYS B 590 30.12 17.33 -53.16
N LYS B 591 30.08 18.66 -53.05
CA LYS B 591 29.01 19.34 -52.36
C LYS B 591 27.93 19.74 -53.36
N GLU B 592 26.68 19.58 -52.96
CA GLU B 592 25.54 20.00 -53.76
C GLU B 592 24.77 20.97 -52.86
N ALA B 593 25.03 22.26 -53.03
CA ALA B 593 24.45 23.25 -52.14
C ALA B 593 23.05 23.58 -52.62
N VAL B 594 22.07 23.41 -51.73
CA VAL B 594 20.69 23.70 -52.05
C VAL B 594 20.33 25.01 -51.35
N LEU B 595 19.90 25.98 -52.14
CA LEU B 595 19.46 27.27 -51.63
C LEU B 595 17.99 27.13 -51.26
N ILE B 596 17.70 27.29 -49.99
CA ILE B 596 16.33 27.40 -49.53
C ILE B 596 16.04 28.89 -49.40
N GLN B 597 15.10 29.39 -50.19
CA GLN B 597 14.78 30.79 -50.12
C GLN B 597 13.78 31.08 -49.02
N ALA B 598 13.89 32.29 -48.46
CA ALA B 598 13.01 32.71 -47.38
C ALA B 598 11.56 32.44 -47.73
N GLY B 599 11.16 32.77 -48.96
CA GLY B 599 9.78 32.60 -49.37
C GLY B 599 9.27 31.18 -49.31
N GLU B 600 10.17 30.19 -49.31
CA GLU B 600 9.73 28.80 -49.32
C GLU B 600 9.18 28.35 -47.97
N TYR B 601 9.65 28.94 -46.87
CA TYR B 601 9.21 28.55 -45.54
C TYR B 601 8.57 29.68 -44.76
N MET B 602 8.87 30.95 -45.07
CA MET B 602 8.37 32.06 -44.27
C MET B 602 6.85 32.03 -44.11
N GLY B 603 6.14 31.45 -45.08
CA GLY B 603 4.70 31.36 -45.01
C GLY B 603 4.15 30.26 -44.14
N GLN B 604 5.01 29.37 -43.64
CA GLN B 604 4.57 28.16 -42.94
C GLN B 604 5.20 28.05 -41.56
N LEU B 605 5.54 29.17 -40.95
CA LEU B 605 6.27 29.18 -39.70
C LEU B 605 5.34 29.29 -38.49
N LEU B 606 5.84 28.84 -37.34
CA LEU B 606 5.15 28.93 -36.07
C LEU B 606 6.16 29.27 -34.98
N GLU B 607 5.65 29.72 -33.83
CA GLU B 607 6.52 30.08 -32.71
C GLU B 607 7.36 28.87 -32.30
N GLN B 608 8.67 29.09 -32.14
CA GLN B 608 9.60 28.06 -31.68
C GLN B 608 9.71 26.88 -32.66
N ALA B 609 9.38 27.11 -33.93
CA ALA B 609 9.51 26.07 -34.95
C ALA B 609 10.94 25.58 -35.05
N SER B 610 11.06 24.29 -35.35
CA SER B 610 12.31 23.69 -35.76
C SER B 610 12.23 23.30 -37.23
N LEU B 611 13.38 22.94 -37.80
CA LEU B 611 13.49 22.52 -39.20
C LEU B 611 14.01 21.09 -39.24
N HIS B 612 13.32 20.23 -39.98
CA HIS B 612 13.62 18.81 -40.05
C HIS B 612 13.85 18.45 -41.51
N PHE B 613 15.04 17.92 -41.80
CA PHE B 613 15.43 17.64 -43.18
C PHE B 613 15.62 16.14 -43.41
N PHE B 614 15.09 15.67 -44.53
CA PHE B 614 15.37 14.33 -45.05
C PHE B 614 16.14 14.46 -46.35
N VAL B 615 17.21 13.69 -46.49
CA VAL B 615 17.80 13.49 -47.81
C VAL B 615 18.25 12.04 -47.92
N THR B 616 17.73 11.34 -48.94
CA THR B 616 18.14 10.01 -49.32
C THR B 616 18.80 10.05 -50.70
N ALA B 617 19.87 9.29 -50.86
CA ALA B 617 20.54 9.19 -52.16
C ALA B 617 20.77 7.73 -52.52
N ARG B 618 20.53 7.41 -53.79
CA ARG B 618 20.86 6.10 -54.35
C ARG B 618 22.04 6.23 -55.30
N ILE B 619 23.00 5.33 -55.18
CA ILE B 619 24.07 5.20 -56.16
C ILE B 619 23.53 4.26 -57.23
N ASN B 620 23.19 4.81 -58.40
CA ASN B 620 22.39 4.07 -59.36
C ASN B 620 23.07 2.79 -59.81
N GLU B 621 24.41 2.79 -59.91
CA GLU B 621 25.09 1.63 -60.46
C GLU B 621 25.09 0.45 -59.48
N THR B 622 25.00 0.72 -58.18
CA THR B 622 25.04 -0.31 -57.16
C THR B 622 23.73 -0.52 -56.41
N ARG B 623 22.75 0.38 -56.59
CA ARG B 623 21.49 0.37 -55.84
C ARG B 623 21.70 0.57 -54.33
N ASP B 624 22.94 0.87 -53.90
CA ASP B 624 23.20 1.19 -52.51
C ASP B 624 22.48 2.47 -52.13
N VAL B 625 21.97 2.53 -50.90
CA VAL B 625 21.15 3.63 -50.44
C VAL B 625 21.78 4.23 -49.18
N LEU B 626 21.87 5.57 -49.15
CA LEU B 626 22.37 6.34 -48.01
C LEU B 626 21.29 7.31 -47.56
N ALA B 627 20.91 7.26 -46.28
CA ALA B 627 19.78 8.02 -45.78
C ALA B 627 20.18 8.74 -44.50
N LYS B 628 19.81 10.01 -44.41
CA LYS B 628 20.15 10.80 -43.25
C LYS B 628 19.01 11.73 -42.92
N GLN B 629 18.77 11.94 -41.63
CA GLN B 629 17.82 12.96 -41.22
C GLN B 629 18.42 13.74 -40.07
N LYS B 630 18.19 15.05 -40.07
CA LYS B 630 18.73 15.97 -39.08
C LYS B 630 17.74 17.09 -38.88
N SER B 631 17.74 17.63 -37.68
CA SER B 631 16.93 18.79 -37.39
C SER B 631 17.82 19.94 -36.92
N THR B 632 17.31 21.16 -37.07
CA THR B 632 18.02 22.36 -36.68
C THR B 632 17.01 23.36 -36.16
N VAL B 633 17.44 24.21 -35.23
CA VAL B 633 16.53 25.17 -34.65
C VAL B 633 16.63 26.47 -35.43
N LEU B 634 15.49 27.02 -35.80
CA LEU B 634 15.44 28.28 -36.50
C LEU B 634 15.68 29.40 -35.50
N THR B 635 16.56 30.34 -35.85
CA THR B 635 16.75 31.54 -35.04
C THR B 635 15.65 32.55 -35.35
N ILE B 636 14.86 32.91 -34.34
CA ILE B 636 13.78 33.88 -34.57
C ILE B 636 14.15 35.22 -33.95
N PRO B 637 14.67 36.19 -34.73
CA PRO B 637 14.89 37.53 -34.17
C PRO B 637 13.58 38.12 -33.66
N GLU B 638 13.71 39.01 -32.68
CA GLU B 638 12.55 39.63 -32.05
C GLU B 638 12.81 41.12 -31.85
N ILE B 639 11.73 41.89 -31.80
CA ILE B 639 11.78 43.29 -31.41
C ILE B 639 11.32 43.40 -29.95
N ILE B 640 12.13 44.04 -29.12
CA ILE B 640 11.79 44.21 -27.72
C ILE B 640 10.94 45.47 -27.55
N ILE B 641 9.91 45.38 -26.72
CA ILE B 641 9.06 46.50 -26.34
C ILE B 641 9.03 46.60 -24.82
N LYS B 642 9.47 47.72 -24.27
CA LYS B 642 9.30 48.03 -22.85
C LYS B 642 8.39 49.24 -22.71
N VAL B 643 7.96 49.50 -21.48
CA VAL B 643 7.25 50.74 -21.15
C VAL B 643 7.90 51.35 -19.91
N ARG B 644 8.07 52.69 -19.94
CA ARG B 644 8.58 53.47 -18.81
C ARG B 644 7.46 54.36 -18.28
N GLY B 645 7.31 54.40 -16.96
CA GLY B 645 6.32 55.27 -16.36
C GLY B 645 4.97 54.62 -16.17
N THR B 646 4.10 55.33 -15.47
CA THR B 646 2.80 54.79 -15.10
C THR B 646 1.88 54.70 -16.32
N GLN B 647 1.03 53.66 -16.33
CA GLN B 647 0.13 53.37 -17.44
C GLN B 647 -1.34 53.53 -17.05
N VAL B 648 -1.74 54.75 -16.68
CA VAL B 648 -3.14 55.07 -16.42
C VAL B 648 -3.72 55.82 -17.61
N VAL B 649 -5.01 55.59 -17.86
CA VAL B 649 -5.74 56.10 -19.04
C VAL B 649 -6.60 57.34 -18.76
N GLY B 650 -6.02 58.54 -18.80
CA GLY B 650 -4.72 58.71 -19.40
C GLY B 650 -3.83 59.90 -19.12
N SER B 651 -2.62 59.57 -18.70
CA SER B 651 -1.47 60.44 -18.69
C SER B 651 -0.58 59.93 -19.81
N ASP B 652 0.68 60.35 -19.84
CA ASP B 652 1.58 59.91 -20.89
C ASP B 652 2.46 58.78 -20.36
N MET B 653 2.73 57.79 -21.21
CA MET B 653 3.68 56.73 -20.91
C MET B 653 4.66 56.59 -22.07
N THR B 654 5.85 56.12 -21.74
CA THR B 654 6.96 56.08 -22.69
C THR B 654 7.19 54.64 -23.14
N VAL B 655 6.97 54.37 -24.43
CA VAL B 655 7.16 53.06 -25.02
C VAL B 655 8.52 53.04 -25.70
N ILE B 656 9.28 52.00 -25.43
CA ILE B 656 10.64 51.85 -25.92
C ILE B 656 10.68 50.63 -26.82
N VAL B 657 10.92 50.86 -28.11
CA VAL B 657 11.04 49.77 -29.09
C VAL B 657 12.51 49.57 -29.40
N GLU B 658 12.97 48.33 -29.28
CA GLU B 658 14.39 48.05 -29.31
C GLU B 658 14.63 46.90 -30.29
N PHE B 659 15.55 47.10 -31.24
CA PHE B 659 15.86 46.09 -32.24
C PHE B 659 17.35 45.97 -32.45
N THR B 660 17.84 44.72 -32.47
CA THR B 660 19.24 44.40 -32.66
C THR B 660 19.42 43.63 -33.95
N ASN B 661 20.34 44.09 -34.80
CA ASN B 661 20.63 43.42 -36.06
C ASN B 661 21.16 42.02 -35.80
N PRO B 662 20.45 40.97 -36.20
CA PRO B 662 20.93 39.60 -35.98
C PRO B 662 21.77 39.04 -37.12
N LEU B 663 22.20 39.86 -38.05
CA LEU B 663 22.88 39.37 -39.24
C LEU B 663 24.34 39.79 -39.25
N LYS B 664 25.17 38.99 -39.90
CA LYS B 664 26.56 39.41 -40.11
C LYS B 664 26.69 40.48 -41.18
N GLU B 665 25.62 40.81 -41.88
CA GLU B 665 25.61 41.89 -42.85
C GLU B 665 24.99 43.14 -42.21
N THR B 666 25.17 44.27 -42.88
CA THR B 666 24.59 45.53 -42.45
C THR B 666 23.17 45.68 -42.98
N LEU B 667 22.23 45.99 -42.08
CA LEU B 667 20.85 46.29 -42.49
C LEU B 667 20.72 47.74 -42.94
N ARG B 668 19.89 47.95 -43.95
CA ARG B 668 19.69 49.26 -44.56
C ARG B 668 18.20 49.54 -44.74
N ASN B 669 17.86 50.83 -44.74
CA ASN B 669 16.49 51.33 -44.77
C ASN B 669 15.57 50.48 -43.87
N VAL B 670 15.94 50.43 -42.60
CA VAL B 670 15.17 49.69 -41.61
C VAL B 670 13.98 50.53 -41.16
N TRP B 671 12.79 49.92 -41.19
CA TRP B 671 11.55 50.54 -40.75
C TRP B 671 10.95 49.73 -39.61
N VAL B 672 10.80 50.36 -38.46
CA VAL B 672 10.12 49.76 -37.33
C VAL B 672 8.73 50.39 -37.20
N HIS B 673 7.71 49.54 -37.08
CA HIS B 673 6.33 49.96 -36.87
C HIS B 673 5.90 49.60 -35.45
N LEU B 674 4.88 50.32 -34.99
CA LEU B 674 4.33 50.10 -33.66
C LEU B 674 2.85 50.43 -33.72
N ASP B 675 2.02 49.43 -33.43
CA ASP B 675 0.58 49.58 -33.32
C ASP B 675 0.16 49.11 -31.94
N GLY B 676 -0.90 49.71 -31.43
CA GLY B 676 -1.43 49.32 -30.15
C GLY B 676 -2.77 49.97 -29.90
N PRO B 677 -3.84 49.33 -30.37
CA PRO B 677 -5.17 49.94 -30.25
C PRO B 677 -5.47 50.35 -28.82
N GLY B 678 -6.05 51.53 -28.64
CA GLY B 678 -6.30 52.09 -27.34
C GLY B 678 -5.12 52.77 -26.70
N VAL B 679 -3.90 52.44 -27.14
CA VAL B 679 -2.69 53.00 -26.56
C VAL B 679 -2.03 53.99 -27.51
N THR B 680 -1.98 53.65 -28.80
CA THR B 680 -1.39 54.54 -29.81
C THR B 680 -1.92 54.17 -31.20
N ARG B 681 -2.14 55.20 -32.01
CA ARG B 681 -2.29 55.01 -33.45
C ARG B 681 -0.98 54.46 -34.02
N PRO B 682 -1.03 53.81 -35.18
CA PRO B 682 0.19 53.23 -35.75
C PRO B 682 1.24 54.30 -36.00
N MET B 683 2.50 53.92 -35.82
CA MET B 683 3.64 54.81 -35.94
C MET B 683 4.80 54.05 -36.53
N LYS B 684 5.79 54.78 -37.06
CA LYS B 684 6.93 54.14 -37.69
C LYS B 684 8.14 55.06 -37.63
N LYS B 685 9.30 54.47 -37.36
CA LYS B 685 10.58 55.16 -37.40
C LYS B 685 11.48 54.47 -38.43
N MET B 686 12.23 55.29 -39.18
CA MET B 686 13.20 54.78 -40.12
C MET B 686 14.59 54.91 -39.53
N PHE B 687 15.42 53.89 -39.77
CA PHE B 687 16.84 53.93 -39.44
C PHE B 687 17.57 53.53 -40.72
N ARG B 688 18.47 54.39 -41.19
CA ARG B 688 19.07 54.16 -42.50
C ARG B 688 20.03 52.97 -42.47
N GLU B 689 20.72 52.73 -41.37
CA GLU B 689 21.62 51.59 -41.33
C GLU B 689 21.76 51.12 -39.89
N ILE B 690 21.81 49.80 -39.72
CA ILE B 690 22.17 49.19 -38.45
C ILE B 690 23.31 48.22 -38.74
N ARG B 691 24.49 48.50 -38.19
CA ARG B 691 25.65 47.66 -38.41
C ARG B 691 25.41 46.27 -37.83
N PRO B 692 26.23 45.28 -38.20
CA PRO B 692 26.06 43.93 -37.63
C PRO B 692 26.07 43.95 -36.10
N ASN B 693 25.13 43.19 -35.51
CA ASN B 693 24.96 43.06 -34.06
C ASN B 693 24.80 44.41 -33.34
N SER B 694 24.35 45.46 -34.03
CA SER B 694 24.08 46.74 -33.39
C SER B 694 22.60 46.83 -33.03
N THR B 695 22.29 47.78 -32.16
CA THR B 695 20.96 47.90 -31.56
C THR B 695 20.51 49.35 -31.63
N VAL B 696 19.28 49.57 -32.06
CA VAL B 696 18.72 50.92 -32.08
C VAL B 696 17.53 50.96 -31.14
N GLN B 697 17.27 52.15 -30.61
CA GLN B 697 16.17 52.38 -29.69
C GLN B 697 15.29 53.51 -30.19
N TRP B 698 13.98 53.35 -30.01
CA TRP B 698 12.98 54.28 -30.47
C TRP B 698 12.02 54.50 -29.31
N GLU B 699 12.02 55.72 -28.78
CA GLU B 699 11.13 56.14 -27.69
C GLU B 699 9.97 56.92 -28.29
N GLU B 700 8.78 56.65 -27.80
CA GLU B 700 7.61 57.33 -28.34
C GLU B 700 6.58 57.46 -27.25
N VAL B 701 6.22 58.69 -26.93
CA VAL B 701 5.26 58.97 -25.87
C VAL B 701 3.85 58.80 -26.41
N CYS B 702 2.92 58.42 -25.53
CA CYS B 702 1.52 58.44 -25.89
C CYS B 702 0.69 58.50 -24.63
N ARG B 703 -0.49 59.08 -24.77
CA ARG B 703 -1.51 59.08 -23.73
C ARG B 703 -2.49 57.97 -24.04
N PRO B 704 -2.38 56.81 -23.39
CA PRO B 704 -3.36 55.75 -23.64
C PRO B 704 -4.75 56.22 -23.28
N TRP B 705 -5.73 55.78 -24.08
CA TRP B 705 -7.10 56.20 -23.87
C TRP B 705 -8.06 55.02 -23.71
N VAL B 706 -7.55 53.85 -23.33
CA VAL B 706 -8.39 52.70 -23.00
C VAL B 706 -7.72 51.93 -21.86
N SER B 707 -8.50 51.68 -20.79
CA SER B 707 -8.04 50.85 -19.68
C SER B 707 -8.22 49.38 -20.01
N GLY B 708 -7.40 48.54 -19.40
CA GLY B 708 -7.53 47.10 -19.56
C GLY B 708 -6.23 46.46 -19.99
N HIS B 709 -6.34 45.19 -20.40
CA HIS B 709 -5.19 44.37 -20.79
C HIS B 709 -4.96 44.54 -22.29
N ARG B 710 -4.23 45.60 -22.63
CA ARG B 710 -3.98 46.00 -24.01
C ARG B 710 -2.75 45.31 -24.59
N LYS B 711 -2.45 45.63 -25.85
CA LYS B 711 -1.35 44.97 -26.53
C LYS B 711 -0.65 45.96 -27.46
N LEU B 712 0.67 45.95 -27.40
CA LEU B 712 1.52 46.64 -28.35
C LEU B 712 2.13 45.59 -29.26
N ILE B 713 2.19 45.91 -30.56
CA ILE B 713 2.70 45.00 -31.58
C ILE B 713 3.72 45.77 -32.42
N ALA B 714 4.86 45.15 -32.70
CA ALA B 714 5.91 45.78 -33.49
C ALA B 714 6.25 44.96 -34.73
N SER B 715 6.68 45.64 -35.79
CA SER B 715 7.15 44.96 -36.99
C SER B 715 8.31 45.73 -37.58
N MET B 716 9.20 45.00 -38.25
CA MET B 716 10.35 45.62 -38.89
C MET B 716 10.50 45.13 -40.32
N SER B 717 10.99 46.02 -41.17
CA SER B 717 11.42 45.63 -42.50
C SER B 717 12.59 46.50 -42.91
N SER B 718 13.49 45.91 -43.69
CA SER B 718 14.69 46.56 -44.19
C SER B 718 14.86 46.17 -45.65
N ASP B 719 15.98 46.58 -46.25
CA ASP B 719 16.26 46.18 -47.63
C ASP B 719 16.38 44.66 -47.75
N SER B 720 16.86 43.98 -46.71
CA SER B 720 17.06 42.53 -46.79
C SER B 720 16.19 41.79 -45.78
N LEU B 721 16.48 41.90 -44.49
CA LEU B 721 15.67 41.26 -43.46
C LEU B 721 14.32 41.94 -43.27
N ARG B 722 13.25 41.13 -43.24
CA ARG B 722 11.92 41.64 -42.95
C ARG B 722 11.09 40.54 -42.27
N HIS B 723 9.88 40.93 -41.87
CA HIS B 723 8.94 40.07 -41.18
C HIS B 723 9.52 39.58 -39.85
N VAL B 724 10.11 40.50 -39.10
CA VAL B 724 10.48 40.26 -37.71
C VAL B 724 9.58 41.13 -36.83
N TYR B 725 9.14 40.58 -35.69
CA TYR B 725 8.07 41.21 -34.90
C TYR B 725 8.38 41.23 -33.41
N GLY B 726 7.61 42.05 -32.69
CA GLY B 726 7.62 42.06 -31.24
C GLY B 726 6.23 42.32 -30.69
N GLU B 727 6.02 41.94 -29.43
CA GLU B 727 4.72 42.14 -28.78
C GLU B 727 4.87 42.38 -27.28
N LEU B 728 3.90 43.09 -26.71
CA LEU B 728 3.87 43.31 -25.27
C LEU B 728 2.44 43.56 -24.83
N ASP B 729 1.99 42.82 -23.82
CA ASP B 729 0.74 43.12 -23.12
C ASP B 729 0.99 44.19 -22.06
N VAL B 730 0.06 45.12 -21.95
CA VAL B 730 0.15 46.21 -20.97
C VAL B 730 -1.23 46.37 -20.34
N GLN B 731 -1.25 46.50 -19.01
CA GLN B 731 -2.48 46.83 -18.32
C GLN B 731 -2.55 48.35 -18.18
N ILE B 732 -3.75 48.89 -18.30
CA ILE B 732 -3.91 50.35 -18.25
C ILE B 732 -4.88 50.76 -17.16
O11 7NF C 1 -16.53 -36.29 13.49
C47 7NF C 1 -16.72 -35.66 14.52
C48 7NF C 1 -18.07 -35.11 14.83
N9 7NF C 1 -18.23 -34.11 15.79
C50 7NF C 1 -19.49 -33.75 15.85
C51 7NF C 1 -19.67 -32.62 16.80
O10 7NF C 1 -20.69 -32.44 17.43
O9 7NF C 1 -18.62 -31.80 16.83
C52 7NF C 1 -18.59 -30.82 17.91
C53 7NF C 1 -19.16 -29.63 17.52
S 7NF C 1 -20.55 -34.60 14.78
C49 7NF C 1 -19.20 -35.49 14.19
C 1TX C 2 -14.29 -37.37 14.66
C21 1TX C 2 -13.62 -35.89 16.60
C22 1TX C 2 -13.40 -34.44 17.08
C24 1TX C 2 -11.04 -34.67 18.04
C26 1TX C 2 -8.85 -37.11 19.73
O 1TX C 2 -14.81 -38.34 15.21
CA 1TX C 2 -14.40 -35.97 15.28
N 1TX C 2 -15.76 -35.46 15.44
C23 1TX C 2 -12.49 -34.25 18.31
C25 1TX C 2 -10.61 -35.70 19.03
O13 1TX C 2 -11.29 -36.14 19.90
O14 1TX C 2 -9.33 -36.05 18.86
N LEU C 3 -13.60 -37.45 13.52
CA LEU C 3 -13.38 -38.71 12.80
C LEU C 3 -11.94 -38.85 12.36
N ILE C 4 -11.42 -40.08 12.38
CA ILE C 4 -10.14 -40.26 11.72
C ILE C 4 -10.28 -40.34 10.21
N LEU C 5 -9.53 -39.51 9.50
CA LEU C 5 -9.60 -39.46 8.05
C LEU C 5 -8.51 -40.39 7.49
N PRO C 6 -8.83 -41.13 6.42
CA PRO C 6 -7.86 -42.04 5.81
C PRO C 6 -6.81 -41.25 5.05
N TRP C 7 -5.56 -41.69 5.15
CA TRP C 7 -4.47 -41.09 4.41
C TRP C 7 -4.80 -41.10 2.91
N PRO C 8 -4.64 -39.97 2.21
CA PRO C 8 -4.86 -39.95 0.76
C PRO C 8 -3.69 -40.55 -0.02
O11 7NF D 1 -14.86 -8.20 -47.00
C47 7NF D 1 -15.01 -7.57 -45.96
C48 7NF D 1 -16.34 -7.03 -45.58
N9 7NF D 1 -16.47 -6.02 -44.63
C50 7NF D 1 -17.73 -5.67 -44.50
C51 7NF D 1 -17.84 -4.50 -43.60
O10 7NF D 1 -16.70 -3.80 -43.50
O9 7NF D 1 -18.87 -4.18 -43.04
S 7NF D 1 -18.84 -6.59 -45.47
C49 7NF D 1 -17.51 -7.46 -46.13
C 1TX D 2 -12.55 -9.17 -45.97
C21 1TX D 2 -11.82 -7.78 -44.00
C22 1TX D 2 -11.83 -6.42 -43.31
C24 1TX D 2 -9.44 -6.10 -42.59
C26 1TX D 2 -7.24 -8.50 -40.90
O 1TX D 2 -13.14 -10.13 -45.51
CA 1TX D 2 -12.64 -7.79 -45.30
N 1TX D 2 -14.01 -7.32 -45.09
C23 1TX D 2 -10.86 -6.25 -42.12
C25 1TX D 2 -8.63 -7.34 -42.38
O13 1TX D 2 -8.30 -8.07 -43.25
O14 1TX D 2 -8.27 -7.51 -41.12
N LEU D 3 -11.78 -9.24 -47.07
CA LEU D 3 -11.53 -10.51 -47.75
C LEU D 3 -10.13 -10.56 -48.33
N ILE D 4 -9.52 -11.75 -48.38
CA ILE D 4 -8.27 -11.94 -49.09
C ILE D 4 -8.50 -11.88 -50.60
N LEU D 5 -7.47 -11.49 -51.34
CA LEU D 5 -7.60 -11.20 -52.77
C LEU D 5 -6.51 -11.94 -53.53
N PRO D 6 -6.87 -12.62 -54.65
CA PRO D 6 -5.87 -13.35 -55.44
C PRO D 6 -4.95 -12.40 -56.22
N TRP D 7 -3.67 -12.77 -56.29
CA TRP D 7 -2.68 -11.96 -56.97
C TRP D 7 -3.00 -11.89 -58.48
N PRO D 8 -2.49 -10.90 -59.22
CA PRO D 8 -2.65 -10.90 -60.68
CA CA E . -5.72 -36.59 33.38
CA CA F . 5.31 -39.52 12.87
CA CA G . 2.35 -27.16 5.48
S SO4 H . 5.34 -19.86 41.36
O1 SO4 H . 6.36 -19.18 42.17
O2 SO4 H . 4.91 -21.08 42.06
O3 SO4 H . 4.21 -18.95 41.22
O4 SO4 H . 5.88 -20.29 40.07
S SO4 I . -21.90 -6.85 53.60
O1 SO4 I . -21.23 -5.60 53.94
O2 SO4 I . -22.82 -7.23 54.67
O3 SO4 I . -22.62 -6.66 52.33
O4 SO4 I . -20.91 -7.92 53.50
C1 GOL J . -2.25 -6.63 26.69
O1 GOL J . -2.74 -7.17 25.48
C2 GOL J . -0.76 -6.88 26.89
O2 GOL J . -0.61 -8.03 27.67
C3 GOL J . -0.14 -5.73 27.68
O3 GOL J . 1.17 -6.06 28.08
C1 GOL K . -20.09 1.60 50.56
O1 GOL K . -21.34 1.12 51.00
C2 GOL K . -19.70 0.92 49.25
O2 GOL K . -20.28 1.62 48.17
C3 GOL K . -18.18 0.90 49.15
O3 GOL K . -17.76 0.04 48.11
CA CA L . -4.26 -9.64 -27.21
CA CA M . 7.46 -11.32 -47.90
CA CA N . 4.21 1.65 -54.54
S SO4 O . -20.54 18.50 -5.23
O1 SO4 O . -19.86 19.66 -4.68
O2 SO4 O . -21.70 18.23 -4.37
O3 SO4 O . -20.97 18.81 -6.59
O4 SO4 O . -19.64 17.33 -5.22
S SO4 P . 21.38 55.99 -47.73
O1 SO4 P . 22.41 57.03 -47.62
O2 SO4 P . 20.82 55.69 -46.41
O3 SO4 P . 20.28 56.46 -48.58
O4 SO4 P . 22.06 54.79 -48.24
S SO4 Q . 6.87 6.44 -18.39
O1 SO4 Q . 8.05 7.12 -17.86
O2 SO4 Q . 6.51 5.31 -17.53
O3 SO4 Q . 5.76 7.39 -18.42
O4 SO4 Q . 7.18 5.92 -19.71
C1 GOL R . 0.19 20.95 -32.55
O1 GOL R . -0.97 20.16 -32.48
C2 GOL R . 1.30 20.29 -31.75
O2 GOL R . 0.74 19.23 -31.00
C3 GOL R . 1.96 21.27 -30.81
O3 GOL R . 3.12 20.64 -30.31
#